data_6FQM
#
_entry.id   6FQM
#
_cell.length_a   88.340
_cell.length_b   171.710
_cell.length_c   124.870
_cell.angle_alpha   90.00
_cell.angle_beta   102.86
_cell.angle_gamma   90.00
#
_symmetry.space_group_name_H-M   'P 1 21 1'
#
loop_
_entity.id
_entity.type
_entity.pdbx_description
1 polymer 'DNA gyrase subunit B'
2 polymer 'DNA gyrase subunit A'
3 polymer 'DNA gyrase subunit B'
4 polymer "DNA (5'-D(*GP*AP*GP*AP*GP*TP*AP*T*GP*GP*CP*CP*AP*TP*AP*CP*TP*CP*T)-3')"
5 non-polymer 'MANGANESE (II) ION'
6 non-polymer 'SULFATE ION'
7 non-polymer 7-[(3~{S})-3-azanylpyrrolidin-1-yl]-5-cyclopropyl-8-fluoranyl-imidazo[1,2-a]quinoxalin-4-one
8 non-polymer GLYCEROL
9 water water
#
loop_
_entity_poly.entity_id
_entity_poly.type
_entity_poly.pdbx_seq_one_letter_code
_entity_poly.pdbx_strand_id
1 'polypeptide(L)'
;DVASLPGKLADCSSKSPEECEIFLVEGDSAGGSTKSGRDSRTQAILPLRGKILNVEKARLDRILNNNEIRQMITAFGTGI
GGDFDLAKARYHKIVIMTDADVDGAHIRTLLLTFFYRFMRPLIEAGYVYIAQPPTGYKGLGEMNADQLWETTMNPEHRAL
LQVKLEDAIEADQTFEMLMGDVVENRRQFIEDNAVYANLDF
;
B,b,d
2 'polypeptide(L)'
;AELPQSRINERNITSEMRESFLDYAMSVIVARALPDVRDGLKPVHRRILYGLNEQGMTPDKSYKKSARIVGDVMGKYHPH
GDSSIYEAMVRMAQDFSYRYPLVDGQGNFGSMDGDGAAAMR(PTR)TEARMTKITLELLRDINKDTIDFIDNYDGNEREP
SVLPARFPNLLANGASGIAVGMATNIPPHNLTELINGVLSLSKNPDISIAELMEDIEGPDFPTAGLILGKSGIRRAYETG
RGSIQMRSRAVIEERGGGRQRIVVTEIPFQVNKARMIEKIAELVRDKKIDGITDLRDETSLRTGVRVVIDVRKDANASVI
LNNLYKQTPLQTSFGVNMIALVNGRPKLINLKEALVHYLEHQKTVVRRRTQYNLRKAKDRAHILEGLRIALDHIDEIIST
IRESDTDKVAMESLQQRFKLSEKQAQAILDMRLRRLTGLERDKIEAEYNELLNYISELETILADEEVLLQLVRDELTEIR
DRFGDDRRTEIQLG
;
A,C,a,c
3 'polypeptide(L)'
;MDVASLPGKLADCSSKSPEECEIFLVEGDSAGGSTKSGRDSRTQAILPLRGKILNVEKARLDRILNNNEIRQMITAFGTG
IGGDFDLAKARYHKIVIMTDADVDGAHIRTLLLTFFYRFMRPLIEAGYVYIAQPPTGYKGLGEMNADQLWETTMNPEHRA
LLQVKLEDAIEADQTFEMLMGDVVENRRQFIEDNAVYANLDF
;
D
4 'polydeoxyribonucleotide' (DG)(DA)(DG)(DA)(DG)(DT)(DA)(DT)(DG)(DG)(DC)(DC)(DA)(DT)(DA)(DC)(DT)(DC)(DT)(DT) E,F,e,f
#
# COMPACT_ATOMS: atom_id res chain seq x y z
N ASP A 11 8.36 26.07 -51.06
CA ASP A 11 8.77 27.33 -51.72
C ASP A 11 10.12 27.23 -52.43
N CYS A 12 10.30 28.10 -53.43
CA CYS A 12 11.43 28.12 -54.39
C CYS A 12 12.35 29.35 -54.27
N SER A 13 13.64 29.19 -54.57
CA SER A 13 14.56 30.34 -54.55
C SER A 13 14.33 31.31 -55.74
N LYS A 15 13.94 33.08 -61.82
CA LYS A 15 12.66 33.76 -61.97
C LYS A 15 11.68 33.04 -62.91
N SER A 16 12.17 32.48 -64.01
CA SER A 16 11.37 31.75 -64.98
C SER A 16 10.73 30.49 -64.41
N PRO A 17 9.42 30.29 -64.71
CA PRO A 17 8.73 29.03 -64.40
C PRO A 17 9.30 27.84 -65.18
N GLU A 18 9.85 28.08 -66.37
CA GLU A 18 10.45 27.04 -67.19
C GLU A 18 11.50 26.24 -66.44
N GLU A 19 12.44 26.95 -65.77
CA GLU A 19 13.46 26.31 -64.96
C GLU A 19 12.90 25.79 -63.63
N CYS A 20 11.80 26.38 -63.19
CA CYS A 20 11.17 26.06 -61.91
C CYS A 20 10.44 24.70 -61.89
N GLU A 21 10.78 23.84 -60.90
CA GLU A 21 10.06 22.59 -60.72
C GLU A 21 9.61 22.42 -59.27
N ILE A 22 8.39 21.95 -59.08
CA ILE A 22 7.81 21.73 -57.74
C ILE A 22 7.54 20.23 -57.48
N PHE A 23 7.82 19.81 -56.25
CA PHE A 23 7.65 18.42 -55.82
C PHE A 23 6.56 18.31 -54.76
N LEU A 24 5.57 17.48 -55.04
CA LEU A 24 4.57 17.11 -54.05
C LEU A 24 5.06 15.86 -53.39
N VAL A 25 5.19 15.90 -52.07
CA VAL A 25 5.76 14.75 -51.34
C VAL A 25 4.81 14.25 -50.25
N GLU A 26 4.71 12.94 -50.14
CA GLU A 26 3.91 12.34 -49.09
C GLU A 26 4.70 12.25 -47.79
N GLY A 27 5.16 13.43 -47.32
CA GLY A 27 6.05 13.56 -46.18
C GLY A 27 7.54 13.34 -46.50
N ASP A 28 7.86 12.08 -46.78
CA ASP A 28 9.23 11.65 -47.04
C ASP A 28 9.73 12.11 -48.39
N SER A 36 17.02 17.09 -48.22
CA SER A 36 18.26 16.33 -48.36
C SER A 36 19.25 17.05 -49.27
N GLY A 37 18.97 17.01 -50.57
CA GLY A 37 19.88 17.57 -51.57
C GLY A 37 19.12 18.02 -52.79
N ARG A 38 18.68 19.27 -52.78
CA ARG A 38 17.90 19.83 -53.90
C ARG A 38 18.73 19.90 -55.19
N ARG A 41 18.29 25.86 -57.43
CA ARG A 41 17.61 26.99 -56.84
C ARG A 41 16.11 27.00 -57.12
N THR A 42 15.70 26.63 -58.34
CA THR A 42 14.28 26.69 -58.68
C THR A 42 13.44 25.65 -57.92
N GLN A 43 14.02 24.50 -57.62
CA GLN A 43 13.27 23.42 -56.98
C GLN A 43 12.45 23.81 -55.73
N ALA A 44 11.16 23.45 -55.77
CA ALA A 44 10.22 23.77 -54.68
C ALA A 44 9.65 22.51 -54.06
N ILE A 45 9.33 22.56 -52.76
CA ILE A 45 8.75 21.42 -52.06
C ILE A 45 7.45 21.76 -51.34
N LEU A 46 6.39 20.98 -51.61
CA LEU A 46 5.14 21.05 -50.89
C LEU A 46 4.74 19.67 -50.32
N PRO A 47 4.88 19.51 -48.99
CA PRO A 47 4.54 18.26 -48.36
C PRO A 47 3.05 18.10 -48.07
N LEU A 48 2.53 16.91 -48.35
CA LEU A 48 1.12 16.65 -48.16
C LEU A 48 0.91 15.62 -47.08
N ARG A 49 0.55 16.06 -45.89
CA ARG A 49 0.35 15.17 -44.77
C ARG A 49 -1.04 14.62 -44.78
N GLY A 50 -1.18 13.30 -44.76
CA GLY A 50 -2.48 12.65 -44.72
C GLY A 50 -3.01 12.34 -46.10
N LYS A 51 -4.18 11.68 -46.14
CA LYS A 51 -4.80 11.33 -47.39
C LYS A 51 -5.55 12.53 -47.96
N ILE A 52 -5.38 12.78 -49.25
CA ILE A 52 -5.95 13.87 -50.02
C ILE A 52 -7.43 13.61 -50.24
N LEU A 53 -8.20 14.67 -50.33
CA LEU A 53 -9.65 14.53 -50.53
C LEU A 53 -9.98 13.96 -51.91
N ASN A 54 -10.98 13.09 -51.98
CA ASN A 54 -11.43 12.61 -53.29
C ASN A 54 -12.38 13.62 -53.92
N VAL A 55 -11.88 14.38 -54.88
CA VAL A 55 -12.70 15.45 -55.47
C VAL A 55 -13.84 14.95 -56.33
N GLU A 56 -13.71 13.73 -56.84
CA GLU A 56 -14.77 13.09 -57.63
C GLU A 56 -16.02 12.81 -56.78
N LYS A 57 -15.83 12.57 -55.48
CA LYS A 57 -16.92 12.30 -54.58
C LYS A 57 -17.46 13.58 -53.90
N ALA A 58 -16.61 14.60 -53.76
CA ALA A 58 -16.97 15.81 -52.99
C ALA A 58 -17.53 16.94 -53.86
N ARG A 59 -18.41 17.77 -53.27
CA ARG A 59 -18.97 18.99 -53.88
C ARG A 59 -18.03 20.16 -53.66
N LEU A 60 -18.23 21.24 -54.42
CA LEU A 60 -17.29 22.39 -54.42
C LEU A 60 -16.97 23.05 -53.04
N ASP A 61 -17.96 23.23 -52.18
CA ASP A 61 -17.70 23.87 -50.91
C ASP A 61 -16.75 23.11 -50.03
N ARG A 62 -16.86 21.79 -50.04
CA ARG A 62 -15.97 20.89 -49.27
C ARG A 62 -14.58 20.94 -49.88
N ILE A 63 -14.49 20.87 -51.20
CA ILE A 63 -13.24 20.89 -51.90
C ILE A 63 -12.41 22.09 -51.54
N LEU A 64 -13.03 23.27 -51.63
CA LEU A 64 -12.34 24.52 -51.41
C LEU A 64 -12.00 24.74 -49.97
N ASN A 65 -12.65 24.04 -49.07
CA ASN A 65 -12.32 24.15 -47.68
C ASN A 65 -11.16 23.26 -47.26
N ASN A 66 -10.81 22.23 -48.06
CA ASN A 66 -9.66 21.40 -47.79
C ASN A 66 -8.35 22.17 -47.78
N ASN A 67 -7.64 22.13 -46.65
CA ASN A 67 -6.39 22.85 -46.51
C ASN A 67 -5.31 22.41 -47.48
N GLU A 68 -5.21 21.11 -47.71
CA GLU A 68 -4.22 20.59 -48.64
C GLU A 68 -4.55 20.99 -50.06
N ILE A 69 -5.84 21.03 -50.42
CA ILE A 69 -6.27 21.47 -51.74
C ILE A 69 -5.99 22.94 -51.93
N ARG A 70 -6.30 23.73 -50.91
CA ARG A 70 -6.07 25.17 -50.94
C ARG A 70 -4.57 25.51 -51.11
N GLN A 71 -3.70 24.75 -50.44
CA GLN A 71 -2.27 24.93 -50.53
C GLN A 71 -1.78 24.69 -51.95
N MET A 72 -2.33 23.67 -52.60
CA MET A 72 -1.93 23.35 -53.95
C MET A 72 -2.39 24.40 -54.95
N ILE A 73 -3.62 24.88 -54.82
CA ILE A 73 -4.17 25.90 -55.72
C ILE A 73 -3.29 27.14 -55.65
N THR A 74 -3.03 27.57 -54.43
CA THR A 74 -2.20 28.75 -54.18
C THR A 74 -0.80 28.59 -54.76
N ALA A 75 -0.22 27.39 -54.60
CA ALA A 75 1.12 27.10 -55.09
C ALA A 75 1.24 27.31 -56.59
N PHE A 76 0.25 26.83 -57.34
CA PHE A 76 0.28 26.94 -58.78
C PHE A 76 -0.20 28.33 -59.20
N GLY A 77 -1.19 28.87 -58.47
CA GLY A 77 -1.73 30.20 -58.72
C GLY A 77 -2.26 30.44 -60.13
N THR A 78 -2.94 29.45 -60.63
CA THR A 78 -3.56 29.51 -61.95
C THR A 78 -5.08 29.62 -61.83
N GLY A 79 -5.62 29.29 -60.66
CA GLY A 79 -7.06 29.27 -60.40
C GLY A 79 -7.63 27.92 -60.74
N ILE A 80 -8.93 27.76 -60.55
CA ILE A 80 -9.55 26.47 -60.93
C ILE A 80 -10.75 26.67 -61.85
N GLY A 81 -11.13 25.58 -62.52
CA GLY A 81 -12.35 25.52 -63.31
C GLY A 81 -12.36 26.57 -64.40
N GLY A 82 -13.38 27.44 -64.39
CA GLY A 82 -13.55 28.50 -65.39
C GLY A 82 -12.43 29.52 -65.41
N ASP A 83 -11.98 29.87 -64.20
CA ASP A 83 -10.97 30.91 -64.03
C ASP A 83 -9.55 30.44 -64.23
N PHE A 84 -9.39 29.15 -64.53
CA PHE A 84 -8.10 28.55 -64.79
C PHE A 84 -7.34 29.21 -65.94
N ASP A 85 -6.07 29.55 -65.69
CA ASP A 85 -5.24 30.16 -66.74
C ASP A 85 -3.89 29.48 -66.84
N LEU A 86 -3.59 28.95 -68.02
CA LEU A 86 -2.31 28.28 -68.26
C LEU A 86 -1.13 29.23 -68.12
N ALA A 87 -1.30 30.47 -68.58
CA ALA A 87 -0.26 31.51 -68.47
C ALA A 87 0.14 31.80 -67.02
N LYS A 88 -0.84 31.80 -66.12
CA LYS A 88 -0.60 32.06 -64.71
C LYS A 88 0.30 31.05 -63.99
N ALA A 89 0.49 29.85 -64.53
CA ALA A 89 1.33 28.82 -63.93
C ALA A 89 2.69 29.20 -63.32
N ARG A 90 2.78 29.00 -62.00
CA ARG A 90 4.02 29.34 -61.26
C ARG A 90 5.20 28.40 -61.58
N TYR A 91 4.89 27.13 -61.86
CA TYR A 91 5.92 26.12 -62.15
C TYR A 91 5.62 25.36 -63.46
N HIS A 92 6.64 25.14 -64.26
CA HIS A 92 6.44 24.45 -65.56
C HIS A 92 6.47 22.93 -65.36
N LYS A 93 7.03 22.47 -64.24
CA LYS A 93 7.12 21.04 -63.91
C LYS A 93 6.52 20.72 -62.54
N ILE A 94 5.51 19.85 -62.51
CA ILE A 94 4.87 19.42 -61.25
C ILE A 94 5.13 17.94 -61.11
N VAL A 95 5.79 17.55 -60.04
CA VAL A 95 6.15 16.13 -59.84
C VAL A 95 5.43 15.54 -58.63
N ILE A 96 4.71 14.45 -58.86
CA ILE A 96 4.06 13.70 -57.79
C ILE A 96 5.05 12.69 -57.25
N MET A 97 5.61 12.95 -56.09
CA MET A 97 6.58 12.03 -55.51
C MET A 97 5.97 11.46 -54.26
N THR A 98 5.50 10.23 -54.36
CA THR A 98 4.87 9.57 -53.22
C THR A 98 5.66 8.32 -52.85
N ASP A 99 5.37 7.73 -51.69
CA ASP A 99 6.07 6.53 -51.22
C ASP A 99 5.91 5.38 -52.18
N ALA A 100 6.92 4.50 -52.20
CA ALA A 100 6.92 3.34 -53.07
C ALA A 100 5.99 2.18 -52.61
N ASP A 101 4.97 2.46 -51.82
CA ASP A 101 4.07 1.43 -51.31
C ASP A 101 2.65 1.59 -51.87
N VAL A 102 1.73 0.76 -51.35
CA VAL A 102 0.35 0.73 -51.77
C VAL A 102 -0.40 2.03 -51.50
N ASP A 103 -0.05 2.69 -50.39
CA ASP A 103 -0.70 3.94 -50.02
C ASP A 103 -0.18 5.07 -50.86
N GLY A 104 1.10 4.98 -51.22
CA GLY A 104 1.67 5.90 -52.20
C GLY A 104 0.88 5.93 -53.52
N ALA A 105 0.52 4.72 -53.96
CA ALA A 105 -0.28 4.56 -55.15
C ALA A 105 -1.64 5.21 -54.98
N HIS A 106 -2.26 5.00 -53.83
CA HIS A 106 -3.59 5.55 -53.57
C HIS A 106 -3.56 7.06 -53.56
N ILE A 107 -2.56 7.64 -52.93
CA ILE A 107 -2.38 9.10 -52.92
C ILE A 107 -2.14 9.59 -54.35
N ARG A 108 -1.38 8.82 -55.12
CA ARG A 108 -1.14 9.15 -56.51
C ARG A 108 -2.44 9.24 -57.29
N THR A 109 -3.34 8.28 -57.09
CA THR A 109 -4.62 8.27 -57.80
C THR A 109 -5.46 9.47 -57.39
N LEU A 110 -5.49 9.74 -56.09
CA LEU A 110 -6.23 10.86 -55.56
C LEU A 110 -5.76 12.21 -56.15
N LEU A 111 -4.44 12.39 -56.28
CA LEU A 111 -3.88 13.64 -56.79
C LEU A 111 -4.19 13.82 -58.27
N LEU A 112 -4.12 12.74 -59.01
CA LEU A 112 -4.46 12.75 -60.42
C LEU A 112 -5.94 13.09 -60.66
N THR A 113 -6.81 12.64 -59.75
CA THR A 113 -8.23 12.94 -59.81
C THR A 113 -8.46 14.43 -59.72
N PHE A 114 -7.77 15.08 -58.78
CA PHE A 114 -7.83 16.52 -58.60
C PHE A 114 -7.37 17.24 -59.86
N PHE A 115 -6.23 16.84 -60.40
CA PHE A 115 -5.73 17.46 -61.64
C PHE A 115 -6.73 17.31 -62.80
N TYR A 116 -7.23 16.11 -63.02
CA TYR A 116 -8.18 15.87 -64.09
C TYR A 116 -9.49 16.64 -63.95
N ARG A 117 -10.02 16.71 -62.74
CA ARG A 117 -11.27 17.42 -62.51
C ARG A 117 -11.14 18.95 -62.48
N PHE A 118 -10.03 19.49 -61.97
CA PHE A 118 -9.92 20.93 -61.72
C PHE A 118 -8.89 21.69 -62.52
N MET A 119 -7.85 21.02 -62.96
CA MET A 119 -6.84 21.65 -63.81
C MET A 119 -6.48 20.77 -64.98
N ARG A 120 -7.49 20.37 -65.76
CA ARG A 120 -7.26 19.45 -66.92
C ARG A 120 -6.14 19.92 -67.85
N PRO A 121 -6.18 21.23 -68.24
CA PRO A 121 -5.19 21.83 -69.15
C PRO A 121 -3.72 21.58 -68.80
N LEU A 122 -3.38 21.50 -67.53
CA LEU A 122 -2.02 21.23 -67.11
C LEU A 122 -1.52 19.89 -67.60
N ILE A 123 -2.37 18.88 -67.51
CA ILE A 123 -2.02 17.55 -67.99
C ILE A 123 -1.89 17.57 -69.51
N GLU A 124 -2.76 18.32 -70.17
CA GLU A 124 -2.69 18.50 -71.61
C GLU A 124 -1.41 19.23 -72.01
N ALA A 125 -1.01 20.20 -71.19
CA ALA A 125 0.21 20.96 -71.41
C ALA A 125 1.46 20.18 -71.05
N GLY A 126 1.27 19.02 -70.45
CA GLY A 126 2.35 18.07 -70.07
C GLY A 126 3.25 18.60 -68.98
N TYR A 127 2.67 19.34 -68.03
CA TYR A 127 3.43 19.90 -66.93
C TYR A 127 3.49 18.95 -65.74
N VAL A 128 2.75 17.85 -65.76
CA VAL A 128 2.70 16.92 -64.62
C VAL A 128 3.54 15.67 -64.83
N TYR A 129 4.33 15.32 -63.82
CA TYR A 129 5.22 14.14 -63.84
C TYR A 129 5.09 13.24 -62.61
N ILE A 130 5.47 11.97 -62.78
CA ILE A 130 5.46 10.95 -61.72
C ILE A 130 6.89 10.41 -61.57
N ALA A 131 7.44 10.57 -60.38
CA ALA A 131 8.83 10.09 -60.12
C ALA A 131 8.79 8.59 -59.74
N GLN A 132 9.66 7.79 -60.35
CA GLN A 132 9.74 6.36 -60.11
C GLN A 132 10.91 6.03 -59.12
N PRO A 133 10.91 4.85 -58.46
CA PRO A 133 11.88 4.49 -57.39
C PRO A 133 13.37 4.67 -57.75
N THR A 151 18.10 9.44 -53.90
CA THR A 151 19.07 9.63 -54.98
C THR A 151 18.44 10.06 -56.33
N THR A 152 17.16 9.77 -56.50
CA THR A 152 16.36 10.15 -57.68
C THR A 152 16.26 11.66 -57.97
N MET A 153 16.16 12.47 -56.91
CA MET A 153 16.09 13.94 -57.08
C MET A 153 17.35 14.53 -57.72
N ASN A 154 18.52 13.98 -57.38
CA ASN A 154 19.78 14.45 -57.95
C ASN A 154 19.81 14.18 -59.47
N PRO A 155 19.89 15.25 -60.30
CA PRO A 155 19.91 15.06 -61.75
C PRO A 155 21.16 14.31 -62.24
N GLU A 156 22.24 14.30 -61.44
CA GLU A 156 23.51 13.63 -61.81
C GLU A 156 23.41 12.16 -61.55
N ALA A 159 14.16 8.52 -62.41
CA ALA A 159 13.59 9.11 -63.61
C ALA A 159 12.18 9.71 -63.30
N LEU A 160 11.79 10.77 -64.00
CA LEU A 160 10.44 11.28 -63.97
C LEU A 160 9.67 10.92 -65.25
N LEU A 161 8.46 10.41 -65.10
CA LEU A 161 7.65 10.03 -66.26
C LEU A 161 6.58 11.08 -66.54
N GLN A 162 6.40 11.45 -67.80
CA GLN A 162 5.41 12.47 -68.18
C GLN A 162 4.00 11.87 -68.15
N VAL A 163 3.07 12.56 -67.53
CA VAL A 163 1.66 12.18 -67.61
C VAL A 163 1.11 12.77 -68.90
N LYS A 164 0.67 11.91 -69.81
CA LYS A 164 0.09 12.33 -71.10
C LYS A 164 -1.32 11.74 -71.21
N LEU A 165 -2.22 12.57 -71.75
CA LEU A 165 -3.63 12.18 -71.85
C LEU A 165 -4.04 11.91 -73.30
N GLU A 166 -4.16 10.65 -73.63
CA GLU A 166 -4.42 10.20 -74.99
C GLU A 166 -5.91 10.25 -75.41
N ASP A 167 -6.79 9.82 -74.53
CA ASP A 167 -8.21 9.77 -74.86
C ASP A 167 -9.03 10.46 -73.83
N ALA A 168 -9.73 11.53 -74.19
CA ALA A 168 -10.64 12.27 -73.27
C ALA A 168 -11.79 11.42 -72.77
N ILE A 169 -12.33 10.60 -73.65
CA ILE A 169 -13.52 9.80 -73.38
C ILE A 169 -13.20 8.63 -72.44
N GLU A 170 -12.07 7.96 -72.69
CA GLU A 170 -11.67 6.81 -71.88
C GLU A 170 -11.37 7.22 -70.46
N ALA A 171 -10.62 8.30 -70.32
CA ALA A 171 -10.24 8.85 -69.00
C ALA A 171 -11.48 9.22 -68.23
N ASP A 172 -12.42 9.93 -68.84
CA ASP A 172 -13.68 10.30 -68.19
C ASP A 172 -14.42 9.09 -67.68
N GLN A 173 -14.44 8.04 -68.50
CA GLN A 173 -15.01 6.74 -68.14
C GLN A 173 -14.25 6.05 -66.96
N THR A 174 -12.93 6.14 -66.99
CA THR A 174 -12.01 5.50 -66.03
C THR A 174 -12.06 6.18 -64.68
N PHE A 175 -11.94 7.46 -64.66
CA PHE A 175 -12.08 8.24 -63.44
C PHE A 175 -13.40 8.01 -62.73
N GLU A 176 -14.51 8.06 -63.44
CA GLU A 176 -15.79 7.83 -62.85
C GLU A 176 -15.89 6.43 -62.20
N MET A 177 -15.34 5.44 -62.89
N MET A 177 -15.34 5.44 -62.89
CA MET A 177 -15.39 4.04 -62.45
CA MET A 177 -15.38 4.03 -62.46
C MET A 177 -14.52 3.81 -61.21
C MET A 177 -14.52 3.81 -61.22
N LEU A 178 -13.29 4.33 -61.23
CA LEU A 178 -12.38 4.19 -60.09
C LEU A 178 -12.66 5.08 -58.86
N MET A 179 -12.91 6.36 -59.09
CA MET A 179 -13.06 7.31 -57.99
C MET A 179 -14.51 7.74 -57.74
N GLY A 180 -15.41 7.31 -58.59
CA GLY A 180 -16.80 7.75 -58.51
C GLY A 180 -17.57 7.22 -57.30
N ASP A 181 -18.82 7.64 -57.17
CA ASP A 181 -19.63 7.20 -56.05
C ASP A 181 -20.17 5.78 -56.15
N VAL A 182 -20.28 5.20 -57.35
CA VAL A 182 -20.91 3.86 -57.45
C VAL A 182 -19.95 2.74 -57.12
N VAL A 183 -20.24 2.04 -56.02
CA VAL A 183 -19.31 1.06 -55.46
C VAL A 183 -19.23 -0.18 -56.36
N GLU A 184 -20.40 -0.61 -56.84
CA GLU A 184 -20.47 -1.81 -57.65
C GLU A 184 -19.56 -1.84 -58.88
N ASN A 185 -19.40 -0.73 -59.53
CA ASN A 185 -18.48 -0.64 -60.67
C ASN A 185 -17.06 -0.88 -60.28
N ARG A 186 -16.69 -0.34 -59.13
CA ARG A 186 -15.35 -0.48 -58.60
C ARG A 186 -15.06 -1.92 -58.24
N ARG A 187 -16.03 -2.57 -57.58
CA ARG A 187 -15.92 -3.99 -57.27
C ARG A 187 -15.64 -4.83 -58.53
N GLN A 188 -16.45 -4.59 -59.57
CA GLN A 188 -16.33 -5.30 -60.82
C GLN A 188 -14.94 -5.22 -61.44
N PHE A 189 -14.35 -4.04 -61.39
CA PHE A 189 -13.01 -3.87 -61.88
C PHE A 189 -11.98 -4.70 -61.16
N ILE A 190 -12.10 -4.75 -59.84
CA ILE A 190 -11.19 -5.56 -59.01
C ILE A 190 -11.35 -7.04 -59.35
N GLU A 191 -12.59 -7.49 -59.46
CA GLU A 191 -12.86 -8.91 -59.74
C GLU A 191 -12.26 -9.37 -61.04
N ASP A 192 -12.43 -8.58 -62.10
CA ASP A 192 -11.93 -8.95 -63.40
C ASP A 192 -10.38 -8.98 -63.46
N ASN A 193 -9.72 -8.09 -62.76
CA ASN A 193 -8.28 -7.95 -62.88
C ASN A 193 -7.49 -8.59 -61.72
N ALA A 194 -8.22 -9.17 -60.76
CA ALA A 194 -7.57 -9.67 -59.54
C ALA A 194 -6.44 -10.68 -59.81
N VAL A 195 -5.27 -10.38 -59.24
CA VAL A 195 -4.12 -11.31 -59.02
C VAL A 195 -3.55 -11.96 -60.30
N ILE B 8 9.75 8.43 -76.20
CA ILE B 8 8.94 8.89 -75.05
C ILE B 8 9.46 8.27 -73.73
N ASN B 9 9.44 9.06 -72.67
CA ASN B 9 9.64 8.58 -71.29
C ASN B 9 8.36 9.05 -70.57
N GLU B 10 7.23 8.50 -71.01
CA GLU B 10 5.91 9.06 -70.70
C GLU B 10 4.97 7.94 -70.26
N ARG B 11 4.07 8.28 -69.33
CA ARG B 11 3.07 7.33 -68.86
C ARG B 11 1.66 7.80 -69.14
N ASN B 12 0.86 6.87 -69.69
CA ASN B 12 -0.56 7.07 -69.98
C ASN B 12 -1.33 7.27 -68.68
N ILE B 13 -2.23 8.25 -68.65
CA ILE B 13 -2.97 8.55 -67.44
C ILE B 13 -3.94 7.42 -67.05
N THR B 14 -4.63 6.86 -68.04
CA THR B 14 -5.56 5.74 -67.80
C THR B 14 -4.80 4.49 -67.36
N SER B 15 -3.59 4.28 -67.91
CA SER B 15 -2.76 3.14 -67.53
C SER B 15 -2.26 3.28 -66.07
N GLU B 16 -1.87 4.49 -65.67
CA GLU B 16 -1.45 4.73 -64.30
C GLU B 16 -2.58 4.55 -63.29
N MET B 17 -3.72 5.14 -63.61
CA MET B 17 -4.90 5.05 -62.76
C MET B 17 -5.30 3.60 -62.51
N ARG B 18 -5.38 2.80 -63.58
CA ARG B 18 -5.80 1.43 -63.44
C ARG B 18 -4.81 0.62 -62.61
N GLU B 19 -3.51 0.78 -62.88
CA GLU B 19 -2.47 0.05 -62.16
C GLU B 19 -2.39 0.48 -60.68
N SER B 20 -2.29 1.79 -60.41
CA SER B 20 -2.17 2.32 -59.07
C SER B 20 -3.39 1.97 -58.23
N PHE B 21 -4.58 2.12 -58.80
CA PHE B 21 -5.78 1.84 -58.06
C PHE B 21 -5.86 0.39 -57.62
N LEU B 22 -5.63 -0.50 -58.59
CA LEU B 22 -5.65 -1.94 -58.35
C LEU B 22 -4.65 -2.35 -57.26
N ASP B 23 -3.43 -1.80 -57.26
CA ASP B 23 -2.44 -2.09 -56.25
C ASP B 23 -2.94 -1.83 -54.87
N TYR B 24 -3.53 -0.65 -54.67
CA TYR B 24 -4.08 -0.28 -53.39
C TYR B 24 -5.31 -1.14 -53.03
N ALA B 25 -6.25 -1.25 -53.95
CA ALA B 25 -7.47 -1.98 -53.68
C ALA B 25 -7.22 -3.45 -53.24
N MET B 26 -6.29 -4.11 -53.94
CA MET B 26 -6.03 -5.49 -53.68
C MET B 26 -5.37 -5.68 -52.33
N SER B 27 -4.46 -4.75 -52.01
CA SER B 27 -3.73 -4.79 -50.75
C SER B 27 -4.64 -4.57 -49.53
N VAL B 28 -5.59 -3.64 -49.65
CA VAL B 28 -6.54 -3.32 -48.58
C VAL B 28 -7.50 -4.49 -48.36
N ILE B 29 -7.82 -5.22 -49.45
CA ILE B 29 -8.68 -6.39 -49.39
C ILE B 29 -8.02 -7.64 -48.77
N VAL B 30 -6.88 -8.03 -49.31
CA VAL B 30 -6.29 -9.30 -48.84
C VAL B 30 -5.27 -9.11 -47.68
N ALA B 31 -4.88 -7.86 -47.39
CA ALA B 31 -3.90 -7.58 -46.31
C ALA B 31 -4.08 -6.28 -45.53
N ARG B 32 -5.30 -5.99 -45.07
CA ARG B 32 -5.60 -4.86 -44.16
C ARG B 32 -6.98 -4.95 -43.49
N ALA B 33 -8.04 -4.72 -44.28
CA ALA B 33 -9.38 -4.65 -43.78
C ALA B 33 -10.19 -5.95 -43.58
N LEU B 34 -9.90 -7.02 -44.30
CA LEU B 34 -10.73 -8.24 -44.19
C LEU B 34 -10.12 -9.39 -43.37
N PRO B 35 -10.90 -10.04 -42.48
CA PRO B 35 -10.35 -11.13 -41.63
C PRO B 35 -10.28 -12.45 -42.38
N ASP B 36 -9.41 -13.35 -41.91
CA ASP B 36 -9.28 -14.72 -42.42
C ASP B 36 -10.39 -15.56 -41.84
N VAL B 37 -10.95 -16.44 -42.66
CA VAL B 37 -12.04 -17.31 -42.21
C VAL B 37 -11.66 -18.33 -41.10
N ARG B 38 -10.39 -18.76 -41.11
CA ARG B 38 -9.87 -19.78 -40.21
C ARG B 38 -9.60 -19.26 -38.81
N ASP B 39 -8.87 -18.14 -38.70
CA ASP B 39 -8.57 -17.56 -37.39
C ASP B 39 -9.30 -16.26 -36.99
N GLY B 40 -10.06 -15.70 -37.93
CA GLY B 40 -10.81 -14.50 -37.66
C GLY B 40 -10.00 -13.24 -37.43
N LEU B 41 -8.79 -13.18 -37.97
CA LEU B 41 -7.91 -12.04 -37.69
C LEU B 41 -7.52 -11.31 -38.93
N LYS B 42 -7.41 -9.99 -38.79
CA LYS B 42 -6.88 -9.16 -39.87
C LYS B 42 -5.36 -9.22 -39.67
N PRO B 43 -4.56 -8.94 -40.70
CA PRO B 43 -3.07 -8.97 -40.50
C PRO B 43 -2.50 -8.20 -39.28
N VAL B 44 -2.99 -7.00 -38.98
CA VAL B 44 -2.46 -6.25 -37.85
C VAL B 44 -2.68 -6.97 -36.52
N HIS B 45 -3.84 -7.60 -36.38
CA HIS B 45 -4.12 -8.29 -35.15
C HIS B 45 -3.23 -9.54 -34.96
N ARG B 46 -3.09 -10.31 -36.02
CA ARG B 46 -2.30 -11.52 -35.99
C ARG B 46 -0.89 -11.18 -35.53
N ARG B 47 -0.32 -10.11 -36.10
CA ARG B 47 1.02 -9.66 -35.79
C ARG B 47 1.18 -9.21 -34.34
N ILE B 48 0.19 -8.53 -33.81
CA ILE B 48 0.23 -8.13 -32.41
C ILE B 48 0.24 -9.35 -31.51
N LEU B 49 -0.64 -10.31 -31.78
CA LEU B 49 -0.72 -11.53 -30.98
C LEU B 49 0.57 -12.37 -31.03
N TYR B 50 1.11 -12.54 -32.23
CA TYR B 50 2.32 -13.31 -32.43
C TYR B 50 3.52 -12.59 -31.81
N GLY B 51 3.54 -11.27 -31.91
CA GLY B 51 4.61 -10.47 -31.32
C GLY B 51 4.63 -10.62 -29.81
N LEU B 52 3.45 -10.66 -29.19
CA LEU B 52 3.38 -10.89 -27.76
C LEU B 52 3.92 -12.27 -27.41
N ASN B 53 3.58 -13.25 -28.23
CA ASN B 53 3.99 -14.63 -28.03
C ASN B 53 5.49 -14.81 -28.15
N GLU B 54 6.07 -14.21 -29.19
CA GLU B 54 7.51 -14.28 -29.43
C GLU B 54 8.33 -13.56 -28.36
N GLN B 55 7.81 -12.47 -27.82
CA GLN B 55 8.50 -11.77 -26.77
C GLN B 55 8.26 -12.41 -25.45
N GLY B 56 7.45 -13.46 -25.39
CA GLY B 56 7.23 -14.24 -24.16
C GLY B 56 6.40 -13.49 -23.13
N MET B 57 5.50 -12.65 -23.65
CA MET B 57 4.58 -11.89 -22.77
C MET B 57 3.29 -12.70 -22.66
N THR B 58 3.11 -13.41 -21.56
CA THR B 58 2.01 -14.35 -21.33
C THR B 58 1.27 -13.93 -20.06
N PRO B 59 0.08 -14.54 -19.78
CA PRO B 59 -0.73 -14.20 -18.61
C PRO B 59 -0.04 -14.34 -17.27
N ASP B 60 0.90 -15.30 -17.15
CA ASP B 60 1.63 -15.52 -15.91
C ASP B 60 2.62 -14.40 -15.59
N LYS B 61 3.31 -13.93 -16.63
CA LYS B 61 4.33 -12.89 -16.49
C LYS B 61 3.68 -11.50 -16.39
N SER B 62 4.45 -10.47 -15.99
CA SER B 62 3.93 -9.11 -15.79
C SER B 62 3.57 -8.34 -17.06
N TYR B 63 2.89 -7.22 -16.89
CA TYR B 63 2.54 -6.33 -18.00
C TYR B 63 3.79 -5.68 -18.57
N LYS B 64 3.86 -5.54 -19.88
CA LYS B 64 4.97 -4.84 -20.53
C LYS B 64 4.47 -3.50 -21.11
N LYS B 65 5.33 -2.49 -21.11
CA LYS B 65 5.05 -1.17 -21.72
C LYS B 65 4.55 -1.29 -23.15
N SER B 66 3.52 -0.51 -23.47
CA SER B 66 2.93 -0.53 -24.82
C SER B 66 3.91 -0.05 -25.89
N ALA B 67 4.80 0.87 -25.57
CA ALA B 67 5.75 1.37 -26.54
C ALA B 67 6.73 0.26 -26.97
N ARG B 68 6.92 -0.74 -26.13
CA ARG B 68 7.82 -1.83 -26.43
C ARG B 68 7.15 -2.84 -27.29
N ILE B 69 5.89 -3.14 -27.00
CA ILE B 69 5.09 -4.05 -27.83
C ILE B 69 4.95 -3.49 -29.25
N VAL B 70 4.44 -2.26 -29.36
CA VAL B 70 4.25 -1.58 -30.64
C VAL B 70 5.54 -1.51 -31.44
N GLY B 71 6.63 -1.15 -30.79
CA GLY B 71 7.94 -1.03 -31.44
C GLY B 71 8.44 -2.35 -31.96
N ASP B 72 8.18 -3.42 -31.25
N ASP B 72 8.18 -3.42 -31.25
CA ASP B 72 8.56 -4.75 -31.65
CA ASP B 72 8.56 -4.75 -31.65
C ASP B 72 7.79 -5.17 -32.89
C ASP B 72 7.79 -5.17 -32.89
N VAL B 73 6.46 -5.03 -32.82
CA VAL B 73 5.58 -5.37 -33.94
C VAL B 73 5.94 -4.54 -35.18
N MET B 74 6.15 -3.24 -35.01
CA MET B 74 6.52 -2.35 -36.11
C MET B 74 7.82 -2.71 -36.78
N GLY B 75 8.87 -2.96 -35.99
CA GLY B 75 10.21 -3.28 -36.50
C GLY B 75 10.22 -4.64 -37.15
N LYS B 76 9.47 -5.57 -36.59
CA LYS B 76 9.55 -6.97 -37.00
C LYS B 76 8.54 -7.40 -38.05
N TYR B 77 7.32 -6.92 -37.98
CA TYR B 77 6.25 -7.46 -38.83
C TYR B 77 5.35 -6.47 -39.55
N HIS B 78 5.01 -5.33 -38.93
CA HIS B 78 3.99 -4.41 -39.45
C HIS B 78 4.62 -3.08 -39.87
N PRO B 79 4.92 -2.91 -41.18
CA PRO B 79 5.60 -1.70 -41.61
C PRO B 79 4.66 -0.49 -41.79
N HIS B 80 3.96 -0.13 -40.72
CA HIS B 80 2.98 0.96 -40.74
C HIS B 80 3.10 1.82 -39.49
N GLY B 81 2.40 2.97 -39.47
CA GLY B 81 2.44 3.93 -38.36
C GLY B 81 2.14 3.27 -37.02
N ASP B 82 2.85 3.75 -36.00
CA ASP B 82 2.71 3.24 -34.63
C ASP B 82 1.27 3.36 -34.09
N SER B 83 0.59 4.46 -34.42
CA SER B 83 -0.78 4.73 -34.01
C SER B 83 -1.77 3.70 -34.52
N SER B 84 -1.57 3.19 -35.74
CA SER B 84 -2.42 2.12 -36.28
C SER B 84 -2.32 0.85 -35.44
N ILE B 85 -1.08 0.44 -35.09
CA ILE B 85 -0.81 -0.79 -34.32
C ILE B 85 -1.37 -0.65 -32.91
N TYR B 86 -1.08 0.47 -32.26
CA TYR B 86 -1.53 0.70 -30.91
C TYR B 86 -3.05 0.68 -30.80
N GLU B 87 -3.75 1.36 -31.71
CA GLU B 87 -5.22 1.49 -31.68
C GLU B 87 -5.87 0.11 -31.85
N ALA B 88 -5.28 -0.72 -32.71
CA ALA B 88 -5.76 -2.09 -32.92
C ALA B 88 -5.61 -2.90 -31.65
N MET B 89 -4.45 -2.76 -30.98
CA MET B 89 -4.14 -3.47 -29.74
C MET B 89 -5.10 -3.09 -28.63
N VAL B 90 -5.45 -1.80 -28.58
CA VAL B 90 -6.41 -1.26 -27.60
C VAL B 90 -7.79 -1.92 -27.70
N ARG B 91 -8.29 -2.06 -28.93
N ARG B 91 -8.29 -2.06 -28.93
CA ARG B 91 -9.63 -2.60 -29.18
CA ARG B 91 -9.62 -2.60 -29.17
C ARG B 91 -9.72 -4.06 -28.69
C ARG B 91 -9.72 -4.06 -28.69
N MET B 92 -8.65 -4.82 -28.91
CA MET B 92 -8.55 -6.23 -28.46
C MET B 92 -8.52 -6.36 -26.93
N ALA B 93 -8.27 -5.25 -26.26
CA ALA B 93 -8.23 -5.17 -24.82
C ALA B 93 -9.55 -4.68 -24.21
N GLN B 94 -10.45 -4.16 -25.04
CA GLN B 94 -11.72 -3.58 -24.56
C GLN B 94 -12.84 -4.61 -24.36
N ASP B 95 -13.35 -4.70 -23.15
CA ASP B 95 -14.42 -5.64 -22.80
C ASP B 95 -15.72 -5.34 -23.47
N PHE B 96 -15.96 -4.06 -23.80
CA PHE B 96 -17.18 -3.68 -24.51
C PHE B 96 -17.05 -3.89 -26.02
N SER B 97 -15.84 -4.03 -26.52
CA SER B 97 -15.62 -4.27 -27.94
C SER B 97 -15.50 -5.75 -28.28
N TYR B 98 -14.72 -6.50 -27.52
CA TYR B 98 -14.49 -7.92 -27.81
C TYR B 98 -15.22 -8.81 -26.83
N ARG B 99 -16.02 -9.72 -27.40
CA ARG B 99 -16.83 -10.65 -26.63
C ARG B 99 -15.96 -11.57 -25.80
N TYR B 100 -14.80 -11.92 -26.36
CA TYR B 100 -13.78 -12.71 -25.68
C TYR B 100 -12.45 -12.01 -25.95
N PRO B 101 -12.08 -11.05 -25.08
CA PRO B 101 -10.89 -10.19 -25.31
C PRO B 101 -9.57 -10.95 -25.43
N LEU B 102 -8.75 -10.52 -26.38
CA LEU B 102 -7.49 -11.17 -26.67
C LEU B 102 -6.23 -10.49 -26.06
N VAL B 103 -6.42 -9.31 -25.46
CA VAL B 103 -5.33 -8.56 -24.85
C VAL B 103 -5.79 -8.10 -23.45
N ASP B 104 -4.87 -8.19 -22.48
CA ASP B 104 -5.10 -7.78 -21.11
C ASP B 104 -4.33 -6.50 -20.85
N GLY B 105 -5.04 -5.39 -20.61
CA GLY B 105 -4.38 -4.10 -20.47
C GLY B 105 -4.31 -3.50 -19.09
N GLN B 106 -3.32 -2.64 -18.86
CA GLN B 106 -3.19 -1.88 -17.63
C GLN B 106 -3.18 -0.39 -17.91
N GLY B 107 -4.08 0.34 -17.25
CA GLY B 107 -4.23 1.77 -17.43
C GLY B 107 -5.49 2.12 -18.16
N ASN B 108 -5.58 3.36 -18.64
CA ASN B 108 -6.81 3.80 -19.32
C ASN B 108 -6.81 3.27 -20.74
N PHE B 109 -7.73 2.34 -21.01
CA PHE B 109 -7.87 1.78 -22.35
C PHE B 109 -9.14 2.25 -23.02
N GLY B 110 -9.64 3.39 -22.58
CA GLY B 110 -10.89 3.95 -23.08
C GLY B 110 -12.14 3.40 -22.39
N SER B 111 -13.29 3.94 -22.79
CA SER B 111 -14.60 3.52 -22.30
C SER B 111 -15.67 3.64 -23.40
N MET B 112 -16.92 3.40 -23.01
CA MET B 112 -18.06 3.45 -23.90
C MET B 112 -18.39 4.86 -24.34
N ASP B 113 -17.85 5.87 -23.66
CA ASP B 113 -18.15 7.27 -23.95
C ASP B 113 -17.36 7.82 -25.15
N GLY B 114 -16.65 6.93 -25.84
CA GLY B 114 -15.88 7.32 -27.00
C GLY B 114 -14.46 7.76 -26.70
N ASP B 115 -14.18 8.15 -25.45
CA ASP B 115 -12.86 8.63 -25.03
C ASP B 115 -11.83 7.51 -25.29
N GLY B 116 -10.80 7.83 -26.03
CA GLY B 116 -9.79 6.85 -26.37
C GLY B 116 -8.84 6.54 -25.19
N ALA B 117 -7.97 5.57 -25.43
CA ALA B 117 -6.97 5.16 -24.47
C ALA B 117 -5.89 6.23 -24.33
N ALA B 118 -5.27 6.30 -23.15
CA ALA B 118 -4.09 7.13 -22.92
C ALA B 118 -2.92 6.76 -23.81
N ALA B 119 -2.06 7.73 -24.13
CA ALA B 119 -0.93 7.50 -25.06
C ALA B 119 -0.13 6.23 -24.74
N MET B 120 0.49 5.62 -25.75
CA MET B 120 1.21 4.37 -25.51
C MET B 120 2.26 4.40 -24.37
N ARG B 121 2.86 5.56 -24.15
CA ARG B 121 3.82 5.79 -23.08
C ARG B 121 3.22 5.53 -21.67
N THR B 123 0.65 3.47 -20.90
CA THR B 123 -0.15 2.20 -20.85
C THR B 123 0.69 0.96 -20.96
N GLU B 124 0.17 -0.19 -20.55
CA GLU B 124 0.94 -1.44 -20.51
C GLU B 124 0.02 -2.62 -20.77
N ALA B 125 0.57 -3.72 -21.26
CA ALA B 125 -0.28 -4.86 -21.69
C ALA B 125 0.46 -6.21 -21.79
N ARG B 126 -0.34 -7.28 -21.82
CA ARG B 126 0.08 -8.69 -22.04
C ARG B 126 -1.11 -9.48 -22.64
N MET B 127 -0.89 -10.70 -23.08
CA MET B 127 -1.96 -11.50 -23.66
C MET B 127 -2.92 -12.10 -22.60
N THR B 128 -4.11 -12.46 -23.05
CA THR B 128 -5.11 -13.05 -22.15
C THR B 128 -4.97 -14.57 -22.17
N LYS B 129 -5.57 -15.23 -21.17
CA LYS B 129 -5.54 -16.68 -21.14
C LYS B 129 -6.14 -17.32 -22.38
N ILE B 130 -7.18 -16.72 -22.95
CA ILE B 130 -7.80 -17.31 -24.13
C ILE B 130 -6.90 -17.24 -25.38
N THR B 131 -6.08 -16.19 -25.45
CA THR B 131 -5.20 -15.97 -26.60
C THR B 131 -4.22 -17.11 -26.75
N LEU B 132 -3.82 -17.70 -25.62
CA LEU B 132 -2.99 -18.90 -25.65
C LEU B 132 -3.58 -20.01 -26.49
N GLU B 133 -4.90 -20.12 -26.48
CA GLU B 133 -5.59 -21.13 -27.24
C GLU B 133 -5.59 -20.80 -28.73
N LEU B 134 -5.39 -19.53 -29.11
CA LEU B 134 -5.23 -19.21 -30.51
C LEU B 134 -3.85 -19.59 -31.03
N LEU B 135 -2.87 -19.51 -30.12
CA LEU B 135 -1.46 -19.77 -30.43
C LEU B 135 -1.00 -21.19 -30.15
N ARG B 136 -1.89 -22.00 -29.56
CA ARG B 136 -1.57 -23.36 -29.12
C ARG B 136 -1.13 -24.24 -30.27
N ASP B 137 0.07 -24.83 -30.14
CA ASP B 137 0.65 -25.76 -31.12
C ASP B 137 1.26 -25.08 -32.35
N ILE B 138 1.53 -23.79 -32.25
CA ILE B 138 2.11 -23.02 -33.37
C ILE B 138 3.50 -23.50 -33.76
N ASN B 139 4.24 -24.02 -32.77
CA ASN B 139 5.56 -24.54 -32.97
C ASN B 139 5.68 -26.01 -33.25
N LYS B 140 4.60 -26.59 -33.74
CA LYS B 140 4.55 -28.01 -34.05
C LYS B 140 4.18 -28.23 -35.51
N ASP B 141 4.74 -27.40 -36.37
CA ASP B 141 4.37 -27.38 -37.79
C ASP B 141 2.87 -27.55 -38.16
N THR B 142 2.01 -26.87 -37.39
CA THR B 142 0.57 -26.87 -37.63
C THR B 142 0.17 -25.86 -38.69
N ILE B 143 0.85 -24.72 -38.75
CA ILE B 143 0.54 -23.63 -39.72
C ILE B 143 1.77 -23.22 -40.53
N ASP B 144 1.55 -22.52 -41.64
CA ASP B 144 2.64 -22.12 -42.53
C ASP B 144 3.24 -20.78 -42.17
N PHE B 145 4.56 -20.70 -42.15
CA PHE B 145 5.26 -19.45 -41.87
C PHE B 145 5.83 -18.82 -43.14
N ILE B 146 5.63 -17.52 -43.28
CA ILE B 146 6.17 -16.75 -44.43
C ILE B 146 7.16 -15.69 -43.97
N ASP B 147 7.92 -15.13 -44.91
CA ASP B 147 8.84 -14.07 -44.59
C ASP B 147 8.10 -12.75 -44.31
N ASN B 148 8.70 -11.89 -43.49
CA ASN B 148 8.15 -10.59 -43.21
C ASN B 148 8.57 -9.61 -44.30
N TYR B 149 8.10 -8.36 -44.20
CA TYR B 149 8.36 -7.33 -45.21
C TYR B 149 9.80 -7.13 -45.63
N ASP B 150 10.76 -7.27 -44.72
CA ASP B 150 12.16 -7.07 -45.03
C ASP B 150 12.94 -8.34 -45.28
N GLY B 151 12.38 -9.48 -44.94
CA GLY B 151 13.09 -10.77 -45.10
C GLY B 151 13.88 -11.26 -43.89
N ASN B 152 14.13 -10.38 -42.93
CA ASN B 152 14.89 -10.69 -41.70
C ASN B 152 14.17 -11.61 -40.73
N GLU B 153 12.84 -11.59 -40.75
CA GLU B 153 12.05 -12.41 -39.82
C GLU B 153 11.07 -13.30 -40.56
N ARG B 154 10.47 -14.23 -39.82
CA ARG B 154 9.42 -15.10 -40.31
C ARG B 154 8.20 -14.87 -39.46
N GLU B 155 7.03 -14.99 -40.07
CA GLU B 155 5.75 -14.84 -39.38
C GLU B 155 4.70 -15.82 -39.85
N PRO B 156 3.73 -16.14 -38.98
CA PRO B 156 2.65 -17.05 -39.31
C PRO B 156 1.70 -16.51 -40.36
N SER B 157 1.35 -17.36 -41.33
CA SER B 157 0.37 -17.01 -42.35
C SER B 157 -1.05 -17.00 -41.76
N VAL B 158 -1.27 -17.88 -40.79
CA VAL B 158 -2.53 -17.97 -40.07
C VAL B 158 -2.19 -18.55 -38.70
N LEU B 159 -3.08 -18.43 -37.74
CA LEU B 159 -2.83 -19.00 -36.42
C LEU B 159 -3.62 -20.27 -36.24
N PRO B 160 -3.14 -21.21 -35.38
CA PRO B 160 -3.87 -22.47 -35.12
C PRO B 160 -5.33 -22.30 -34.70
N ALA B 161 -5.62 -21.27 -33.91
CA ALA B 161 -7.01 -20.92 -33.57
C ALA B 161 -7.86 -22.09 -33.08
N ARG B 162 -7.54 -22.59 -31.89
CA ARG B 162 -8.25 -23.74 -31.37
C ARG B 162 -9.67 -23.45 -30.91
N PHE B 163 -10.07 -22.19 -30.89
CA PHE B 163 -11.50 -21.83 -30.75
C PHE B 163 -11.96 -20.98 -31.95
N PRO B 164 -13.25 -21.09 -32.37
CA PRO B 164 -13.78 -20.40 -33.61
C PRO B 164 -13.93 -18.88 -33.53
N ASN B 165 -12.79 -18.17 -33.67
CA ASN B 165 -12.62 -16.74 -33.32
C ASN B 165 -13.40 -15.77 -34.22
N LEU B 166 -13.49 -16.06 -35.52
CA LEU B 166 -14.22 -15.20 -36.47
C LEU B 166 -15.66 -14.94 -36.05
N LEU B 167 -16.38 -15.97 -35.63
CA LEU B 167 -17.76 -15.82 -35.18
C LEU B 167 -17.85 -15.37 -33.74
N ALA B 168 -16.90 -15.84 -32.93
CA ALA B 168 -16.89 -15.57 -31.50
C ALA B 168 -16.74 -14.09 -31.19
N ASN B 169 -15.73 -13.47 -31.81
CA ASN B 169 -15.42 -12.06 -31.58
C ASN B 169 -15.96 -11.15 -32.67
N GLY B 170 -16.29 -11.73 -33.82
CA GLY B 170 -16.87 -10.97 -34.92
C GLY B 170 -15.84 -10.18 -35.69
N ALA B 171 -16.30 -9.43 -36.70
CA ALA B 171 -15.41 -8.64 -37.56
C ALA B 171 -16.13 -7.41 -38.06
N SER B 172 -15.35 -6.36 -38.34
CA SER B 172 -15.90 -5.08 -38.78
C SER B 172 -14.81 -4.33 -39.56
N GLY B 173 -14.78 -4.50 -40.88
CA GLY B 173 -13.75 -3.85 -41.70
C GLY B 173 -14.30 -3.20 -42.97
N ILE B 174 -13.76 -2.05 -43.34
CA ILE B 174 -14.14 -1.33 -44.54
C ILE B 174 -12.99 -1.41 -45.55
N ALA B 175 -13.22 -2.10 -46.64
CA ALA B 175 -12.17 -2.28 -47.65
C ALA B 175 -12.33 -1.32 -48.82
N VAL B 176 -12.14 -1.81 -50.04
CA VAL B 176 -12.40 -1.10 -51.27
C VAL B 176 -13.22 -2.07 -52.09
N GLY B 177 -14.35 -1.63 -52.61
CA GLY B 177 -15.21 -2.52 -53.36
C GLY B 177 -16.17 -3.26 -52.45
N MET B 178 -15.82 -3.40 -51.18
CA MET B 178 -16.62 -4.18 -50.26
C MET B 178 -16.33 -3.76 -48.84
N ALA B 179 -17.13 -4.28 -47.91
CA ALA B 179 -16.87 -4.14 -46.49
C ALA B 179 -17.32 -5.42 -45.82
N THR B 180 -17.02 -5.56 -44.53
CA THR B 180 -17.44 -6.73 -43.77
C THR B 180 -18.01 -6.35 -42.40
N ASN B 181 -19.04 -7.07 -41.97
CA ASN B 181 -19.64 -6.83 -40.67
C ASN B 181 -20.20 -8.14 -40.14
N ILE B 182 -19.48 -8.76 -39.21
CA ILE B 182 -19.89 -10.04 -38.59
C ILE B 182 -20.11 -9.77 -37.12
N PRO B 183 -21.27 -10.16 -36.60
CA PRO B 183 -21.51 -9.93 -35.15
C PRO B 183 -20.80 -10.99 -34.27
N PRO B 184 -20.52 -10.65 -32.99
CA PRO B 184 -19.93 -11.63 -32.08
C PRO B 184 -20.93 -12.68 -31.60
N HIS B 185 -20.44 -13.82 -31.18
CA HIS B 185 -21.27 -14.94 -30.74
C HIS B 185 -20.81 -15.58 -29.43
N ASN B 186 -21.72 -16.33 -28.80
CA ASN B 186 -21.41 -17.09 -27.60
C ASN B 186 -20.59 -18.31 -27.98
N LEU B 187 -19.51 -18.52 -27.25
CA LEU B 187 -18.57 -19.60 -27.50
C LEU B 187 -19.16 -20.99 -27.27
N THR B 188 -19.93 -21.13 -26.18
CA THR B 188 -20.58 -22.41 -25.86
C THR B 188 -21.46 -22.85 -27.01
N GLU B 189 -22.30 -21.93 -27.47
CA GLU B 189 -23.20 -22.23 -28.57
C GLU B 189 -22.46 -22.59 -29.82
N LEU B 190 -21.39 -21.86 -30.14
CA LEU B 190 -20.62 -22.13 -31.33
C LEU B 190 -20.03 -23.51 -31.37
N ILE B 191 -19.26 -23.83 -30.33
CA ILE B 191 -18.61 -25.14 -30.25
C ILE B 191 -19.64 -26.28 -30.36
N ASN B 192 -20.78 -26.11 -29.69
CA ASN B 192 -21.86 -27.08 -29.78
C ASN B 192 -22.32 -27.25 -31.20
N GLY B 193 -22.46 -26.16 -31.92
CA GLY B 193 -22.80 -26.19 -33.33
C GLY B 193 -21.72 -26.86 -34.15
N VAL B 194 -20.47 -26.64 -33.76
CA VAL B 194 -19.33 -27.24 -34.48
C VAL B 194 -19.33 -28.73 -34.29
N LEU B 195 -19.56 -29.18 -33.07
CA LEU B 195 -19.62 -30.61 -32.78
C LEU B 195 -20.79 -31.25 -33.55
N SER B 196 -21.94 -30.56 -33.60
CA SER B 196 -23.11 -31.04 -34.32
C SER B 196 -22.83 -31.24 -35.81
N LEU B 197 -22.07 -30.30 -36.38
CA LEU B 197 -21.75 -30.33 -37.78
C LEU B 197 -20.77 -31.43 -38.13
N SER B 198 -19.84 -31.71 -37.21
CA SER B 198 -18.83 -32.73 -37.41
C SER B 198 -19.47 -34.11 -37.42
N LYS B 199 -20.53 -34.26 -36.63
CA LYS B 199 -21.29 -35.51 -36.55
C LYS B 199 -22.08 -35.78 -37.81
N ASN B 200 -22.64 -34.75 -38.40
CA ASN B 200 -23.46 -34.85 -39.59
C ASN B 200 -23.18 -33.70 -40.56
N PRO B 201 -22.45 -34.01 -41.66
CA PRO B 201 -22.01 -33.02 -42.65
C PRO B 201 -23.13 -32.32 -43.39
N ASP B 202 -24.30 -32.96 -43.46
CA ASP B 202 -25.43 -32.44 -44.26
C ASP B 202 -26.44 -31.78 -43.36
N ILE B 203 -25.98 -31.23 -42.25
CA ILE B 203 -26.82 -30.52 -41.29
C ILE B 203 -27.35 -29.21 -41.90
N SER B 204 -28.62 -28.88 -41.62
CA SER B 204 -29.23 -27.66 -42.12
C SER B 204 -28.96 -26.48 -41.21
N ILE B 205 -29.11 -25.28 -41.77
CA ILE B 205 -28.88 -24.07 -41.00
C ILE B 205 -29.92 -23.95 -39.91
N ALA B 206 -31.12 -24.47 -40.20
CA ALA B 206 -32.17 -24.53 -39.20
C ALA B 206 -31.70 -25.35 -38.01
N GLU B 207 -31.07 -26.50 -38.29
CA GLU B 207 -30.58 -27.43 -37.27
C GLU B 207 -29.41 -26.82 -36.50
N LEU B 208 -28.55 -26.05 -37.19
CA LEU B 208 -27.42 -25.42 -36.52
C LEU B 208 -27.91 -24.35 -35.57
N MET B 209 -29.02 -23.68 -35.94
CA MET B 209 -29.63 -22.64 -35.11
C MET B 209 -30.21 -23.13 -33.80
N GLU B 210 -30.48 -24.41 -33.69
CA GLU B 210 -30.86 -25.02 -32.42
C GLU B 210 -29.71 -24.89 -31.43
N ASP B 211 -28.47 -24.96 -31.89
CA ASP B 211 -27.31 -24.69 -31.04
C ASP B 211 -26.98 -23.19 -30.94
N ILE B 212 -26.78 -22.57 -32.10
CA ILE B 212 -26.47 -21.14 -32.17
C ILE B 212 -27.74 -20.35 -32.32
N GLU B 213 -28.23 -19.80 -31.23
CA GLU B 213 -29.51 -19.07 -31.17
C GLU B 213 -29.44 -17.73 -31.93
N GLY B 214 -28.26 -17.14 -31.98
CA GLY B 214 -28.06 -15.83 -32.56
C GLY B 214 -26.78 -15.19 -32.04
N PRO B 215 -26.53 -13.93 -32.43
CA PRO B 215 -25.38 -13.18 -31.94
C PRO B 215 -25.47 -12.91 -30.46
N ASP B 216 -24.31 -12.86 -29.81
CA ASP B 216 -24.21 -12.52 -28.42
C ASP B 216 -23.21 -11.42 -28.32
N PHE B 217 -23.67 -10.21 -28.00
CA PHE B 217 -22.82 -9.03 -27.92
C PHE B 217 -22.24 -8.86 -26.54
N PRO B 218 -20.99 -8.37 -26.45
CA PRO B 218 -20.38 -8.19 -25.14
C PRO B 218 -21.13 -7.18 -24.30
N THR B 219 -21.81 -6.23 -24.93
CA THR B 219 -22.55 -5.18 -24.26
C THR B 219 -23.96 -5.60 -23.84
N ALA B 220 -24.25 -6.89 -24.04
CA ALA B 220 -25.56 -7.51 -23.84
C ALA B 220 -26.69 -6.81 -24.63
N GLY B 221 -27.80 -6.50 -23.96
CA GLY B 221 -28.95 -5.90 -24.60
C GLY B 221 -29.91 -6.95 -25.10
N LEU B 222 -30.73 -6.58 -26.08
CA LEU B 222 -31.84 -7.45 -26.55
C LEU B 222 -31.96 -7.41 -28.04
N ILE B 223 -32.18 -8.59 -28.62
CA ILE B 223 -32.42 -8.70 -30.07
C ILE B 223 -33.92 -8.94 -30.31
N LEU B 224 -34.50 -8.09 -31.15
CA LEU B 224 -35.92 -8.19 -31.46
C LEU B 224 -36.22 -9.19 -32.59
N GLY B 225 -36.66 -10.40 -32.22
CA GLY B 225 -37.13 -11.41 -33.19
C GLY B 225 -36.05 -12.24 -33.83
N LYS B 226 -36.40 -13.47 -34.24
CA LYS B 226 -35.44 -14.37 -34.89
C LYS B 226 -35.46 -14.31 -36.42
N SER B 227 -36.44 -13.63 -37.00
CA SER B 227 -36.58 -13.46 -38.46
C SER B 227 -35.35 -12.81 -39.13
N GLY B 228 -34.78 -11.79 -38.53
CA GLY B 228 -33.58 -11.14 -39.05
C GLY B 228 -32.35 -12.05 -38.99
N ILE B 229 -32.21 -12.71 -37.86
CA ILE B 229 -31.09 -13.64 -37.63
C ILE B 229 -31.06 -14.80 -38.66
N ARG B 230 -32.23 -15.37 -38.96
CA ARG B 230 -32.36 -16.47 -39.92
C ARG B 230 -31.88 -16.05 -41.31
N ARG B 231 -32.31 -14.90 -41.79
CA ARG B 231 -31.91 -14.38 -43.11
C ARG B 231 -30.41 -14.23 -43.17
N ALA B 232 -29.83 -13.67 -42.09
CA ALA B 232 -28.39 -13.44 -42.01
C ALA B 232 -27.59 -14.75 -42.07
N TYR B 233 -28.05 -15.77 -41.33
CA TYR B 233 -27.32 -17.02 -41.29
C TYR B 233 -27.44 -17.84 -42.56
N GLU B 234 -28.59 -17.73 -43.21
CA GLU B 234 -28.83 -18.47 -44.42
C GLU B 234 -28.17 -17.82 -45.61
N THR B 235 -28.18 -16.50 -45.67
CA THR B 235 -27.73 -15.80 -46.88
C THR B 235 -26.40 -15.10 -46.73
N GLY B 236 -26.01 -14.84 -45.49
CA GLY B 236 -24.73 -14.17 -45.18
C GLY B 236 -24.93 -12.67 -45.04
N ARG B 237 -26.17 -12.21 -45.25
CA ARG B 237 -26.54 -10.80 -45.21
C ARG B 237 -27.90 -10.67 -44.52
N GLY B 238 -28.07 -9.63 -43.71
CA GLY B 238 -29.34 -9.27 -43.12
C GLY B 238 -29.23 -8.28 -41.99
N SER B 239 -30.36 -7.87 -41.46
CA SER B 239 -30.44 -6.79 -40.50
C SER B 239 -31.04 -7.28 -39.19
N ILE B 240 -30.32 -7.07 -38.11
CA ILE B 240 -30.74 -7.48 -36.78
C ILE B 240 -31.04 -6.27 -35.87
N GLN B 241 -32.24 -6.22 -35.32
CA GLN B 241 -32.67 -5.16 -34.43
C GLN B 241 -32.14 -5.29 -33.02
N MET B 242 -31.44 -4.27 -32.53
CA MET B 242 -30.87 -4.30 -31.17
C MET B 242 -31.46 -3.18 -30.34
N ARG B 243 -32.05 -3.52 -29.22
CA ARG B 243 -32.64 -2.52 -28.35
C ARG B 243 -32.08 -2.58 -26.95
N SER B 244 -31.92 -1.42 -26.32
CA SER B 244 -31.39 -1.28 -24.97
C SER B 244 -32.31 -1.92 -23.95
N ARG B 245 -31.72 -2.41 -22.85
CA ARG B 245 -32.50 -2.92 -21.73
C ARG B 245 -32.94 -1.78 -20.83
N ALA B 246 -34.22 -1.41 -20.91
CA ALA B 246 -34.79 -0.32 -20.12
C ALA B 246 -36.04 -0.79 -19.35
N VAL B 247 -36.13 -0.39 -18.09
CA VAL B 247 -37.24 -0.77 -17.22
C VAL B 247 -37.88 0.50 -16.66
N ILE B 248 -39.23 0.45 -16.55
CA ILE B 248 -39.99 1.56 -16.01
C ILE B 248 -40.18 1.39 -14.50
N GLU B 249 -39.50 2.25 -13.73
CA GLU B 249 -39.49 2.18 -12.28
C GLU B 249 -40.54 3.14 -11.74
N GLU B 250 -41.30 2.64 -10.76
CA GLU B 250 -42.40 3.34 -10.15
C GLU B 250 -42.04 3.93 -8.78
N ARG B 251 -42.48 5.15 -8.57
CA ARG B 251 -42.32 5.89 -7.32
C ARG B 251 -43.71 6.26 -6.84
N GLY B 252 -43.84 6.60 -5.58
CA GLY B 252 -45.15 6.82 -4.93
C GLY B 252 -45.95 7.98 -5.49
N GLY B 253 -47.26 7.78 -5.51
CA GLY B 253 -48.20 8.73 -6.12
C GLY B 253 -48.16 8.72 -7.63
N GLY B 254 -47.68 7.62 -8.22
CA GLY B 254 -47.62 7.47 -9.67
C GLY B 254 -46.44 8.11 -10.37
N ARG B 255 -45.51 8.67 -9.59
CA ARG B 255 -44.25 9.23 -10.11
C ARG B 255 -43.42 8.16 -10.84
N GLN B 256 -42.82 8.48 -11.99
CA GLN B 256 -42.12 7.44 -12.75
C GLN B 256 -40.70 7.84 -13.17
N ARG B 257 -39.88 6.80 -13.42
CA ARG B 257 -38.56 6.96 -14.03
C ARG B 257 -38.21 5.79 -14.95
N ILE B 258 -37.42 6.06 -15.98
CA ILE B 258 -36.87 5.04 -16.87
C ILE B 258 -35.39 4.81 -16.49
N VAL B 259 -35.01 3.54 -16.32
CA VAL B 259 -33.61 3.17 -16.07
C VAL B 259 -33.05 2.29 -17.20
N VAL B 260 -31.91 2.68 -17.78
CA VAL B 260 -31.26 1.92 -18.86
C VAL B 260 -29.99 1.24 -18.36
N THR B 261 -29.97 -0.08 -18.41
CA THR B 261 -28.92 -0.88 -17.80
C THR B 261 -27.97 -1.49 -18.82
N GLU B 262 -28.42 -1.66 -20.06
CA GLU B 262 -27.61 -2.19 -21.16
C GLU B 262 -27.89 -1.36 -22.41
N ILE B 263 -26.86 -1.10 -23.24
CA ILE B 263 -27.09 -0.35 -24.48
C ILE B 263 -26.64 -1.17 -25.68
N PRO B 264 -27.00 -0.73 -26.92
CA PRO B 264 -26.63 -1.51 -28.11
C PRO B 264 -25.14 -1.56 -28.37
N PHE B 265 -24.73 -2.58 -29.11
CA PHE B 265 -23.35 -2.81 -29.44
C PHE B 265 -22.81 -1.69 -30.31
N GLN B 266 -21.57 -1.27 -30.02
CA GLN B 266 -20.88 -0.22 -30.73
C GLN B 266 -21.53 1.15 -30.68
N VAL B 267 -22.46 1.36 -29.73
CA VAL B 267 -23.16 2.62 -29.63
C VAL B 267 -22.45 3.49 -28.61
N ASN B 268 -22.07 4.70 -29.00
CA ASN B 268 -21.40 5.62 -28.11
C ASN B 268 -22.37 6.18 -27.06
N LYS B 269 -22.14 5.87 -25.79
CA LYS B 269 -23.03 6.26 -24.69
C LYS B 269 -23.17 7.75 -24.52
N ALA B 270 -22.04 8.44 -24.52
CA ALA B 270 -22.01 9.90 -24.42
C ALA B 270 -22.80 10.59 -25.52
N ARG B 271 -22.58 10.16 -26.78
CA ARG B 271 -23.23 10.75 -27.94
C ARG B 271 -24.75 10.52 -27.89
N MET B 272 -25.17 9.35 -27.39
CA MET B 272 -26.58 9.03 -27.27
C MET B 272 -27.25 9.98 -26.29
N ILE B 273 -26.61 10.18 -25.14
CA ILE B 273 -27.11 11.09 -24.12
C ILE B 273 -27.24 12.51 -24.66
N GLU B 274 -26.20 13.00 -25.36
CA GLU B 274 -26.21 14.32 -25.93
C GLU B 274 -27.33 14.46 -26.95
N LYS B 275 -27.66 13.38 -27.67
CA LYS B 275 -28.74 13.41 -28.66
C LYS B 275 -30.13 13.53 -28.01
N ILE B 276 -30.32 12.84 -26.89
CA ILE B 276 -31.57 12.91 -26.14
C ILE B 276 -31.71 14.31 -25.56
N ALA B 277 -30.64 14.81 -24.91
CA ALA B 277 -30.57 16.21 -24.46
C ALA B 277 -30.91 17.22 -25.55
N GLU B 278 -30.44 16.99 -26.76
CA GLU B 278 -30.76 17.81 -27.94
C GLU B 278 -32.26 17.75 -28.25
N LEU B 279 -32.88 16.59 -28.05
CA LEU B 279 -34.32 16.44 -28.33
C LEU B 279 -35.19 17.17 -27.31
N VAL B 280 -34.79 17.17 -26.03
CA VAL B 280 -35.54 17.90 -25.01
C VAL B 280 -35.37 19.41 -25.15
N ARG B 281 -34.16 19.85 -25.49
CA ARG B 281 -33.86 21.28 -25.73
C ARG B 281 -34.63 21.82 -26.93
N ASP B 282 -34.67 21.05 -28.02
CA ASP B 282 -35.30 21.41 -29.29
C ASP B 282 -36.82 21.12 -29.25
N LYS B 283 -37.33 20.65 -28.08
CA LYS B 283 -38.74 20.29 -27.86
C LYS B 283 -39.29 19.19 -28.83
N LYS B 284 -38.38 18.34 -29.30
CA LYS B 284 -38.63 17.17 -30.11
C LYS B 284 -39.36 16.10 -29.31
N ILE B 285 -39.02 15.99 -28.03
CA ILE B 285 -39.72 15.07 -27.11
C ILE B 285 -40.18 15.84 -25.86
N ASP B 286 -41.41 15.58 -25.42
CA ASP B 286 -41.98 16.25 -24.23
C ASP B 286 -42.41 15.24 -23.15
N GLY B 287 -42.02 15.51 -21.91
CA GLY B 287 -42.29 14.63 -20.76
C GLY B 287 -41.11 14.29 -19.86
N ILE B 288 -39.98 14.96 -20.08
CA ILE B 288 -38.76 14.66 -19.33
C ILE B 288 -38.43 15.80 -18.40
N THR B 289 -38.07 15.46 -17.15
CA THR B 289 -37.68 16.50 -16.18
C THR B 289 -36.16 16.51 -16.00
N ASP B 290 -35.57 15.31 -15.95
CA ASP B 290 -34.13 15.21 -15.84
C ASP B 290 -33.55 13.96 -16.47
N LEU B 291 -32.38 14.09 -17.12
CA LEU B 291 -31.60 13.02 -17.67
C LEU B 291 -30.24 12.88 -16.98
N ARG B 292 -29.95 11.70 -16.43
CA ARG B 292 -28.72 11.49 -15.68
C ARG B 292 -27.99 10.22 -16.11
N ASP B 293 -26.67 10.23 -16.03
CA ASP B 293 -25.83 9.02 -16.20
C ASP B 293 -25.09 8.74 -14.91
N GLU B 294 -25.51 7.63 -14.29
CA GLU B 294 -24.94 7.19 -13.02
C GLU B 294 -24.01 6.00 -13.18
N THR B 295 -23.46 5.79 -14.37
CA THR B 295 -22.66 4.63 -14.69
C THR B 295 -21.35 4.62 -13.90
N SER B 296 -21.10 3.49 -13.24
CA SER B 296 -19.90 3.29 -12.41
C SER B 296 -19.37 1.90 -12.67
N LEU B 297 -18.15 1.63 -12.18
CA LEU B 297 -17.58 0.29 -12.41
C LEU B 297 -18.33 -0.78 -11.64
N ARG B 298 -18.78 -0.43 -10.44
CA ARG B 298 -19.62 -1.32 -9.61
C ARG B 298 -20.96 -1.65 -10.27
N THR B 299 -21.71 -0.63 -10.67
CA THR B 299 -23.06 -0.80 -11.21
C THR B 299 -23.13 -1.16 -12.70
N GLY B 300 -22.04 -0.96 -13.44
CA GLY B 300 -22.14 -1.06 -14.90
C GLY B 300 -22.84 0.16 -15.50
N VAL B 301 -23.56 -0.02 -16.60
CA VAL B 301 -24.23 1.11 -17.26
C VAL B 301 -25.52 1.50 -16.53
N ARG B 302 -25.66 2.76 -16.21
CA ARG B 302 -26.84 3.27 -15.55
C ARG B 302 -27.26 4.62 -16.13
N VAL B 303 -28.32 4.67 -16.90
CA VAL B 303 -28.85 5.92 -17.48
C VAL B 303 -30.26 6.11 -16.99
N VAL B 304 -30.47 7.14 -16.17
CA VAL B 304 -31.76 7.42 -15.55
C VAL B 304 -32.46 8.63 -16.18
N ILE B 305 -33.70 8.42 -16.59
CA ILE B 305 -34.54 9.48 -17.16
C ILE B 305 -35.79 9.62 -16.29
N ASP B 306 -35.97 10.78 -15.66
CA ASP B 306 -37.19 11.02 -14.84
C ASP B 306 -38.34 11.63 -15.67
N VAL B 307 -39.48 10.94 -15.62
CA VAL B 307 -40.64 11.29 -16.39
C VAL B 307 -41.50 12.31 -15.64
N ARG B 308 -42.14 13.22 -16.41
CA ARG B 308 -43.07 14.23 -15.87
C ARG B 308 -44.29 13.56 -15.26
N LYS B 309 -44.88 14.18 -14.24
CA LYS B 309 -46.03 13.58 -13.55
C LYS B 309 -47.24 13.57 -14.50
N ASP B 310 -47.99 12.47 -14.48
CA ASP B 310 -49.12 12.22 -15.42
C ASP B 310 -48.78 12.28 -16.95
N ALA B 311 -47.57 11.84 -17.26
CA ALA B 311 -47.11 11.56 -18.62
C ALA B 311 -46.92 10.05 -18.70
N ASN B 312 -47.20 9.43 -19.86
CA ASN B 312 -47.02 7.99 -19.96
C ASN B 312 -45.57 7.59 -20.27
N ALA B 313 -44.93 6.89 -19.31
CA ALA B 313 -43.56 6.42 -19.52
C ALA B 313 -43.42 5.44 -20.68
N SER B 314 -44.40 4.55 -20.84
CA SER B 314 -44.36 3.55 -21.91
C SER B 314 -44.29 4.22 -23.28
N VAL B 315 -45.11 5.26 -23.44
CA VAL B 315 -45.21 6.01 -24.69
C VAL B 315 -43.91 6.73 -24.95
N ILE B 316 -43.40 7.43 -23.94
CA ILE B 316 -42.15 8.17 -24.09
C ILE B 316 -40.95 7.27 -24.39
N LEU B 317 -40.86 6.14 -23.69
CA LEU B 317 -39.75 5.19 -23.90
C LEU B 317 -39.77 4.70 -25.36
N ASN B 318 -40.96 4.39 -25.87
CA ASN B 318 -41.11 3.93 -27.25
C ASN B 318 -40.72 4.96 -28.29
N ASN B 319 -40.92 6.24 -27.99
CA ASN B 319 -40.46 7.33 -28.86
C ASN B 319 -38.96 7.38 -28.94
N LEU B 320 -38.29 7.11 -27.83
CA LEU B 320 -36.83 7.11 -27.76
C LEU B 320 -36.16 6.03 -28.63
N TYR B 321 -36.81 4.87 -28.72
CA TYR B 321 -36.36 3.79 -29.58
C TYR B 321 -36.41 4.21 -31.04
N LYS B 322 -37.49 4.89 -31.39
CA LYS B 322 -37.78 5.35 -32.75
C LYS B 322 -36.87 6.54 -33.10
N GLN B 323 -36.47 7.34 -32.12
CA GLN B 323 -35.77 8.61 -32.38
C GLN B 323 -34.26 8.64 -32.11
N THR B 324 -33.78 7.79 -31.19
CA THR B 324 -32.36 7.83 -30.76
C THR B 324 -31.68 6.48 -30.91
N PRO B 325 -30.34 6.38 -30.70
CA PRO B 325 -29.61 5.10 -30.83
C PRO B 325 -29.88 4.12 -29.67
N LEU B 326 -30.96 4.38 -28.92
CA LEU B 326 -31.42 3.46 -27.89
C LEU B 326 -31.89 2.16 -28.51
N GLN B 327 -32.31 2.24 -29.78
CA GLN B 327 -32.53 1.08 -30.63
C GLN B 327 -31.77 1.33 -31.91
N THR B 328 -31.00 0.36 -32.36
CA THR B 328 -30.10 0.48 -33.51
C THR B 328 -30.11 -0.88 -34.21
N SER B 329 -29.89 -0.89 -35.52
CA SER B 329 -29.78 -2.15 -36.24
C SER B 329 -28.34 -2.53 -36.53
N PHE B 330 -28.03 -3.81 -36.48
CA PHE B 330 -26.75 -4.30 -36.96
C PHE B 330 -26.94 -4.91 -38.36
N GLY B 331 -26.25 -4.39 -39.34
CA GLY B 331 -26.35 -4.94 -40.67
C GLY B 331 -25.26 -5.93 -40.99
N VAL B 332 -25.58 -7.23 -40.82
CA VAL B 332 -24.71 -8.35 -41.11
C VAL B 332 -24.28 -8.43 -42.61
N ASN B 333 -22.99 -8.59 -42.82
CA ASN B 333 -22.39 -8.60 -44.14
C ASN B 333 -21.16 -9.49 -43.96
N MET B 334 -21.36 -10.79 -44.10
CA MET B 334 -20.31 -11.77 -43.73
C MET B 334 -19.29 -12.09 -44.83
N ILE B 335 -18.40 -11.16 -45.09
CA ILE B 335 -17.29 -11.41 -46.02
C ILE B 335 -16.01 -11.72 -45.22
N ALA B 336 -15.43 -12.89 -45.52
CA ALA B 336 -14.18 -13.32 -44.95
C ALA B 336 -13.23 -13.80 -46.05
N LEU B 337 -11.95 -13.89 -45.74
CA LEU B 337 -10.97 -14.32 -46.72
C LEU B 337 -10.93 -15.87 -46.70
N VAL B 338 -11.36 -16.45 -47.83
CA VAL B 338 -11.41 -17.88 -47.95
C VAL B 338 -10.52 -18.25 -49.14
N ASN B 339 -9.52 -19.10 -48.91
CA ASN B 339 -8.43 -19.37 -49.86
C ASN B 339 -7.74 -18.12 -50.39
N GLY B 340 -7.57 -17.16 -49.47
CA GLY B 340 -6.92 -15.86 -49.75
C GLY B 340 -7.59 -14.94 -50.73
N ARG B 341 -8.89 -15.14 -50.92
CA ARG B 341 -9.74 -14.29 -51.73
C ARG B 341 -10.98 -13.95 -50.90
N PRO B 342 -11.54 -12.74 -51.07
CA PRO B 342 -12.78 -12.36 -50.35
C PRO B 342 -13.96 -13.17 -50.82
N LYS B 343 -14.86 -13.55 -49.92
CA LYS B 343 -16.05 -14.37 -50.26
C LYS B 343 -17.19 -14.09 -49.28
N LEU B 344 -18.42 -13.97 -49.79
CA LEU B 344 -19.58 -13.82 -48.89
C LEU B 344 -19.99 -15.21 -48.43
N ILE B 345 -19.92 -15.44 -47.14
CA ILE B 345 -20.22 -16.73 -46.57
C ILE B 345 -21.41 -16.72 -45.64
N ASN B 346 -22.15 -17.82 -45.61
CA ASN B 346 -23.26 -18.00 -44.66
C ASN B 346 -22.74 -18.64 -43.39
N LEU B 347 -23.59 -18.90 -42.41
CA LEU B 347 -23.17 -19.53 -41.16
C LEU B 347 -22.58 -20.92 -41.35
N LYS B 348 -23.22 -21.77 -42.14
CA LYS B 348 -22.68 -23.11 -42.33
C LYS B 348 -21.29 -23.10 -43.00
N GLU B 349 -21.09 -22.26 -44.00
CA GLU B 349 -19.79 -22.23 -44.69
C GLU B 349 -18.65 -21.82 -43.73
N ALA B 350 -18.94 -20.86 -42.84
CA ALA B 350 -18.02 -20.39 -41.80
C ALA B 350 -17.65 -21.53 -40.89
N LEU B 351 -18.64 -22.30 -40.45
CA LEU B 351 -18.41 -23.45 -39.58
C LEU B 351 -17.68 -24.56 -40.32
N VAL B 352 -18.00 -24.78 -41.59
CA VAL B 352 -17.32 -25.81 -42.35
C VAL B 352 -15.83 -25.49 -42.51
N HIS B 353 -15.52 -24.25 -42.88
CA HIS B 353 -14.13 -23.84 -43.05
C HIS B 353 -13.30 -23.90 -41.78
N TYR B 354 -13.90 -23.51 -40.67
CA TYR B 354 -13.20 -23.56 -39.40
C TYR B 354 -12.94 -25.00 -39.00
N LEU B 355 -13.94 -25.86 -39.15
CA LEU B 355 -13.77 -27.28 -38.85
C LEU B 355 -12.61 -27.91 -39.62
N GLU B 356 -12.53 -27.58 -40.91
CA GLU B 356 -11.46 -28.09 -41.77
C GLU B 356 -10.09 -27.63 -41.27
N HIS B 357 -10.00 -26.37 -40.85
CA HIS B 357 -8.77 -25.82 -40.25
C HIS B 357 -8.34 -26.62 -39.02
N GLN B 358 -9.28 -26.94 -38.15
CA GLN B 358 -9.00 -27.76 -37.01
C GLN B 358 -8.53 -29.16 -37.39
N LYS B 359 -9.22 -29.79 -38.34
CA LYS B 359 -8.86 -31.13 -38.81
C LYS B 359 -7.42 -31.09 -39.31
N THR B 360 -7.11 -30.09 -40.13
CA THR B 360 -5.80 -29.97 -40.74
C THR B 360 -4.73 -29.65 -39.73
N VAL B 361 -5.04 -28.74 -38.81
CA VAL B 361 -4.10 -28.40 -37.73
C VAL B 361 -3.74 -29.66 -36.91
N VAL B 362 -4.75 -30.41 -36.50
CA VAL B 362 -4.51 -31.62 -35.71
C VAL B 362 -3.74 -32.69 -36.48
N ARG B 363 -4.04 -32.83 -37.77
CA ARG B 363 -3.31 -33.78 -38.59
C ARG B 363 -1.83 -33.43 -38.66
N ARG B 364 -1.56 -32.15 -38.90
CA ARG B 364 -0.19 -31.67 -39.03
C ARG B 364 0.61 -31.80 -37.73
N ARG B 365 -0.05 -31.54 -36.59
CA ARG B 365 0.58 -31.65 -35.29
C ARG B 365 0.95 -33.11 -35.04
N THR B 366 0.02 -34.02 -35.38
CA THR B 366 0.22 -35.44 -35.17
C THR B 366 1.35 -35.94 -36.05
N GLN B 367 1.41 -35.47 -37.28
CA GLN B 367 2.48 -35.86 -38.20
C GLN B 367 3.84 -35.37 -37.74
N TYR B 368 3.87 -34.17 -37.16
CA TYR B 368 5.09 -33.60 -36.60
C TYR B 368 5.58 -34.43 -35.42
N ASN B 369 4.68 -34.73 -34.48
CA ASN B 369 5.06 -35.50 -33.31
C ASN B 369 5.60 -36.87 -33.68
N LEU B 370 5.00 -37.48 -34.69
CA LEU B 370 5.47 -38.74 -35.17
C LEU B 370 6.91 -38.68 -35.71
N ARG B 371 7.21 -37.67 -36.53
CA ARG B 371 8.55 -37.54 -37.11
C ARG B 371 9.54 -37.41 -35.97
N LYS B 372 9.23 -36.62 -34.93
CA LYS B 372 10.11 -36.42 -33.79
C LYS B 372 10.27 -37.72 -33.04
N ALA B 373 9.15 -38.40 -32.78
CA ALA B 373 9.16 -39.66 -32.01
C ALA B 373 10.02 -40.71 -32.68
N LYS B 374 9.86 -40.84 -33.97
CA LYS B 374 10.61 -41.81 -34.76
C LYS B 374 12.08 -41.46 -34.79
N ASP B 375 12.41 -40.19 -34.88
CA ASP B 375 13.81 -39.73 -34.86
C ASP B 375 14.46 -40.12 -33.57
N ARG B 376 13.76 -39.84 -32.47
CA ARG B 376 14.25 -40.12 -31.15
C ARG B 376 14.41 -41.63 -30.92
N ALA B 377 13.42 -42.40 -31.38
CA ALA B 377 13.45 -43.85 -31.25
C ALA B 377 14.69 -44.40 -31.95
N HIS B 378 14.91 -43.97 -33.20
CA HIS B 378 16.05 -44.36 -33.99
C HIS B 378 17.35 -44.07 -33.23
N ILE B 379 17.45 -42.88 -32.63
CA ILE B 379 18.59 -42.53 -31.81
C ILE B 379 18.73 -43.49 -30.62
N LEU B 380 17.61 -43.73 -29.95
CA LEU B 380 17.62 -44.57 -28.77
C LEU B 380 18.11 -46.01 -29.10
N GLU B 381 17.68 -46.53 -30.25
CA GLU B 381 18.08 -47.87 -30.70
C GLU B 381 19.59 -47.99 -30.79
N GLY B 382 20.24 -46.95 -31.32
CA GLY B 382 21.70 -46.85 -31.35
C GLY B 382 22.32 -46.80 -29.99
N LEU B 383 21.79 -45.94 -29.12
CA LEU B 383 22.30 -45.83 -27.74
C LEU B 383 22.19 -47.14 -27.00
N ARG B 384 21.09 -47.87 -27.25
CA ARG B 384 20.85 -49.21 -26.69
C ARG B 384 21.94 -50.19 -27.12
N ILE B 385 22.31 -50.11 -28.40
CA ILE B 385 23.36 -50.93 -28.95
C ILE B 385 24.69 -50.61 -28.26
N ALA B 386 25.00 -49.33 -28.14
CA ALA B 386 26.25 -48.89 -27.54
C ALA B 386 26.37 -49.35 -26.09
N LEU B 387 25.31 -49.21 -25.31
CA LEU B 387 25.38 -49.62 -23.92
C LEU B 387 25.51 -51.10 -23.72
N ASP B 388 25.02 -51.88 -24.68
CA ASP B 388 25.14 -53.33 -24.63
C ASP B 388 26.53 -53.80 -25.00
N HIS B 389 27.24 -53.03 -25.80
CA HIS B 389 28.58 -53.37 -26.24
C HIS B 389 29.59 -52.29 -25.92
N ILE B 390 29.44 -51.67 -24.74
CA ILE B 390 30.22 -50.50 -24.35
C ILE B 390 31.73 -50.69 -24.48
N ASP B 391 32.24 -51.85 -24.02
CA ASP B 391 33.67 -52.10 -24.01
C ASP B 391 34.28 -51.99 -25.40
N GLU B 392 33.57 -52.51 -26.40
CA GLU B 392 34.02 -52.45 -27.77
C GLU B 392 33.88 -51.07 -28.37
N ILE B 393 32.78 -50.39 -28.00
CA ILE B 393 32.53 -49.01 -28.42
C ILE B 393 33.69 -48.11 -27.98
N ILE B 394 34.05 -48.20 -26.70
CA ILE B 394 35.12 -47.42 -26.12
C ILE B 394 36.44 -47.66 -26.83
N SER B 395 36.78 -48.93 -27.02
CA SER B 395 38.01 -49.28 -27.72
C SER B 395 38.03 -48.74 -29.16
N THR B 396 36.88 -48.83 -29.86
CA THR B 396 36.76 -48.34 -31.22
C THR B 396 37.06 -46.84 -31.31
N ILE B 397 36.54 -46.08 -30.34
CA ILE B 397 36.78 -44.65 -30.30
C ILE B 397 38.24 -44.35 -29.99
N ARG B 398 38.77 -44.94 -28.93
CA ARG B 398 40.16 -44.69 -28.50
C ARG B 398 41.18 -45.00 -29.57
N GLU B 399 40.94 -46.07 -30.33
CA GLU B 399 41.81 -46.48 -31.44
C GLU B 399 41.77 -45.46 -32.58
N SER B 400 40.70 -44.69 -32.69
CA SER B 400 40.55 -43.75 -33.77
C SER B 400 41.30 -42.44 -33.54
N ASP B 401 41.94 -41.93 -34.59
CA ASP B 401 42.70 -40.68 -34.49
C ASP B 401 41.85 -39.43 -34.52
N THR B 402 40.82 -39.42 -35.36
CA THR B 402 39.91 -38.25 -35.43
C THR B 402 38.44 -38.63 -35.22
N ASP B 403 37.58 -37.63 -35.04
CA ASP B 403 36.15 -37.91 -34.88
C ASP B 403 35.52 -38.47 -36.16
N LYS B 404 36.03 -38.05 -37.33
CA LYS B 404 35.60 -38.57 -38.62
C LYS B 404 35.88 -40.05 -38.70
N VAL B 405 37.06 -40.46 -38.20
CA VAL B 405 37.47 -41.86 -38.21
C VAL B 405 36.60 -42.72 -37.31
N ALA B 406 36.37 -42.23 -36.10
CA ALA B 406 35.56 -42.95 -35.13
C ALA B 406 34.13 -43.17 -35.62
N MET B 407 33.61 -42.15 -36.32
CA MET B 407 32.27 -42.21 -36.89
C MET B 407 32.16 -43.33 -37.87
N GLU B 408 33.13 -43.40 -38.79
CA GLU B 408 33.17 -44.39 -39.86
C GLU B 408 33.31 -45.76 -39.23
N SER B 409 34.22 -45.90 -38.27
CA SER B 409 34.46 -47.18 -37.64
C SER B 409 33.27 -47.65 -36.84
N LEU B 410 32.60 -46.76 -36.12
CA LEU B 410 31.42 -47.14 -35.35
C LEU B 410 30.29 -47.62 -36.25
N GLN B 411 30.14 -47.00 -37.42
CA GLN B 411 29.11 -47.39 -38.36
C GLN B 411 29.37 -48.74 -38.96
N GLN B 412 30.59 -48.92 -39.48
CA GLN B 412 31.02 -50.14 -40.17
C GLN B 412 31.03 -51.35 -39.23
N ARG B 413 31.39 -51.14 -37.96
CA ARG B 413 31.54 -52.24 -37.01
C ARG B 413 30.26 -52.67 -36.36
N PHE B 414 29.44 -51.74 -35.90
CA PHE B 414 28.21 -52.10 -35.18
C PHE B 414 26.93 -51.89 -35.99
N LYS B 415 27.09 -51.84 -37.31
CA LYS B 415 26.00 -51.79 -38.30
C LYS B 415 25.00 -50.65 -37.98
N LEU B 416 25.52 -49.48 -37.67
CA LEU B 416 24.67 -48.33 -37.22
C LEU B 416 24.79 -47.18 -38.17
N SER B 417 23.84 -46.24 -38.08
CA SER B 417 23.71 -45.13 -39.02
C SER B 417 24.51 -43.95 -38.61
N GLU B 418 24.60 -42.98 -39.51
CA GLU B 418 25.42 -41.79 -39.23
C GLU B 418 24.84 -41.01 -38.08
N LYS B 419 23.51 -40.89 -38.02
CA LYS B 419 22.86 -40.20 -36.93
C LYS B 419 23.11 -40.93 -35.63
N GLN B 420 23.08 -42.26 -35.65
CA GLN B 420 23.29 -43.04 -34.45
C GLN B 420 24.74 -42.96 -33.96
N ALA B 421 25.68 -42.98 -34.90
CA ALA B 421 27.09 -42.86 -34.57
C ALA B 421 27.41 -41.48 -33.94
N GLN B 422 26.82 -40.43 -34.50
CA GLN B 422 26.98 -39.11 -33.98
C GLN B 422 26.53 -39.04 -32.51
N ALA B 423 25.37 -39.63 -32.25
CA ALA B 423 24.77 -39.61 -30.93
C ALA B 423 25.62 -40.34 -29.92
N ILE B 424 26.23 -41.47 -30.34
CA ILE B 424 27.15 -42.24 -29.50
C ILE B 424 28.35 -41.39 -29.11
N LEU B 425 28.93 -40.67 -30.07
CA LEU B 425 30.08 -39.81 -29.80
C LEU B 425 29.74 -38.70 -28.85
N ASP B 426 28.50 -38.19 -28.95
CA ASP B 426 28.08 -37.11 -28.12
C ASP B 426 27.64 -37.54 -26.76
N MET B 427 27.64 -38.85 -26.50
CA MET B 427 27.13 -39.40 -25.23
C MET B 427 28.03 -38.98 -24.08
N ARG B 428 27.44 -38.61 -22.95
CA ARG B 428 28.23 -38.27 -21.76
C ARG B 428 28.55 -39.52 -20.95
N LEU B 429 29.74 -39.54 -20.31
CA LEU B 429 30.13 -40.70 -19.51
C LEU B 429 29.12 -41.05 -18.44
N ARG B 430 28.34 -40.07 -17.94
CA ARG B 430 27.37 -40.35 -16.89
C ARG B 430 26.22 -41.28 -17.31
N ARG B 431 26.02 -41.41 -18.61
CA ARG B 431 24.97 -42.27 -19.19
C ARG B 431 25.27 -43.76 -18.97
N LEU B 432 26.47 -44.06 -18.50
CA LEU B 432 26.90 -45.43 -18.31
C LEU B 432 26.42 -46.06 -16.99
N THR B 433 25.80 -45.28 -16.12
CA THR B 433 25.35 -45.77 -14.83
C THR B 433 24.12 -46.65 -14.92
N GLY B 434 23.86 -47.43 -13.88
CA GLY B 434 22.67 -48.23 -13.75
C GLY B 434 21.38 -47.48 -14.07
N LEU B 435 21.12 -46.39 -13.35
CA LEU B 435 19.90 -45.64 -13.58
C LEU B 435 19.73 -45.18 -15.02
N GLU B 436 20.81 -44.67 -15.61
CA GLU B 436 20.77 -44.15 -16.94
C GLU B 436 20.49 -45.22 -17.99
N ARG B 437 21.01 -46.42 -17.77
CA ARG B 437 20.77 -47.55 -18.66
C ARG B 437 19.27 -47.93 -18.64
N ASP B 438 18.71 -47.93 -17.45
CA ASP B 438 17.31 -48.25 -17.28
C ASP B 438 16.42 -47.13 -17.78
N LYS B 439 16.88 -45.88 -17.66
CA LYS B 439 16.13 -44.72 -18.13
C LYS B 439 15.94 -44.77 -19.63
N ILE B 440 17.02 -45.12 -20.37
CA ILE B 440 17.01 -45.19 -21.83
C ILE B 440 16.00 -46.23 -22.27
N GLU B 441 16.03 -47.40 -21.67
CA GLU B 441 15.10 -48.48 -21.96
C GLU B 441 13.67 -48.07 -21.72
N ALA B 442 13.41 -47.45 -20.57
CA ALA B 442 12.07 -47.00 -20.23
C ALA B 442 11.55 -45.92 -21.18
N GLU B 443 12.44 -45.06 -21.68
CA GLU B 443 12.05 -44.08 -22.65
C GLU B 443 11.66 -44.75 -23.96
N TYR B 444 12.44 -45.73 -24.37
CA TYR B 444 12.19 -46.42 -25.64
C TYR B 444 10.90 -47.22 -25.65
N ASN B 445 10.64 -47.95 -24.57
CA ASN B 445 9.41 -48.68 -24.43
C ASN B 445 8.19 -47.78 -24.53
N GLU B 446 8.23 -46.65 -23.82
CA GLU B 446 7.13 -45.68 -23.84
C GLU B 446 6.97 -45.05 -25.25
N LEU B 447 8.10 -44.71 -25.86
CA LEU B 447 8.11 -44.13 -27.18
C LEU B 447 7.46 -45.02 -28.25
N LEU B 448 7.71 -46.32 -28.17
CA LEU B 448 7.13 -47.30 -29.10
C LEU B 448 5.61 -47.31 -29.02
N ASN B 449 5.09 -47.23 -27.80
CA ASN B 449 3.67 -47.18 -27.54
C ASN B 449 3.07 -45.90 -28.11
N TYR B 450 3.79 -44.79 -27.96
CA TYR B 450 3.31 -43.51 -28.41
C TYR B 450 3.29 -43.44 -29.92
N ILE B 451 4.28 -44.03 -30.60
CA ILE B 451 4.32 -43.99 -32.05
C ILE B 451 3.09 -44.71 -32.58
N SER B 452 2.71 -45.81 -31.93
CA SER B 452 1.52 -46.56 -32.32
C SER B 452 0.26 -45.71 -32.21
N GLU B 453 0.12 -45.02 -31.09
CA GLU B 453 -1.03 -44.11 -30.91
C GLU B 453 -1.13 -43.07 -32.01
N LEU B 454 -0.01 -42.46 -32.35
CA LEU B 454 0.05 -41.44 -33.40
C LEU B 454 -0.30 -42.03 -34.75
N GLU B 455 0.24 -43.22 -35.03
CA GLU B 455 -0.02 -43.93 -36.28
C GLU B 455 -1.49 -44.28 -36.49
N THR B 456 -2.17 -44.62 -35.40
CA THR B 456 -3.60 -44.96 -35.44
C THR B 456 -4.43 -43.75 -35.88
N ILE B 457 -4.16 -42.60 -35.27
CA ILE B 457 -4.85 -41.35 -35.58
C ILE B 457 -4.68 -40.99 -37.05
N LEU B 458 -3.47 -41.14 -37.56
CA LEU B 458 -3.21 -40.87 -38.96
C LEU B 458 -3.81 -41.86 -39.96
N ALA B 459 -4.02 -43.10 -39.54
CA ALA B 459 -4.61 -44.13 -40.41
C ALA B 459 -6.12 -44.00 -40.51
N ASP B 460 -6.81 -43.98 -39.38
CA ASP B 460 -8.26 -43.91 -39.33
C ASP B 460 -8.76 -42.46 -39.16
N GLU B 461 -9.60 -42.02 -40.12
CA GLU B 461 -10.11 -40.65 -40.13
C GLU B 461 -11.09 -40.36 -39.01
N GLU B 462 -11.76 -41.39 -38.48
CA GLU B 462 -12.73 -41.18 -37.42
C GLU B 462 -12.05 -40.84 -36.09
N VAL B 463 -10.91 -41.48 -35.86
CA VAL B 463 -10.10 -41.26 -34.65
C VAL B 463 -9.57 -39.84 -34.59
N LEU B 464 -9.11 -39.36 -35.75
CA LEU B 464 -8.65 -37.99 -35.87
C LEU B 464 -9.81 -37.00 -35.62
N LEU B 465 -10.99 -37.32 -36.16
CA LEU B 465 -12.16 -36.47 -35.99
C LEU B 465 -12.62 -36.42 -34.53
N GLN B 466 -12.46 -37.55 -33.83
CA GLN B 466 -12.84 -37.61 -32.44
C GLN B 466 -11.92 -36.77 -31.59
N LEU B 467 -10.64 -36.81 -31.92
CA LEU B 467 -9.65 -36.03 -31.22
C LEU B 467 -9.94 -34.51 -31.28
N VAL B 468 -10.36 -34.04 -32.47
CA VAL B 468 -10.77 -32.66 -32.68
C VAL B 468 -11.96 -32.29 -31.76
N ARG B 469 -12.93 -33.19 -31.73
CA ARG B 469 -14.13 -33.04 -30.89
C ARG B 469 -13.76 -32.92 -29.43
N ASP B 470 -12.87 -33.82 -29.00
CA ASP B 470 -12.45 -33.91 -27.62
C ASP B 470 -11.76 -32.63 -27.17
N GLU B 471 -10.90 -32.10 -28.05
CA GLU B 471 -10.14 -30.90 -27.72
C GLU B 471 -11.02 -29.65 -27.70
N LEU B 472 -12.00 -29.61 -28.61
CA LEU B 472 -12.96 -28.51 -28.64
C LEU B 472 -13.82 -28.48 -27.39
N THR B 473 -14.23 -29.67 -26.95
CA THR B 473 -15.03 -29.79 -25.74
C THR B 473 -14.30 -29.20 -24.53
N GLU B 474 -13.02 -29.53 -24.41
CA GLU B 474 -12.16 -29.02 -23.31
C GLU B 474 -12.13 -27.50 -23.28
N ILE B 475 -12.07 -26.88 -24.47
CA ILE B 475 -12.06 -25.42 -24.60
C ILE B 475 -13.39 -24.82 -24.17
N ARG B 476 -14.47 -25.49 -24.56
CA ARG B 476 -15.81 -25.06 -24.23
C ARG B 476 -16.00 -25.06 -22.72
N ASP B 477 -15.53 -26.11 -22.06
CA ASP B 477 -15.66 -26.26 -20.62
C ASP B 477 -14.83 -25.26 -19.85
N ARG B 478 -13.64 -24.95 -20.35
CA ARG B 478 -12.75 -24.00 -19.69
C ARG B 478 -13.11 -22.54 -19.92
N PHE B 479 -13.52 -22.20 -21.14
CA PHE B 479 -13.73 -20.78 -21.50
C PHE B 479 -15.17 -20.37 -21.76
N GLY B 480 -16.06 -21.33 -22.02
CA GLY B 480 -17.43 -21.01 -22.41
C GLY B 480 -18.21 -20.41 -21.26
N ASP B 481 -19.05 -19.43 -21.56
CA ASP B 481 -19.82 -18.72 -20.53
C ASP B 481 -21.29 -18.49 -20.97
N ASP B 482 -22.06 -17.86 -20.06
CA ASP B 482 -23.47 -17.56 -20.23
C ASP B 482 -23.78 -16.57 -21.34
N ARG B 483 -24.98 -16.71 -21.92
CA ARG B 483 -25.40 -15.87 -23.01
C ARG B 483 -25.83 -14.54 -22.44
N ARG B 484 -25.19 -13.46 -22.85
CA ARG B 484 -25.52 -12.12 -22.33
C ARG B 484 -26.69 -11.39 -23.00
N THR B 485 -26.81 -11.56 -24.27
CA THR B 485 -27.85 -10.89 -25.09
C THR B 485 -29.10 -11.75 -25.08
N GLU B 486 -30.24 -11.11 -24.79
CA GLU B 486 -31.53 -11.79 -24.79
C GLU B 486 -32.23 -11.67 -26.13
N ILE B 487 -32.71 -12.80 -26.65
CA ILE B 487 -33.47 -12.77 -27.91
C ILE B 487 -34.97 -12.78 -27.57
N GLN B 488 -35.65 -11.68 -27.86
CA GLN B 488 -37.09 -11.58 -27.56
C GLN B 488 -38.01 -12.31 -28.53
N LEU B 489 -39.04 -12.97 -27.98
CA LEU B 489 -40.13 -13.62 -28.74
C LEU B 489 -39.73 -14.77 -29.65
N SER C 17 -22.96 23.92 -4.02
CA SER C 17 -22.26 24.63 -2.92
C SER C 17 -20.73 24.40 -3.00
N PRO C 18 -19.91 25.49 -2.93
CA PRO C 18 -18.45 25.35 -2.82
C PRO C 18 -18.00 24.64 -1.54
N GLU C 19 -18.83 24.70 -0.50
CA GLU C 19 -18.54 23.95 0.74
C GLU C 19 -18.60 22.43 0.57
N CYS C 21 -17.81 21.65 -3.29
CA CYS C 21 -17.13 20.89 -4.33
C CYS C 21 -15.62 21.08 -4.20
N GLU C 22 -14.86 20.26 -4.89
CA GLU C 22 -13.40 20.22 -4.76
C GLU C 22 -12.74 20.05 -6.12
N ILE C 23 -11.57 20.67 -6.33
CA ILE C 23 -10.86 20.58 -7.61
C ILE C 23 -9.47 19.89 -7.49
N PHE C 24 -9.17 19.04 -8.48
CA PHE C 24 -7.91 18.31 -8.54
C PHE C 24 -7.04 18.78 -9.71
N LEU C 25 -5.83 19.20 -9.38
CA LEU C 25 -4.85 19.59 -10.39
C LEU C 25 -4.00 18.33 -10.62
N VAL C 26 -3.95 17.88 -11.86
CA VAL C 26 -3.30 16.60 -12.17
C VAL C 26 -2.26 16.74 -13.28
N GLU C 27 -1.13 16.07 -13.08
CA GLU C 27 -0.03 16.23 -13.99
C GLU C 27 -0.16 15.31 -15.20
N GLY C 28 -0.34 14.00 -14.97
CA GLY C 28 -0.35 13.00 -16.00
C GLY C 28 -1.58 12.13 -15.94
N ASP C 29 -1.86 11.47 -17.05
CA ASP C 29 -3.05 10.60 -17.18
C ASP C 29 -3.03 9.38 -16.25
N ASP C 40 -16.62 11.25 -9.06
CA ASP C 40 -17.22 12.28 -8.21
C ASP C 40 -17.77 13.46 -9.02
N SER C 41 -18.71 13.13 -9.89
CA SER C 41 -19.19 14.06 -10.91
C SER C 41 -19.91 15.26 -10.30
N ARG C 42 -20.70 14.99 -9.27
CA ARG C 42 -21.45 16.06 -8.61
C ARG C 42 -20.51 17.04 -7.89
N THR C 43 -19.49 16.52 -7.22
CA THR C 43 -18.74 17.33 -6.25
C THR C 43 -17.28 17.46 -6.60
N GLN C 44 -16.78 16.69 -7.57
CA GLN C 44 -15.35 16.69 -7.91
C GLN C 44 -15.02 17.22 -9.31
N ALA C 45 -14.04 18.12 -9.35
CA ALA C 45 -13.59 18.76 -10.58
C ALA C 45 -12.15 18.40 -10.95
N ILE C 46 -11.88 18.29 -12.25
CA ILE C 46 -10.54 17.89 -12.71
C ILE C 46 -9.95 18.88 -13.72
N LEU C 47 -8.73 19.35 -13.44
CA LEU C 47 -8.01 20.25 -14.32
C LEU C 47 -6.59 19.72 -14.61
N PRO C 48 -6.38 19.21 -15.84
CA PRO C 48 -5.11 18.64 -16.19
C PRO C 48 -4.08 19.66 -16.61
N LEU C 49 -2.86 19.50 -16.13
CA LEU C 49 -1.78 20.44 -16.44
C LEU C 49 -0.73 19.75 -17.27
N ARG C 50 -0.71 20.00 -18.57
CA ARG C 50 0.27 19.41 -19.45
C ARG C 50 1.54 20.24 -19.44
N GLY C 51 2.68 19.61 -19.11
CA GLY C 51 3.96 20.27 -19.08
C GLY C 51 4.31 20.88 -17.73
N LYS C 52 5.48 21.51 -17.67
CA LYS C 52 5.93 22.17 -16.47
C LYS C 52 5.30 23.55 -16.42
N ILE C 53 4.80 23.93 -15.24
CA ILE C 53 4.16 25.22 -14.96
C ILE C 53 5.21 26.31 -14.91
N LEU C 54 4.83 27.52 -15.28
CA LEU C 54 5.75 28.66 -15.30
C LEU C 54 6.19 29.02 -13.86
N ASN C 55 7.46 29.37 -13.71
CA ASN C 55 7.96 29.81 -12.43
C ASN C 55 7.65 31.29 -12.22
N VAL C 56 6.64 31.56 -11.39
CA VAL C 56 6.22 32.95 -11.20
C VAL C 56 7.22 33.83 -10.46
N GLU C 57 8.08 33.21 -9.67
CA GLU C 57 9.14 33.92 -8.94
C GLU C 57 10.19 34.50 -9.89
N LYS C 58 10.38 33.87 -11.04
CA LYS C 58 11.36 34.33 -12.03
C LYS C 58 10.71 35.29 -13.05
N ALA C 59 9.41 35.16 -13.30
CA ALA C 59 8.72 35.92 -14.36
C ALA C 59 8.09 37.21 -13.86
N ARG C 60 8.00 38.21 -14.78
CA ARG C 60 7.24 39.47 -14.53
C ARG C 60 5.76 39.30 -14.77
N LEU C 61 4.94 40.17 -14.21
CA LEU C 61 3.46 40.06 -14.31
C LEU C 61 2.84 39.92 -15.72
N ASP C 62 3.34 40.64 -16.71
CA ASP C 62 2.75 40.53 -18.04
C ASP C 62 2.85 39.14 -18.60
N ARG C 63 3.97 38.48 -18.38
CA ARG C 63 4.22 37.10 -18.83
C ARG C 63 3.33 36.15 -18.08
N ILE C 64 3.25 36.33 -16.76
CA ILE C 64 2.47 35.48 -15.89
C ILE C 64 1.04 35.42 -16.34
N LEU C 65 0.44 36.60 -16.55
CA LEU C 65 -0.97 36.70 -16.86
C LEU C 65 -1.27 36.21 -18.27
N ASN C 66 -0.27 36.18 -19.12
CA ASN C 66 -0.47 35.66 -20.44
C ASN C 66 -0.34 34.16 -20.57
N ASN C 67 0.26 33.49 -19.57
CA ASN C 67 0.38 32.02 -19.56
C ASN C 67 -0.98 31.35 -19.52
N ASN C 68 -1.26 30.51 -20.50
CA ASN C 68 -2.53 29.84 -20.57
C ASN C 68 -2.84 28.92 -19.45
N GLU C 69 -1.87 28.20 -18.97
CA GLU C 69 -2.12 27.29 -17.82
C GLU C 69 -2.39 28.10 -16.57
N ILE C 70 -1.72 29.24 -16.39
CA ILE C 70 -1.96 30.11 -15.24
C ILE C 70 -3.35 30.73 -15.32
N ARG C 71 -3.71 31.18 -16.52
CA ARG C 71 -5.02 31.78 -16.76
C ARG C 71 -6.16 30.79 -16.51
N GLN C 72 -5.96 29.53 -16.90
CA GLN C 72 -6.94 28.47 -16.68
C GLN C 72 -7.18 28.28 -15.19
N MET C 73 -6.11 28.31 -14.42
CA MET C 73 -6.23 28.14 -12.98
C MET C 73 -6.93 29.30 -12.30
N ILE C 74 -6.59 30.53 -12.69
CA ILE C 74 -7.21 31.74 -12.14
C ILE C 74 -8.72 31.67 -12.37
N THR C 75 -9.10 31.40 -13.61
CA THR C 75 -10.49 31.30 -14.01
C THR C 75 -11.21 30.21 -13.23
N ALA C 76 -10.56 29.06 -13.03
CA ALA C 76 -11.14 27.93 -12.33
C ALA C 76 -11.54 28.30 -10.92
N PHE C 77 -10.68 29.02 -10.21
CA PHE C 77 -10.98 29.41 -8.85
C PHE C 77 -11.89 30.62 -8.86
N GLY C 78 -11.62 31.57 -9.78
CA GLY C 78 -12.29 32.83 -9.87
C GLY C 78 -12.07 33.79 -8.72
N THR C 79 -11.10 33.60 -7.86
CA THR C 79 -10.90 34.49 -6.76
C THR C 79 -10.22 35.77 -7.20
N GLY C 80 -9.44 35.70 -8.31
CA GLY C 80 -8.64 36.80 -8.78
C GLY C 80 -7.27 36.75 -8.19
N ILE C 81 -6.30 37.49 -8.75
CA ILE C 81 -4.95 37.45 -8.23
C ILE C 81 -4.51 38.76 -7.55
N GLY C 82 -3.48 38.62 -6.71
CA GLY C 82 -2.88 39.74 -6.01
C GLY C 82 -3.89 40.47 -5.15
N GLY C 83 -3.99 41.78 -5.40
CA GLY C 83 -4.83 42.68 -4.63
C GLY C 83 -6.31 42.42 -4.84
N ASP C 84 -6.70 41.96 -6.04
CA ASP C 84 -8.09 41.70 -6.33
C ASP C 84 -8.64 40.40 -5.83
N PHE C 85 -7.82 39.67 -5.10
CA PHE C 85 -8.19 38.42 -4.48
C PHE C 85 -9.40 38.57 -3.55
N ASP C 86 -10.39 37.68 -3.71
CA ASP C 86 -11.54 37.67 -2.80
C ASP C 86 -11.78 36.26 -2.32
N LEU C 87 -11.58 36.03 -1.02
CA LEU C 87 -11.69 34.66 -0.48
C LEU C 87 -13.13 34.14 -0.58
N ALA C 88 -14.07 35.05 -0.35
CA ALA C 88 -15.50 34.76 -0.47
C ALA C 88 -15.91 34.23 -1.85
N LYS C 89 -15.33 34.82 -2.90
CA LYS C 89 -15.63 34.44 -4.27
C LYS C 89 -14.85 33.20 -4.76
N ALA C 90 -14.47 32.29 -3.89
CA ALA C 90 -13.83 31.04 -4.27
C ALA C 90 -14.84 30.01 -4.75
N ARG C 91 -14.56 29.43 -5.93
CA ARG C 91 -15.34 28.29 -6.44
C ARG C 91 -15.16 26.99 -5.63
N TYR C 92 -13.97 26.76 -5.09
CA TYR C 92 -13.67 25.51 -4.35
C TYR C 92 -13.05 25.73 -2.97
N HIS C 93 -13.46 24.94 -1.97
CA HIS C 93 -12.83 25.02 -0.64
C HIS C 93 -11.74 23.99 -0.48
N LYS C 94 -11.60 23.08 -1.44
CA LYS C 94 -10.53 22.06 -1.42
C LYS C 94 -9.82 22.08 -2.78
N ILE C 95 -8.55 22.47 -2.78
CA ILE C 95 -7.75 22.49 -4.01
C ILE C 95 -6.61 21.49 -3.80
N VAL C 96 -6.58 20.42 -4.61
CA VAL C 96 -5.65 19.33 -4.36
C VAL C 96 -4.62 19.20 -5.48
N ILE C 97 -3.34 19.26 -5.10
CA ILE C 97 -2.24 19.12 -6.05
C ILE C 97 -1.90 17.65 -6.15
N MET C 98 -2.30 17.02 -7.24
CA MET C 98 -2.05 15.59 -7.40
C MET C 98 -1.07 15.39 -8.53
N THR C 99 0.17 15.13 -8.16
CA THR C 99 1.26 15.05 -9.13
C THR C 99 1.90 13.68 -9.02
N ASP C 100 2.70 13.32 -10.01
CA ASP C 100 3.35 12.00 -10.08
C ASP C 100 4.28 11.78 -8.91
N ALA C 101 4.43 10.52 -8.51
CA ALA C 101 5.34 10.13 -7.45
C ALA C 101 6.82 10.06 -7.88
N ASP C 102 7.24 10.88 -8.84
CA ASP C 102 8.65 10.92 -9.25
C ASP C 102 9.27 12.28 -8.93
N VAL C 103 10.51 12.48 -9.34
CA VAL C 103 11.27 13.70 -9.10
C VAL C 103 10.67 14.90 -9.79
N ASP C 104 10.08 14.68 -10.97
CA ASP C 104 9.47 15.77 -11.73
C ASP C 104 8.16 16.16 -11.11
N GLY C 105 7.45 15.18 -10.56
CA GLY C 105 6.28 15.45 -9.72
C GLY C 105 6.58 16.44 -8.61
N ALA C 106 7.70 16.24 -7.94
CA ALA C 106 8.14 17.12 -6.89
C ALA C 106 8.38 18.52 -7.42
N HIS C 107 9.04 18.60 -8.59
CA HIS C 107 9.37 19.88 -9.19
C HIS C 107 8.13 20.64 -9.55
N ILE C 108 7.15 19.97 -10.14
CA ILE C 108 5.86 20.57 -10.48
C ILE C 108 5.17 21.03 -9.20
N ARG C 109 5.28 20.22 -8.15
CA ARG C 109 4.71 20.57 -6.87
C ARG C 109 5.28 21.89 -6.35
N THR C 110 6.60 22.05 -6.44
CA THR C 110 7.25 23.28 -5.97
C THR C 110 6.80 24.48 -6.80
N LEU C 111 6.75 24.29 -8.10
CA LEU C 111 6.32 25.35 -9.00
C LEU C 111 4.87 25.83 -8.69
N LEU C 112 3.97 24.89 -8.39
CA LEU C 112 2.58 25.24 -8.13
C LEU C 112 2.42 25.96 -6.80
N LEU C 113 3.18 25.52 -5.81
CA LEU C 113 3.19 26.17 -4.52
C LEU C 113 3.74 27.60 -4.60
N THR C 114 4.70 27.84 -5.50
CA THR C 114 5.25 29.17 -5.72
C THR C 114 4.19 30.13 -6.17
N PHE C 115 3.37 29.66 -7.11
CA PHE C 115 2.25 30.44 -7.64
C PHE C 115 1.25 30.75 -6.54
N PHE C 116 0.87 29.76 -5.76
CA PHE C 116 -0.04 29.97 -4.64
C PHE C 116 0.51 30.97 -3.64
N TYR C 117 1.74 30.80 -3.22
CA TYR C 117 2.36 31.70 -2.25
C TYR C 117 2.45 33.14 -2.75
N ARG C 118 2.85 33.32 -3.99
CA ARG C 118 3.01 34.67 -4.53
C ARG C 118 1.74 35.36 -4.96
N PHE C 119 0.74 34.64 -5.44
CA PHE C 119 -0.47 35.28 -5.99
C PHE C 119 -1.77 35.03 -5.26
N MET C 120 -1.87 33.93 -4.52
CA MET C 120 -3.09 33.64 -3.79
C MET C 120 -2.83 33.25 -2.34
N ARG C 121 -1.97 33.99 -1.64
CA ARG C 121 -1.48 33.58 -0.31
C ARG C 121 -2.57 33.25 0.71
N PRO C 122 -3.62 34.09 0.79
CA PRO C 122 -4.75 33.86 1.72
C PRO C 122 -5.43 32.49 1.58
N LEU C 123 -5.41 31.85 0.41
CA LEU C 123 -5.93 30.52 0.23
C LEU C 123 -5.23 29.50 1.13
N ILE C 124 -3.91 29.59 1.17
CA ILE C 124 -3.11 28.70 2.01
C ILE C 124 -3.39 28.98 3.48
N GLU C 125 -3.56 30.26 3.82
CA GLU C 125 -3.91 30.67 5.16
C GLU C 125 -5.31 30.17 5.52
N ALA C 126 -6.22 30.16 4.55
CA ALA C 126 -7.57 29.61 4.75
C ALA C 126 -7.60 28.09 4.76
N GLY C 127 -6.47 27.47 4.45
CA GLY C 127 -6.27 26.02 4.45
C GLY C 127 -7.05 25.28 3.38
N TYR C 128 -7.18 25.92 2.23
CA TYR C 128 -7.92 25.33 1.11
C TYR C 128 -7.04 24.51 0.21
N VAL C 129 -5.72 24.54 0.39
CA VAL C 129 -4.80 23.80 -0.48
C VAL C 129 -4.30 22.49 0.14
N TYR C 130 -4.38 21.41 -0.65
CA TYR C 130 -3.98 20.07 -0.20
C TYR C 130 -3.01 19.36 -1.16
N ILE C 131 -2.21 18.44 -0.60
CA ILE C 131 -1.26 17.63 -1.37
C ILE C 131 -1.60 16.15 -1.19
N ALA C 132 -1.93 15.49 -2.29
CA ALA C 132 -2.29 14.09 -2.30
C ALA C 132 -1.08 13.17 -2.21
N GLN C 133 -1.11 12.17 -1.33
CA GLN C 133 -0.09 11.13 -1.26
C GLN C 133 -0.56 9.85 -2.00
N PRO C 134 0.37 8.94 -2.41
CA PRO C 134 0.00 7.70 -3.16
C PRO C 134 -1.06 6.79 -2.50
N LEU C 141 2.14 7.67 -11.24
CA LEU C 141 0.91 7.73 -12.02
C LEU C 141 1.29 7.40 -13.46
N LEU C 149 -5.96 5.38 -9.30
CA LEU C 149 -6.45 6.74 -9.10
C LEU C 149 -7.75 6.81 -8.29
N TRP C 150 -8.50 5.70 -8.26
CA TRP C 150 -9.73 5.57 -7.45
C TRP C 150 -9.49 5.37 -5.96
N GLU C 151 -8.51 4.52 -5.61
CA GLU C 151 -8.12 4.27 -4.20
C GLU C 151 -7.27 5.39 -3.57
N THR C 152 -6.74 6.26 -4.42
CA THR C 152 -5.79 7.32 -4.08
C THR C 152 -6.47 8.65 -3.67
N THR C 153 -7.45 9.10 -4.46
CA THR C 153 -8.07 10.41 -4.30
C THR C 153 -9.58 10.34 -4.48
N ARG C 159 -8.73 7.66 0.62
CA ARG C 159 -7.88 8.66 -0.01
C ARG C 159 -6.98 9.39 1.05
N ALA C 160 -5.79 9.82 0.60
CA ALA C 160 -4.89 10.58 1.52
C ALA C 160 -4.60 11.98 1.02
N LEU C 161 -4.90 13.00 1.80
CA LEU C 161 -4.61 14.41 1.44
C LEU C 161 -4.02 15.12 2.65
N LEU C 162 -2.91 15.83 2.45
CA LEU C 162 -2.28 16.60 3.54
C LEU C 162 -2.59 18.08 3.38
N GLN C 163 -2.94 18.75 4.47
CA GLN C 163 -3.20 20.19 4.44
C GLN C 163 -1.91 20.99 4.37
N VAL C 164 -1.86 21.95 3.45
CA VAL C 164 -0.71 22.84 3.37
C VAL C 164 -0.91 23.97 4.39
N LYS C 165 -0.01 24.05 5.37
CA LYS C 165 -0.08 25.09 6.41
C LYS C 165 1.19 25.94 6.40
N LEU C 166 0.99 27.24 6.56
CA LEU C 166 2.07 28.23 6.52
C LEU C 166 2.20 28.82 7.91
N GLU C 167 3.32 28.59 8.57
CA GLU C 167 3.56 29.09 9.93
C GLU C 167 4.30 30.43 9.97
N ASP C 168 5.38 30.55 9.23
CA ASP C 168 6.25 31.72 9.30
C ASP C 168 6.26 32.47 7.95
N ALA C 169 5.79 33.70 7.99
CA ALA C 169 5.75 34.61 6.84
C ALA C 169 7.15 34.98 6.34
N ILE C 170 8.06 35.16 7.30
CA ILE C 170 9.40 35.65 7.02
C ILE C 170 10.26 34.52 6.41
N GLU C 171 10.16 33.34 7.02
CA GLU C 171 10.96 32.17 6.63
C GLU C 171 10.58 31.73 5.22
N ALA C 172 9.27 31.67 4.97
CA ALA C 172 8.74 31.24 3.68
C ALA C 172 9.23 32.20 2.59
N ASP C 173 9.11 33.50 2.82
CA ASP C 173 9.55 34.51 1.87
C ASP C 173 11.01 34.34 1.53
N GLN C 174 11.81 34.08 2.56
CA GLN C 174 13.25 33.85 2.41
C GLN C 174 13.55 32.53 1.63
N THR C 175 12.75 31.49 1.89
CA THR C 175 12.85 30.19 1.26
C THR C 175 12.48 30.21 -0.23
N PHE C 176 11.35 30.81 -0.53
CA PHE C 176 10.91 30.93 -1.89
C PHE C 176 11.88 31.68 -2.76
N GLU C 177 12.36 32.82 -2.29
CA GLU C 177 13.28 33.60 -3.09
C GLU C 177 14.58 32.83 -3.36
N MET C 178 15.06 32.08 -2.35
CA MET C 178 16.29 31.31 -2.46
C MET C 178 16.16 30.14 -3.44
N LEU C 179 15.09 29.38 -3.29
CA LEU C 179 14.86 28.20 -4.16
C LEU C 179 14.35 28.48 -5.57
N MET C 180 13.37 29.38 -5.72
CA MET C 180 12.77 29.66 -7.01
C MET C 180 13.25 30.97 -7.63
N GLY C 181 14.02 31.77 -6.92
CA GLY C 181 14.41 33.09 -7.38
C GLY C 181 15.30 33.15 -8.59
N ASP C 182 15.64 34.38 -8.99
CA ASP C 182 16.59 34.57 -10.10
C ASP C 182 18.05 34.25 -9.77
N VAL C 183 18.45 34.35 -8.50
CA VAL C 183 19.89 34.23 -8.19
C VAL C 183 20.33 32.78 -8.11
N VAL C 184 21.21 32.39 -9.05
CA VAL C 184 21.64 30.99 -9.17
C VAL C 184 22.50 30.55 -7.99
N GLU C 185 23.42 31.44 -7.64
CA GLU C 185 24.39 31.16 -6.61
C GLU C 185 23.81 30.75 -5.25
N ASN C 186 22.69 31.33 -4.86
CA ASN C 186 22.02 30.94 -3.63
C ASN C 186 21.54 29.51 -3.70
N ARG C 187 21.01 29.13 -4.85
CA ARG C 187 20.49 27.80 -5.06
C ARG C 187 21.64 26.77 -5.00
N ARG C 188 22.75 27.10 -5.68
CA ARG C 188 23.90 26.23 -5.69
C ARG C 188 24.43 25.95 -4.26
N GLN C 189 24.55 27.01 -3.45
CA GLN C 189 25.00 26.89 -2.06
C GLN C 189 24.11 25.94 -1.25
N PHE C 190 22.82 26.08 -1.41
CA PHE C 190 21.89 25.23 -0.69
C PHE C 190 22.04 23.77 -1.05
N ILE C 191 22.22 23.50 -2.35
CA ILE C 191 22.52 22.16 -2.85
C ILE C 191 23.80 21.62 -2.23
N GLU C 192 24.83 22.44 -2.25
CA GLU C 192 26.14 22.07 -1.69
C GLU C 192 26.08 21.62 -0.25
N ASP C 193 25.42 22.40 0.58
CA ASP C 193 25.32 22.17 1.99
C ASP C 193 24.45 20.97 2.34
N ASN C 194 23.45 20.66 1.54
CA ASN C 194 22.56 19.52 1.78
C ASN C 194 22.90 18.27 0.96
N ALA C 195 23.83 18.40 0.02
CA ALA C 195 24.32 17.30 -0.82
C ALA C 195 25.38 16.41 -0.15
N ASN D 9 -1.51 15.60 10.32
CA ASN D 9 -2.17 15.39 8.98
C ASN D 9 -2.10 16.70 8.21
N GLU D 10 -1.08 17.49 8.48
CA GLU D 10 -0.83 18.76 7.81
C GLU D 10 0.64 18.84 7.39
N ARG D 11 0.91 19.50 6.26
CA ARG D 11 2.29 19.67 5.81
C ARG D 11 2.71 21.14 5.74
N ASN D 12 3.84 21.44 6.37
CA ASN D 12 4.44 22.77 6.39
C ASN D 12 4.90 23.15 4.99
N ILE D 13 4.61 24.40 4.58
CA ILE D 13 4.95 24.84 3.24
C ILE D 13 6.48 24.95 3.03
N THR D 14 7.19 25.47 4.02
CA THR D 14 8.65 25.58 3.96
C THR D 14 9.30 24.18 3.96
N SER D 15 8.72 23.24 4.71
CA SER D 15 9.23 21.89 4.76
C SER D 15 9.03 21.16 3.43
N GLU D 16 7.88 21.36 2.77
CA GLU D 16 7.63 20.74 1.46
C GLU D 16 8.56 21.32 0.39
N MET D 17 8.69 22.65 0.38
CA MET D 17 9.56 23.31 -0.57
C MET D 17 10.99 22.80 -0.51
N ARG D 18 11.55 22.76 0.70
CA ARG D 18 12.93 22.37 0.89
C ARG D 18 13.14 20.91 0.46
N GLU D 19 12.24 20.02 0.89
CA GLU D 19 12.36 18.60 0.59
C GLU D 19 12.16 18.31 -0.91
N SER D 20 11.06 18.83 -1.49
CA SER D 20 10.71 18.58 -2.88
C SER D 20 11.74 19.15 -3.80
N PHE D 21 12.19 20.37 -3.51
CA PHE D 21 13.18 21.00 -4.37
C PHE D 21 14.47 20.20 -4.45
N LEU D 22 14.97 19.85 -3.27
CA LEU D 22 16.21 19.10 -3.17
C LEU D 22 16.15 17.75 -3.90
N ASP D 23 15.02 17.05 -3.78
CA ASP D 23 14.83 15.78 -4.46
C ASP D 23 15.01 15.91 -5.95
N TYR D 24 14.36 16.91 -6.54
CA TYR D 24 14.46 17.17 -7.96
C TYR D 24 15.87 17.63 -8.35
N ALA D 25 16.39 18.63 -7.63
CA ALA D 25 17.68 19.21 -7.98
C ALA D 25 18.79 18.16 -7.99
N MET D 26 18.80 17.28 -6.98
CA MET D 26 19.86 16.33 -6.86
C MET D 26 19.77 15.28 -7.96
N SER D 27 18.55 14.90 -8.29
CA SER D 27 18.25 13.96 -9.38
C SER D 27 18.70 14.45 -10.77
N VAL D 28 18.47 15.73 -11.05
CA VAL D 28 18.82 16.38 -12.32
C VAL D 28 20.33 16.50 -12.42
N ILE D 29 20.99 16.71 -11.28
CA ILE D 29 22.47 16.78 -11.20
C ILE D 29 23.16 15.42 -11.38
N VAL D 30 22.80 14.46 -10.56
CA VAL D 30 23.52 13.18 -10.54
C VAL D 30 22.93 12.11 -11.49
N ALA D 31 21.73 12.35 -12.05
CA ALA D 31 21.08 11.38 -12.98
C ALA D 31 20.18 12.00 -14.07
N ARG D 32 20.67 13.02 -14.78
CA ARG D 32 19.99 13.59 -15.97
C ARG D 32 20.93 14.48 -16.83
N ALA D 33 21.24 15.67 -16.33
CA ALA D 33 21.97 16.69 -17.06
C ALA D 33 23.52 16.64 -17.08
N LEU D 34 24.16 16.06 -16.09
CA LEU D 34 25.63 16.03 -16.05
C LEU D 34 26.29 14.72 -16.46
N PRO D 35 27.37 14.79 -17.29
CA PRO D 35 28.09 13.56 -17.70
C PRO D 35 29.01 13.04 -16.61
N ASP D 36 29.32 11.74 -16.69
CA ASP D 36 30.31 11.10 -15.80
C ASP D 36 31.71 11.41 -16.34
N VAL D 37 32.64 11.65 -15.46
CA VAL D 37 34.03 11.94 -15.87
C VAL D 37 34.75 10.76 -16.57
N ARG D 38 34.37 9.53 -16.22
CA ARG D 38 34.99 8.32 -16.74
C ARG D 38 34.56 7.96 -18.15
N ASP D 39 33.25 7.93 -18.41
CA ASP D 39 32.77 7.59 -19.76
C ASP D 39 32.16 8.73 -20.59
N GLY D 40 32.03 9.92 -19.98
CA GLY D 40 31.51 11.09 -20.67
C GLY D 40 30.06 11.01 -21.07
N LEU D 41 29.26 10.21 -20.36
CA LEU D 41 27.87 9.99 -20.80
C LEU D 41 26.91 10.41 -19.70
N LYS D 42 25.80 10.98 -20.13
CA LYS D 42 24.70 11.27 -19.24
C LYS D 42 23.91 9.95 -19.18
N PRO D 43 23.08 9.74 -18.14
CA PRO D 43 22.32 8.47 -18.07
C PRO D 43 21.54 8.01 -19.32
N VAL D 44 20.87 8.94 -20.00
CA VAL D 44 20.08 8.56 -21.16
C VAL D 44 20.95 7.99 -22.28
N HIS D 45 22.14 8.58 -22.45
CA HIS D 45 23.00 8.11 -23.51
C HIS D 45 23.55 6.70 -23.21
N ARG D 46 23.97 6.47 -21.98
CA ARG D 46 24.53 5.20 -21.57
C ARG D 46 23.53 4.10 -21.84
N ARG D 47 22.27 4.34 -21.47
CA ARG D 47 21.18 3.40 -21.66
C ARG D 47 20.88 3.10 -23.12
N ILE D 48 20.95 4.12 -23.97
CA ILE D 48 20.76 3.92 -25.39
C ILE D 48 21.86 3.03 -25.95
N LEU D 49 23.11 3.32 -25.59
CA LEU D 49 24.24 2.52 -26.06
C LEU D 49 24.20 1.07 -25.59
N TYR D 50 23.90 0.88 -24.31
CA TYR D 50 23.80 -0.47 -23.73
C TYR D 50 22.63 -1.23 -24.33
N GLY D 51 21.52 -0.54 -24.56
CA GLY D 51 20.36 -1.14 -25.17
C GLY D 51 20.63 -1.61 -26.58
N LEU D 52 21.42 -0.85 -27.35
CA LEU D 52 21.83 -1.30 -28.67
C LEU D 52 22.66 -2.56 -28.56
N ASN D 53 23.56 -2.59 -27.58
CA ASN D 53 24.48 -3.70 -27.37
C ASN D 53 23.72 -4.96 -26.95
N GLU D 54 22.78 -4.82 -26.02
CA GLU D 54 21.96 -5.94 -25.55
C GLU D 54 21.03 -6.50 -26.64
N GLN D 55 20.51 -5.65 -27.49
CA GLN D 55 19.69 -6.11 -28.59
C GLN D 55 20.54 -6.57 -29.75
N GLY D 56 21.86 -6.43 -29.65
CA GLY D 56 22.77 -6.97 -30.65
C GLY D 56 22.87 -6.14 -31.91
N MET D 57 22.44 -4.90 -31.86
CA MET D 57 22.44 -4.00 -33.00
C MET D 57 23.84 -3.36 -33.23
N THR D 58 24.77 -4.18 -33.69
CA THR D 58 26.16 -3.79 -33.98
C THR D 58 26.34 -3.32 -35.45
N PRO D 59 27.50 -2.73 -35.80
CA PRO D 59 27.75 -2.21 -37.16
C PRO D 59 27.63 -3.23 -38.27
N ASP D 60 27.99 -4.50 -37.99
CA ASP D 60 27.96 -5.56 -38.98
C ASP D 60 26.54 -5.95 -39.37
N LYS D 61 25.65 -5.99 -38.37
CA LYS D 61 24.25 -6.32 -38.60
C LYS D 61 23.48 -5.10 -39.16
N SER D 62 22.27 -5.32 -39.68
CA SER D 62 21.48 -4.25 -40.34
C SER D 62 20.89 -3.21 -39.39
N TYR D 63 20.40 -2.12 -39.97
CA TYR D 63 19.76 -1.04 -39.20
C TYR D 63 18.43 -1.53 -38.62
N LYS D 64 18.14 -1.14 -37.39
CA LYS D 64 16.90 -1.50 -36.74
C LYS D 64 16.01 -0.24 -36.62
N LYS D 65 14.69 -0.42 -36.78
CA LYS D 65 13.69 0.66 -36.66
C LYS D 65 13.85 1.40 -35.34
N SER D 66 13.77 2.73 -35.41
CA SER D 66 13.96 3.57 -34.24
C SER D 66 12.89 3.33 -33.16
N ALA D 67 11.65 3.02 -33.56
CA ALA D 67 10.61 2.78 -32.61
C ALA D 67 10.88 1.56 -31.73
N ARG D 68 11.69 0.61 -32.24
CA ARG D 68 12.00 -0.61 -31.53
C ARG D 68 13.10 -0.35 -30.54
N ILE D 69 14.11 0.41 -30.97
CA ILE D 69 15.21 0.79 -30.09
C ILE D 69 14.69 1.60 -28.88
N VAL D 70 13.97 2.70 -29.18
CA VAL D 70 13.39 3.58 -28.17
C VAL D 70 12.49 2.80 -27.19
N GLY D 71 11.62 1.95 -27.74
CA GLY D 71 10.69 1.17 -26.93
C GLY D 71 11.42 0.21 -25.99
N ASP D 72 12.53 -0.35 -26.46
CA ASP D 72 13.33 -1.25 -25.68
C ASP D 72 13.97 -0.51 -24.51
N VAL D 73 14.64 0.60 -24.82
CA VAL D 73 15.27 1.45 -23.81
C VAL D 73 14.26 1.94 -22.77
N MET D 74 13.10 2.41 -23.22
CA MET D 74 12.03 2.87 -22.32
C MET D 74 11.53 1.79 -21.35
N GLY D 75 11.22 0.61 -21.89
CA GLY D 75 10.68 -0.52 -21.12
C GLY D 75 11.72 -1.06 -20.15
N LYS D 76 12.97 -1.07 -20.59
CA LYS D 76 14.02 -1.76 -19.85
C LYS D 76 14.82 -0.89 -18.88
N TYR D 77 15.13 0.33 -19.29
CA TYR D 77 16.07 1.16 -18.52
C TYR D 77 15.69 2.60 -18.20
N HIS D 78 15.01 3.28 -19.14
CA HIS D 78 14.73 4.73 -19.04
C HIS D 78 13.26 5.03 -18.86
N PRO D 79 12.80 5.22 -17.62
CA PRO D 79 11.35 5.41 -17.41
C PRO D 79 10.89 6.84 -17.70
N HIS D 80 11.13 7.31 -18.93
CA HIS D 80 10.77 8.68 -19.34
C HIS D 80 10.15 8.70 -20.74
N GLY D 81 9.64 9.86 -21.17
CA GLY D 81 8.97 10.02 -22.46
C GLY D 81 9.82 9.54 -23.63
N ASP D 82 9.14 8.93 -24.60
CA ASP D 82 9.80 8.41 -25.81
C ASP D 82 10.56 9.50 -26.60
N SER D 83 10.00 10.70 -26.68
CA SER D 83 10.63 11.82 -27.37
C SER D 83 11.97 12.25 -26.77
N SER D 84 12.12 12.17 -25.45
CA SER D 84 13.42 12.43 -24.80
C SER D 84 14.49 11.46 -25.27
N ILE D 85 14.16 10.16 -25.29
CA ILE D 85 15.09 9.07 -25.66
C ILE D 85 15.47 9.19 -27.13
N TYR D 86 14.47 9.34 -27.98
CA TYR D 86 14.71 9.46 -29.41
C TYR D 86 15.59 10.63 -29.76
N GLU D 87 15.32 11.81 -29.19
CA GLU D 87 16.05 13.06 -29.52
C GLU D 87 17.52 12.92 -29.11
N ALA D 88 17.76 12.26 -27.98
CA ALA D 88 19.13 12.01 -27.50
C ALA D 88 19.85 11.12 -28.48
N MET D 89 19.16 10.06 -28.96
CA MET D 89 19.73 9.09 -29.90
C MET D 89 20.09 9.76 -31.23
N VAL D 90 19.23 10.68 -31.66
CA VAL D 90 19.43 11.47 -32.88
C VAL D 90 20.74 12.28 -32.86
N ARG D 91 20.99 12.97 -31.74
N ARG D 91 20.99 12.97 -31.74
CA ARG D 91 22.14 13.84 -31.60
CA ARG D 91 22.14 13.84 -31.60
C ARG D 91 23.45 13.04 -31.71
C ARG D 91 23.45 13.04 -31.71
N MET D 92 23.45 11.84 -31.13
CA MET D 92 24.61 10.90 -31.17
C MET D 92 24.89 10.38 -32.59
N ALA D 93 23.90 10.56 -33.48
CA ALA D 93 24.01 10.15 -34.86
C ALA D 93 24.40 11.30 -35.78
N GLN D 94 24.38 12.53 -35.28
CA GLN D 94 24.66 13.73 -36.11
C GLN D 94 26.13 14.07 -36.22
N ASP D 95 26.64 14.10 -37.44
CA ASP D 95 28.09 14.38 -37.66
C ASP D 95 28.46 15.78 -37.33
N PHE D 96 27.50 16.71 -37.42
CA PHE D 96 27.78 18.10 -37.01
C PHE D 96 27.74 18.29 -35.51
N SER D 97 27.05 17.41 -34.81
CA SER D 97 26.96 17.49 -33.36
C SER D 97 28.08 16.75 -32.65
N TYR D 98 28.35 15.50 -33.04
CA TYR D 98 29.35 14.67 -32.36
C TYR D 98 30.62 14.53 -33.19
N ARG D 99 31.74 14.88 -32.53
CA ARG D 99 33.07 14.83 -33.17
C ARG D 99 33.43 13.41 -33.56
N TYR D 100 32.98 12.46 -32.73
CA TYR D 100 33.14 11.04 -32.98
C TYR D 100 31.79 10.41 -32.69
N PRO D 101 30.90 10.34 -33.72
CA PRO D 101 29.52 9.90 -33.52
C PRO D 101 29.40 8.46 -32.98
N LEU D 102 28.46 8.27 -32.04
CA LEU D 102 28.26 7.00 -31.40
C LEU D 102 27.08 6.16 -31.94
N VAL D 103 26.29 6.75 -32.85
CA VAL D 103 25.16 6.08 -33.47
C VAL D 103 25.24 6.30 -34.97
N ASP D 104 24.91 5.26 -35.74
CA ASP D 104 24.88 5.27 -37.20
C ASP D 104 23.42 5.23 -37.64
N GLY D 105 22.95 6.32 -38.25
CA GLY D 105 21.52 6.41 -38.58
C GLY D 105 21.19 6.32 -40.06
N GLN D 106 19.97 5.87 -40.36
CA GLN D 106 19.46 5.80 -41.73
C GLN D 106 18.19 6.63 -41.84
N GLY D 107 18.20 7.56 -42.80
CA GLY D 107 17.08 8.45 -43.03
C GLY D 107 17.36 9.86 -42.56
N ASN D 108 16.32 10.67 -42.43
CA ASN D 108 16.54 12.07 -42.09
C ASN D 108 16.77 12.21 -40.60
N PHE D 109 18.00 12.53 -40.24
CA PHE D 109 18.39 12.74 -38.84
C PHE D 109 18.68 14.20 -38.60
N GLY D 110 18.11 15.06 -39.42
CA GLY D 110 18.32 16.50 -39.32
C GLY D 110 19.53 17.01 -40.06
N SER D 111 19.68 18.34 -40.02
CA SER D 111 20.81 19.01 -40.64
C SER D 111 21.23 20.25 -39.81
N MET D 112 22.17 20.98 -40.40
CA MET D 112 22.74 22.18 -39.82
C MET D 112 21.75 23.33 -39.80
N ASP D 113 20.68 23.23 -40.60
CA ASP D 113 19.69 24.31 -40.71
C ASP D 113 18.68 24.31 -39.58
N GLY D 114 18.92 23.49 -38.56
CA GLY D 114 18.01 23.36 -37.44
C GLY D 114 16.85 22.41 -37.65
N ASP D 115 16.72 21.88 -38.90
CA ASP D 115 15.72 20.90 -39.30
C ASP D 115 15.80 19.72 -38.36
N GLY D 116 14.67 19.40 -37.72
CA GLY D 116 14.63 18.20 -36.86
C GLY D 116 14.67 16.91 -37.65
N ALA D 117 15.03 15.81 -37.00
CA ALA D 117 14.90 14.48 -37.61
C ALA D 117 13.44 14.11 -37.82
N ALA D 118 13.14 13.33 -38.86
CA ALA D 118 11.79 12.85 -39.07
C ALA D 118 11.38 11.89 -37.93
N ALA D 119 10.06 11.77 -37.70
CA ALA D 119 9.52 10.94 -36.62
C ALA D 119 10.14 9.55 -36.54
N MET D 120 10.14 8.97 -35.33
CA MET D 120 10.77 7.65 -35.07
C MET D 120 10.37 6.57 -36.12
N ARG D 121 9.11 6.62 -36.63
CA ARG D 121 8.61 5.68 -37.59
C ARG D 121 9.41 5.67 -38.90
N THR D 123 12.64 6.56 -39.35
CA THR D 123 14.10 6.44 -39.17
C THR D 123 14.52 5.07 -38.65
N GLU D 124 15.79 4.73 -38.87
CA GLU D 124 16.35 3.45 -38.42
C GLU D 124 17.82 3.66 -38.04
N ALA D 125 18.36 2.81 -37.18
CA ALA D 125 19.70 3.04 -36.61
C ALA D 125 20.37 1.81 -35.99
N ARG D 126 21.69 1.93 -35.80
CA ARG D 126 22.57 0.90 -35.17
C ARG D 126 23.81 1.61 -34.60
N MET D 127 24.63 0.91 -33.80
CA MET D 127 25.81 1.52 -33.25
C MET D 127 26.96 1.70 -34.26
N THR D 128 27.89 2.59 -33.94
CA THR D 128 29.04 2.85 -34.80
C THR D 128 30.20 1.96 -34.39
N LYS D 129 31.19 1.81 -35.26
CA LYS D 129 32.37 1.01 -34.93
C LYS D 129 33.08 1.52 -33.67
N ILE D 130 33.12 2.84 -33.47
CA ILE D 130 33.80 3.37 -32.29
C ILE D 130 33.08 3.05 -30.97
N THR D 131 31.75 2.95 -31.03
CA THR D 131 30.94 2.66 -29.86
C THR D 131 31.29 1.32 -29.27
N LEU D 132 31.69 0.37 -30.11
CA LEU D 132 32.18 -0.91 -29.65
C LEU D 132 33.34 -0.78 -28.68
N GLU D 133 34.17 0.22 -28.89
CA GLU D 133 35.29 0.49 -27.99
C GLU D 133 34.84 1.06 -26.66
N LEU D 134 33.65 1.64 -26.59
CA LEU D 134 33.11 2.08 -25.32
C LEU D 134 32.60 0.89 -24.51
N LEU D 135 32.09 -0.12 -25.23
CA LEU D 135 31.49 -1.31 -24.62
C LEU D 135 32.44 -2.47 -24.46
N ARG D 136 33.66 -2.34 -24.97
CA ARG D 136 34.66 -3.40 -24.98
C ARG D 136 35.00 -3.86 -23.56
N ASP D 137 34.86 -5.16 -23.33
CA ASP D 137 35.18 -5.81 -22.06
C ASP D 137 34.12 -5.68 -20.99
N ILE D 138 32.91 -5.26 -21.35
CA ILE D 138 31.82 -5.04 -20.37
C ILE D 138 31.40 -6.30 -19.63
N ASN D 139 31.52 -7.44 -20.31
CA ASN D 139 31.18 -8.72 -19.76
C ASN D 139 32.31 -9.51 -19.14
N LYS D 140 33.34 -8.79 -18.71
CA LYS D 140 34.49 -9.39 -18.07
C LYS D 140 34.70 -8.80 -16.68
N ASP D 141 33.60 -8.60 -15.95
CA ASP D 141 33.61 -7.90 -14.68
C ASP D 141 34.49 -6.61 -14.59
N THR D 142 34.50 -5.80 -15.63
CA THR D 142 35.29 -4.55 -15.62
C THR D 142 34.57 -3.39 -14.97
N ILE D 143 33.24 -3.34 -15.09
CA ILE D 143 32.41 -2.25 -14.48
C ILE D 143 31.29 -2.83 -13.59
N ASP D 144 30.72 -1.97 -12.74
CA ASP D 144 29.66 -2.39 -11.82
C ASP D 144 28.28 -2.29 -12.40
N PHE D 145 27.48 -3.32 -12.20
CA PHE D 145 26.09 -3.33 -12.67
C PHE D 145 25.13 -3.08 -11.51
N ILE D 146 24.13 -2.25 -11.73
CA ILE D 146 23.06 -2.00 -10.74
C ILE D 146 21.68 -2.45 -11.27
N ASP D 147 20.68 -2.52 -10.42
CA ASP D 147 19.32 -2.82 -10.86
C ASP D 147 18.70 -1.63 -11.52
N ASN D 148 17.75 -1.87 -12.43
CA ASN D 148 17.05 -0.80 -13.12
C ASN D 148 15.87 -0.32 -12.27
N TYR D 149 15.12 0.65 -12.80
CA TYR D 149 14.01 1.27 -12.07
C TYR D 149 12.97 0.30 -11.49
N ASP D 150 12.67 -0.79 -12.18
CA ASP D 150 11.67 -1.73 -11.69
C ASP D 150 12.23 -2.95 -10.97
N GLY D 151 13.52 -3.18 -11.09
CA GLY D 151 14.15 -4.38 -10.47
C GLY D 151 14.29 -5.60 -11.38
N ASN D 152 13.54 -5.61 -12.48
CA ASN D 152 13.51 -6.74 -13.42
C ASN D 152 14.75 -6.94 -14.26
N GLU D 153 15.47 -5.87 -14.53
CA GLU D 153 16.73 -5.95 -15.29
C GLU D 153 17.90 -5.33 -14.51
N ARG D 154 19.11 -5.53 -15.04
CA ARG D 154 20.34 -5.00 -14.50
C ARG D 154 20.98 -4.16 -15.57
N GLU D 155 21.64 -3.08 -15.18
CA GLU D 155 22.28 -2.15 -16.12
C GLU D 155 23.61 -1.63 -15.61
N PRO D 156 24.49 -1.23 -16.53
CA PRO D 156 25.83 -0.73 -16.17
C PRO D 156 25.80 0.61 -15.46
N SER D 157 26.59 0.74 -14.40
CA SER D 157 26.74 2.00 -13.69
C SER D 157 27.57 2.98 -14.48
N VAL D 158 28.54 2.44 -15.22
CA VAL D 158 29.41 3.23 -16.10
C VAL D 158 29.87 2.26 -17.19
N LEU D 159 30.39 2.79 -18.30
CA LEU D 159 30.88 1.92 -19.37
C LEU D 159 32.38 1.87 -19.34
N PRO D 160 32.99 0.74 -19.81
CA PRO D 160 34.47 0.62 -19.86
C PRO D 160 35.20 1.77 -20.56
N ALA D 161 34.61 2.31 -21.63
CA ALA D 161 35.13 3.50 -22.29
C ALA D 161 36.63 3.45 -22.60
N ARG D 162 37.00 2.63 -23.55
CA ARG D 162 38.40 2.48 -23.92
C ARG D 162 39.04 3.64 -24.59
N PHE D 163 38.23 4.60 -25.05
CA PHE D 163 38.75 5.92 -25.50
C PHE D 163 38.15 7.06 -24.65
N PRO D 164 38.93 8.16 -24.42
CA PRO D 164 38.49 9.29 -23.51
C PRO D 164 37.35 10.17 -24.00
N ASN D 165 36.11 9.66 -23.85
CA ASN D 165 34.89 10.17 -24.53
C ASN D 165 34.43 11.53 -24.04
N LEU D 166 34.57 11.83 -22.74
CA LEU D 166 34.19 13.14 -22.18
C LEU D 166 34.82 14.32 -22.90
N LEU D 167 36.12 14.27 -23.16
CA LEU D 167 36.80 15.34 -23.87
C LEU D 167 36.66 15.23 -25.37
N ALA D 168 36.60 13.99 -25.86
CA ALA D 168 36.53 13.70 -27.29
C ALA D 168 35.27 14.26 -27.92
N ASN D 169 34.12 13.95 -27.29
CA ASN D 169 32.81 14.34 -27.81
C ASN D 169 32.26 15.57 -27.11
N GLY D 170 32.78 15.86 -25.93
CA GLY D 170 32.32 17.01 -25.17
C GLY D 170 31.02 16.79 -24.46
N ALA D 171 30.56 17.81 -23.74
CA ALA D 171 29.27 17.76 -23.04
C ALA D 171 28.63 19.14 -22.98
N SER D 172 27.30 19.15 -22.92
CA SER D 172 26.51 20.36 -22.86
C SER D 172 25.19 20.06 -22.11
N GLY D 173 25.16 20.31 -20.82
CA GLY D 173 23.96 20.05 -20.02
C GLY D 173 23.58 21.21 -19.08
N ILE D 174 22.28 21.47 -18.93
CA ILE D 174 21.77 22.47 -18.01
C ILE D 174 21.10 21.78 -16.84
N ALA D 175 21.68 21.93 -15.65
CA ALA D 175 21.12 21.24 -14.46
C ALA D 175 20.29 22.15 -13.60
N VAL D 176 20.47 22.10 -12.28
CA VAL D 176 19.88 23.01 -11.32
C VAL D 176 21.02 23.40 -10.43
N GLY D 177 21.22 24.69 -10.21
CA GLY D 177 22.36 25.12 -9.39
C GLY D 177 23.56 25.36 -10.29
N MET D 178 23.66 24.62 -11.38
CA MET D 178 24.86 24.62 -12.22
C MET D 178 24.56 24.13 -13.60
N ALA D 179 25.55 24.24 -14.48
CA ALA D 179 25.43 23.74 -15.85
C ALA D 179 26.79 23.29 -16.29
N THR D 180 26.88 22.64 -17.45
CA THR D 180 28.17 22.19 -17.96
C THR D 180 28.33 22.45 -19.46
N ASN D 181 29.54 22.81 -19.85
CA ASN D 181 29.83 23.03 -21.26
C ASN D 181 31.28 22.63 -21.52
N ILE D 182 31.48 21.47 -22.13
CA ILE D 182 32.82 20.96 -22.45
C ILE D 182 32.92 20.85 -23.95
N PRO D 183 33.97 21.44 -24.55
CA PRO D 183 34.08 21.34 -26.01
C PRO D 183 34.63 19.97 -26.48
N PRO D 184 34.35 19.57 -27.74
CA PRO D 184 34.95 18.34 -28.27
C PRO D 184 36.41 18.50 -28.62
N HIS D 185 37.13 17.38 -28.66
CA HIS D 185 38.57 17.35 -28.92
C HIS D 185 38.99 16.29 -29.93
N ASN D 186 40.18 16.46 -30.50
CA ASN D 186 40.78 15.49 -31.39
C ASN D 186 41.28 14.31 -30.60
N LEU D 187 40.93 13.11 -31.06
CA LEU D 187 41.25 11.88 -30.35
C LEU D 187 42.76 11.57 -30.35
N THR D 188 43.43 11.80 -31.48
CA THR D 188 44.88 11.57 -31.56
C THR D 188 45.61 12.39 -30.53
N GLU D 189 45.28 13.68 -30.49
CA GLU D 189 45.88 14.59 -29.54
C GLU D 189 45.62 14.16 -28.09
N LEU D 190 44.40 13.76 -27.80
CA LEU D 190 44.02 13.36 -26.45
C LEU D 190 44.83 12.18 -25.97
N ILE D 191 44.80 11.09 -26.72
CA ILE D 191 45.51 9.88 -26.35
C ILE D 191 47.01 10.18 -26.14
N ASN D 192 47.59 10.98 -27.02
CA ASN D 192 48.97 11.38 -26.89
C ASN D 192 49.23 12.09 -25.56
N GLY D 193 48.32 12.97 -25.20
CA GLY D 193 48.37 13.63 -23.91
C GLY D 193 48.20 12.67 -22.78
N VAL D 194 47.37 11.64 -22.97
CA VAL D 194 47.14 10.65 -21.93
C VAL D 194 48.38 9.82 -21.71
N LEU D 195 49.02 9.42 -22.79
CA LEU D 195 50.26 8.65 -22.69
C LEU D 195 51.34 9.49 -22.00
N SER D 196 51.41 10.77 -22.35
CA SER D 196 52.39 11.70 -21.76
C SER D 196 52.21 11.83 -20.26
N LEU D 197 50.96 11.88 -19.83
CA LEU D 197 50.62 12.03 -18.43
C LEU D 197 50.94 10.76 -17.63
N SER D 198 50.74 9.61 -18.25
CA SER D 198 50.91 8.33 -17.58
C SER D 198 52.36 8.09 -17.31
N LYS D 199 53.23 8.61 -18.21
CA LYS D 199 54.69 8.47 -18.06
C LYS D 199 55.22 9.32 -16.91
N ASN D 200 54.63 10.50 -16.74
CA ASN D 200 55.07 11.45 -15.75
C ASN D 200 53.87 12.16 -15.12
N PRO D 201 53.52 11.79 -13.87
CA PRO D 201 52.43 12.37 -13.12
C PRO D 201 52.60 13.87 -12.80
N ASP D 202 53.81 14.39 -12.87
CA ASP D 202 54.15 15.76 -12.51
C ASP D 202 54.15 16.70 -13.73
N ILE D 203 53.50 16.25 -14.81
CA ILE D 203 53.40 17.03 -16.03
C ILE D 203 52.55 18.31 -15.84
N SER D 204 52.98 19.41 -16.45
CA SER D 204 52.25 20.69 -16.38
C SER D 204 51.21 20.80 -17.47
N ILE D 205 50.26 21.71 -17.28
CA ILE D 205 49.21 21.92 -18.29
C ILE D 205 49.83 22.49 -19.54
N ALA D 206 50.89 23.28 -19.36
CA ALA D 206 51.64 23.80 -20.49
C ALA D 206 52.18 22.64 -21.31
N GLU D 207 52.74 21.64 -20.62
CA GLU D 207 53.33 20.46 -21.26
C GLU D 207 52.26 19.60 -21.92
N LEU D 208 51.08 19.52 -21.32
CA LEU D 208 49.96 18.76 -21.88
C LEU D 208 49.49 19.42 -23.17
N MET D 209 49.56 20.75 -23.22
CA MET D 209 49.15 21.52 -24.38
C MET D 209 50.02 21.32 -25.61
N GLU D 210 51.24 20.87 -25.41
CA GLU D 210 52.08 20.47 -26.54
C GLU D 210 51.43 19.29 -27.28
N ASP D 211 50.80 18.39 -26.54
CA ASP D 211 50.04 17.30 -27.15
C ASP D 211 48.65 17.68 -27.58
N ILE D 212 47.89 18.36 -26.73
CA ILE D 212 46.52 18.82 -27.01
C ILE D 212 46.49 20.33 -27.24
N GLU D 213 46.42 20.71 -28.51
CA GLU D 213 46.53 22.09 -28.95
C GLU D 213 45.30 22.91 -28.57
N GLY D 214 44.15 22.25 -28.46
CA GLY D 214 42.90 22.92 -28.14
C GLY D 214 41.70 22.07 -28.57
N PRO D 215 40.49 22.62 -28.48
CA PRO D 215 39.29 21.92 -28.93
C PRO D 215 39.29 21.71 -30.41
N ASP D 216 38.68 20.63 -30.86
CA ASP D 216 38.52 20.34 -32.26
C ASP D 216 37.05 20.04 -32.47
N PHE D 217 36.37 20.96 -33.15
CA PHE D 217 34.93 20.86 -33.37
C PHE D 217 34.64 20.11 -34.65
N PRO D 218 33.54 19.31 -34.65
CA PRO D 218 33.21 18.54 -35.83
C PRO D 218 32.94 19.39 -37.02
N THR D 219 32.46 20.63 -36.80
CA THR D 219 32.09 21.56 -37.86
C THR D 219 33.29 22.36 -38.39
N ALA D 220 34.49 21.98 -37.96
CA ALA D 220 35.75 22.68 -38.22
C ALA D 220 35.74 24.15 -37.77
N GLY D 221 36.17 25.06 -38.64
CA GLY D 221 36.20 26.48 -38.32
C GLY D 221 37.54 26.88 -37.77
N LEU D 222 37.59 28.02 -37.10
CA LEU D 222 38.81 28.56 -36.52
C LEU D 222 38.63 29.03 -35.13
N ILE D 223 39.66 28.78 -34.31
CA ILE D 223 39.76 29.38 -32.98
C ILE D 223 40.75 30.55 -33.00
N LEU D 224 40.30 31.70 -32.54
CA LEU D 224 41.14 32.88 -32.45
C LEU D 224 42.03 32.92 -31.18
N GLY D 225 43.32 32.57 -31.36
CA GLY D 225 44.32 32.68 -30.30
C GLY D 225 44.37 31.51 -29.35
N LYS D 226 45.47 31.37 -28.63
CA LYS D 226 45.57 30.38 -27.53
C LYS D 226 45.07 30.92 -26.16
N SER D 227 44.87 32.24 -26.08
CA SER D 227 44.69 32.89 -24.76
C SER D 227 43.49 32.38 -23.97
N GLY D 228 42.35 32.26 -24.64
CA GLY D 228 41.12 31.81 -23.99
C GLY D 228 41.21 30.34 -23.62
N ILE D 229 41.80 29.53 -24.51
CA ILE D 229 41.96 28.10 -24.28
C ILE D 229 42.80 27.84 -23.01
N ARG D 230 43.91 28.55 -22.82
CA ARG D 230 44.84 28.31 -21.71
C ARG D 230 44.16 28.49 -20.35
N ARG D 231 43.37 29.58 -20.23
CA ARG D 231 42.59 29.79 -19.03
C ARG D 231 41.62 28.64 -18.81
N ALA D 232 40.99 28.17 -19.90
CA ALA D 232 40.03 27.09 -19.83
C ALA D 232 40.62 25.77 -19.30
N TYR D 233 41.81 25.45 -19.78
CA TYR D 233 42.45 24.21 -19.38
C TYR D 233 43.02 24.26 -17.97
N GLU D 234 43.51 25.43 -17.59
CA GLU D 234 44.11 25.60 -16.28
C GLU D 234 43.08 25.73 -15.18
N THR D 235 41.99 26.43 -15.46
CA THR D 235 41.01 26.71 -14.41
C THR D 235 39.70 25.93 -14.55
N GLY D 236 39.45 25.40 -15.74
CA GLY D 236 38.24 24.66 -16.05
C GLY D 236 37.13 25.53 -16.56
N ARG D 237 37.47 26.80 -16.77
CA ARG D 237 36.49 27.83 -17.18
C ARG D 237 37.19 28.80 -18.10
N GLY D 238 36.51 29.23 -19.16
CA GLY D 238 37.14 30.07 -20.18
C GLY D 238 36.26 30.31 -21.37
N SER D 239 36.53 31.40 -22.09
CA SER D 239 35.74 31.77 -23.25
C SER D 239 36.60 31.73 -24.50
N ILE D 240 36.17 30.94 -25.48
CA ILE D 240 36.98 30.65 -26.66
C ILE D 240 36.27 31.22 -27.91
N GLN D 241 36.99 32.07 -28.66
CA GLN D 241 36.47 32.72 -29.84
C GLN D 241 36.46 31.81 -31.06
N MET D 242 35.29 31.64 -31.67
CA MET D 242 35.15 30.76 -32.85
C MET D 242 34.70 31.60 -34.03
N ARG D 243 35.47 31.57 -35.11
CA ARG D 243 35.15 32.36 -36.27
C ARG D 243 35.01 31.45 -37.49
N SER D 244 34.07 31.80 -38.36
CA SER D 244 33.82 31.08 -39.62
C SER D 244 34.98 31.19 -40.58
N ARG D 245 35.18 30.18 -41.41
CA ARG D 245 36.19 30.24 -42.45
C ARG D 245 35.63 30.95 -43.68
N ALA D 246 36.10 32.20 -43.92
CA ALA D 246 35.66 32.99 -45.05
C ALA D 246 36.84 33.49 -45.90
N VAL D 247 36.65 33.53 -47.21
CA VAL D 247 37.65 34.05 -48.14
C VAL D 247 37.02 35.19 -48.96
N ILE D 248 37.82 36.23 -49.25
CA ILE D 248 37.34 37.32 -50.11
C ILE D 248 37.78 37.05 -51.56
N GLU D 249 36.83 36.71 -52.41
CA GLU D 249 37.11 36.30 -53.79
C GLU D 249 36.91 37.49 -54.72
N GLU D 250 37.91 37.71 -55.60
CA GLU D 250 37.93 38.90 -56.45
C GLU D 250 37.52 38.63 -57.88
N ARG D 251 36.59 39.45 -58.41
CA ARG D 251 35.93 39.13 -59.67
C ARG D 251 36.22 40.20 -60.70
N GLY D 252 35.64 40.03 -61.88
CA GLY D 252 35.81 40.96 -62.99
C GLY D 252 35.14 42.30 -62.73
N GLY D 253 35.82 43.36 -63.18
CA GLY D 253 35.30 44.72 -63.09
C GLY D 253 35.35 45.29 -61.69
N GLY D 254 36.24 44.76 -60.86
CA GLY D 254 36.42 45.23 -59.48
C GLY D 254 35.39 44.73 -58.46
N ARG D 255 34.38 44.00 -58.98
CA ARG D 255 33.36 43.38 -58.18
C ARG D 255 34.03 42.28 -57.26
N GLN D 256 33.43 42.07 -56.10
CA GLN D 256 33.95 41.12 -55.12
C GLN D 256 32.85 40.22 -54.56
N ARG D 257 33.25 39.12 -53.93
CA ARG D 257 32.34 38.27 -53.16
C ARG D 257 33.00 37.64 -51.96
N ILE D 258 32.20 37.41 -50.92
CA ILE D 258 32.64 36.68 -49.72
C ILE D 258 32.09 35.24 -49.76
N VAL D 259 32.98 34.28 -49.53
CA VAL D 259 32.58 32.85 -49.53
C VAL D 259 32.82 32.19 -48.16
N VAL D 260 31.79 31.57 -47.58
CA VAL D 260 31.90 30.93 -46.26
C VAL D 260 31.85 29.42 -46.37
N THR D 261 32.92 28.75 -45.97
CA THR D 261 33.07 27.31 -46.19
C THR D 261 32.91 26.51 -44.88
N GLU D 262 33.12 27.14 -43.74
CA GLU D 262 32.92 26.51 -42.42
C GLU D 262 32.22 27.47 -41.48
N ILE D 263 31.32 26.99 -40.63
CA ILE D 263 30.70 27.90 -39.64
C ILE D 263 30.94 27.40 -38.23
N PRO D 264 30.67 28.24 -37.21
CA PRO D 264 30.98 27.85 -35.81
C PRO D 264 30.12 26.72 -35.31
N PHE D 265 30.64 26.07 -34.29
CA PHE D 265 29.99 24.91 -33.67
C PHE D 265 28.68 25.33 -33.01
N GLN D 266 27.66 24.49 -33.15
CA GLN D 266 26.33 24.72 -32.60
C GLN D 266 25.60 25.90 -33.16
N VAL D 267 26.06 26.49 -34.25
CA VAL D 267 25.43 27.68 -34.83
C VAL D 267 24.49 27.21 -35.94
N ASN D 268 23.23 27.64 -35.85
CA ASN D 268 22.22 27.28 -36.86
C ASN D 268 22.45 28.03 -38.16
N LYS D 269 22.74 27.33 -39.25
CA LYS D 269 23.06 27.96 -40.55
C LYS D 269 21.94 28.82 -41.12
N ALA D 270 20.73 28.25 -41.09
CA ALA D 270 19.56 28.95 -41.57
C ALA D 270 19.28 30.27 -40.80
N ARG D 271 19.35 30.18 -39.46
CA ARG D 271 19.10 31.33 -38.60
C ARG D 271 20.15 32.42 -38.79
N MET D 272 21.39 32.04 -39.07
CA MET D 272 22.46 33.00 -39.33
C MET D 272 22.16 33.78 -40.58
N ILE D 273 21.76 33.08 -41.62
CA ILE D 273 21.36 33.69 -42.90
C ILE D 273 20.19 34.67 -42.70
N GLU D 274 19.17 34.26 -41.98
CA GLU D 274 18.04 35.10 -41.66
C GLU D 274 18.46 36.35 -40.89
N LYS D 275 19.48 36.22 -40.04
CA LYS D 275 20.01 37.36 -39.25
C LYS D 275 20.71 38.39 -40.13
N ILE D 276 21.46 37.91 -41.13
CA ILE D 276 22.13 38.78 -42.07
C ILE D 276 21.07 39.49 -42.91
N ALA D 277 20.14 38.72 -43.46
CA ALA D 277 19.00 39.25 -44.24
C ALA D 277 18.23 40.35 -43.51
N GLU D 278 18.02 40.17 -42.19
CA GLU D 278 17.36 41.16 -41.35
C GLU D 278 18.20 42.44 -41.28
N LEU D 279 19.55 42.31 -41.27
CA LEU D 279 20.41 43.46 -41.24
C LEU D 279 20.42 44.28 -42.53
N VAL D 280 20.34 43.61 -43.69
CA VAL D 280 20.30 44.30 -44.98
C VAL D 280 18.93 44.99 -45.17
N ARG D 281 17.85 44.32 -44.76
CA ARG D 281 16.49 44.89 -44.85
C ARG D 281 16.33 46.11 -43.97
N ASP D 282 16.83 46.02 -42.74
CA ASP D 282 16.72 47.07 -41.72
C ASP D 282 17.82 48.14 -41.89
N LYS D 283 18.64 48.00 -42.94
CA LYS D 283 19.76 48.89 -43.30
C LYS D 283 20.83 49.07 -42.16
N LYS D 284 20.96 48.04 -41.32
CA LYS D 284 21.96 48.02 -40.25
C LYS D 284 23.33 47.56 -40.77
N ILE D 285 23.41 47.01 -41.97
CA ILE D 285 24.68 46.73 -42.66
C ILE D 285 24.61 47.26 -44.11
N ASP D 286 25.69 47.86 -44.60
CA ASP D 286 25.69 48.42 -45.98
C ASP D 286 26.80 47.85 -46.86
N GLY D 287 26.42 47.42 -48.08
CA GLY D 287 27.35 46.83 -49.05
C GLY D 287 26.90 45.56 -49.74
N ILE D 288 25.97 44.82 -49.12
CA ILE D 288 25.59 43.50 -49.63
C ILE D 288 24.51 43.62 -50.70
N THR D 289 24.71 42.90 -51.81
CA THR D 289 23.78 42.91 -52.91
C THR D 289 22.94 41.66 -52.98
N ASP D 290 23.54 40.51 -52.67
CA ASP D 290 22.87 39.22 -52.76
C ASP D 290 23.47 38.20 -51.77
N LEU D 291 22.62 37.37 -51.18
CA LEU D 291 23.05 36.34 -50.22
C LEU D 291 22.54 34.98 -50.70
N ARG D 292 23.42 34.02 -50.93
CA ARG D 292 23.02 32.70 -51.41
C ARG D 292 23.66 31.57 -50.60
N ASP D 293 22.93 30.45 -50.47
CA ASP D 293 23.41 29.22 -49.79
C ASP D 293 23.50 28.05 -50.79
N GLU D 294 24.71 27.80 -51.27
CA GLU D 294 25.03 26.81 -52.26
C GLU D 294 25.61 25.54 -51.62
N THR D 295 25.07 25.20 -50.47
CA THR D 295 25.56 24.04 -49.70
C THR D 295 25.06 22.76 -50.35
N SER D 296 25.97 21.85 -50.64
CA SER D 296 25.67 20.55 -51.26
C SER D 296 26.52 19.47 -50.62
N LEU D 297 26.25 18.22 -50.91
CA LEU D 297 27.02 17.12 -50.36
C LEU D 297 28.43 17.10 -50.93
N ARG D 298 28.58 17.45 -52.20
CA ARG D 298 29.88 17.58 -52.87
C ARG D 298 30.73 18.70 -52.28
N THR D 299 30.16 19.90 -52.17
CA THR D 299 30.89 21.08 -51.70
C THR D 299 30.99 21.26 -50.20
N GLY D 300 30.15 20.57 -49.43
CA GLY D 300 30.02 20.89 -48.00
C GLY D 300 29.25 22.18 -47.78
N VAL D 301 29.60 22.99 -46.79
CA VAL D 301 28.99 24.32 -46.61
C VAL D 301 29.52 25.33 -47.61
N ARG D 302 28.62 26.00 -48.29
CA ARG D 302 28.99 27.07 -49.22
C ARG D 302 27.99 28.21 -49.12
N VAL D 303 28.37 29.33 -48.51
CA VAL D 303 27.52 30.50 -48.38
C VAL D 303 28.20 31.66 -49.08
N VAL D 304 27.58 32.15 -50.14
CA VAL D 304 28.15 33.25 -50.93
C VAL D 304 27.42 34.57 -50.71
N ILE D 305 28.18 35.62 -50.40
CA ILE D 305 27.66 36.98 -50.23
C ILE D 305 28.33 37.89 -51.26
N ASP D 306 27.52 38.47 -52.15
CA ASP D 306 28.03 39.38 -53.19
C ASP D 306 28.07 40.83 -52.71
N VAL D 307 29.24 41.42 -52.83
CA VAL D 307 29.47 42.81 -52.39
C VAL D 307 29.18 43.75 -53.55
N ARG D 308 28.72 44.97 -53.24
CA ARG D 308 28.51 46.07 -54.22
C ARG D 308 29.81 46.42 -54.94
N LYS D 309 29.76 47.08 -56.08
CA LYS D 309 30.99 47.53 -56.73
C LYS D 309 31.91 48.43 -55.84
N ASP D 310 31.34 49.42 -55.15
CA ASP D 310 32.13 50.36 -54.34
C ASP D 310 32.65 49.79 -53.00
N ALA D 311 31.97 48.84 -52.41
CA ALA D 311 32.13 48.40 -51.05
C ALA D 311 33.45 47.65 -50.79
N ASN D 312 34.04 47.86 -49.61
CA ASN D 312 35.25 47.15 -49.24
C ASN D 312 34.89 45.91 -48.47
N ALA D 313 34.85 44.78 -49.16
CA ALA D 313 34.49 43.47 -48.63
C ALA D 313 35.18 43.11 -47.29
N SER D 314 36.41 43.57 -47.11
CA SER D 314 37.11 43.42 -45.83
C SER D 314 36.34 44.05 -44.69
N VAL D 315 35.81 45.25 -44.95
CA VAL D 315 35.05 46.02 -43.98
C VAL D 315 33.77 45.30 -43.65
N ILE D 316 33.04 44.88 -44.70
CA ILE D 316 31.78 44.16 -44.50
C ILE D 316 31.97 42.85 -43.74
N LEU D 317 32.99 42.07 -44.12
CA LEU D 317 33.25 40.79 -43.46
C LEU D 317 33.51 41.01 -41.98
N ASN D 318 34.31 42.02 -41.64
CA ASN D 318 34.59 42.33 -40.24
C ASN D 318 33.39 42.79 -39.45
N ASN D 319 32.49 43.49 -40.13
CA ASN D 319 31.19 43.91 -39.55
C ASN D 319 30.34 42.70 -39.24
N LEU D 320 30.37 41.72 -40.12
CA LEU D 320 29.58 40.49 -39.97
C LEU D 320 29.98 39.64 -38.75
N TYR D 321 31.28 39.61 -38.45
CA TYR D 321 31.79 38.91 -37.28
C TYR D 321 31.26 39.56 -36.01
N LYS D 322 31.25 40.90 -36.03
CA LYS D 322 30.82 41.73 -34.91
C LYS D 322 29.30 41.68 -34.75
N GLN D 323 28.55 41.50 -35.84
CA GLN D 323 27.08 41.63 -35.82
C GLN D 323 26.27 40.33 -35.88
N THR D 324 26.83 39.27 -36.44
CA THR D 324 26.10 38.01 -36.63
C THR D 324 26.83 36.82 -36.01
N PRO D 325 26.20 35.62 -35.96
CA PRO D 325 26.85 34.41 -35.40
C PRO D 325 27.95 33.82 -36.28
N LEU D 326 28.44 34.62 -37.22
CA LEU D 326 29.58 34.27 -38.06
C LEU D 326 30.83 34.16 -37.19
N GLN D 327 30.82 34.87 -36.07
CA GLN D 327 31.78 34.72 -35.00
C GLN D 327 30.97 34.58 -33.72
N THR D 328 31.26 33.54 -32.95
CA THR D 328 30.52 33.17 -31.75
C THR D 328 31.56 32.72 -30.71
N SER D 329 31.27 32.89 -29.44
CA SER D 329 32.16 32.38 -28.40
C SER D 329 31.62 31.09 -27.81
N PHE D 330 32.51 30.17 -27.47
CA PHE D 330 32.13 29.01 -26.68
C PHE D 330 32.56 29.24 -25.22
N GLY D 331 31.61 29.18 -24.31
CA GLY D 331 31.98 29.38 -22.91
C GLY D 331 32.17 28.09 -22.16
N VAL D 332 33.41 27.65 -22.07
CA VAL D 332 33.81 26.44 -21.35
C VAL D 332 33.48 26.50 -19.83
N ASN D 333 32.88 25.45 -19.34
CA ASN D 333 32.43 25.33 -17.95
C ASN D 333 32.50 23.82 -17.69
N MET D 334 33.67 23.36 -17.29
CA MET D 334 33.95 21.91 -17.22
C MET D 334 33.52 21.24 -15.91
N ILE D 335 32.22 21.04 -15.76
CA ILE D 335 31.69 20.28 -14.64
C ILE D 335 31.33 18.88 -15.09
N ALA D 336 31.92 17.89 -14.41
CA ALA D 336 31.61 16.48 -14.65
C ALA D 336 31.34 15.80 -13.31
N LEU D 337 30.73 14.62 -13.35
CA LEU D 337 30.46 13.90 -12.12
C LEU D 337 31.70 13.09 -11.74
N VAL D 338 32.29 13.48 -10.62
CA VAL D 338 33.48 12.83 -10.14
C VAL D 338 33.15 12.25 -8.76
N ASN D 339 33.31 10.94 -8.61
CA ASN D 339 32.82 10.17 -7.45
C ASN D 339 31.37 10.40 -7.11
N GLY D 340 30.56 10.53 -8.18
CA GLY D 340 29.10 10.76 -8.10
C GLY D 340 28.62 12.07 -7.47
N ARG D 341 29.52 13.04 -7.49
CA ARG D 341 29.22 14.40 -7.08
C ARG D 341 29.72 15.32 -8.21
N PRO D 342 29.00 16.46 -8.43
CA PRO D 342 29.46 17.44 -9.42
C PRO D 342 30.74 18.13 -8.99
N LYS D 343 31.63 18.42 -9.92
CA LYS D 343 32.94 19.01 -9.61
C LYS D 343 33.46 19.78 -10.80
N LEU D 344 33.98 21.00 -10.56
CA LEU D 344 34.60 21.76 -11.65
C LEU D 344 36.02 21.27 -11.80
N ILE D 345 36.34 20.74 -12.95
CA ILE D 345 37.64 20.14 -13.19
C ILE D 345 38.40 20.87 -14.29
N ASN D 346 39.72 20.87 -14.18
CA ASN D 346 40.60 21.39 -15.22
C ASN D 346 40.97 20.26 -16.19
N LEU D 347 41.80 20.55 -17.19
CA LEU D 347 42.22 19.53 -18.14
C LEU D 347 42.98 18.38 -17.51
N LYS D 348 43.95 18.67 -16.65
CA LYS D 348 44.71 17.59 -16.04
C LYS D 348 43.84 16.66 -15.17
N GLU D 349 42.91 17.24 -14.39
CA GLU D 349 42.07 16.41 -13.54
C GLU D 349 41.21 15.40 -14.36
N ALA D 350 40.69 15.88 -15.50
CA ALA D 350 39.91 15.10 -16.43
C ALA D 350 40.73 13.94 -16.95
N LEU D 351 41.97 14.22 -17.35
CA LEU D 351 42.84 13.19 -17.86
C LEU D 351 43.27 12.21 -16.75
N VAL D 352 43.50 12.73 -15.54
CA VAL D 352 43.88 11.86 -14.45
C VAL D 352 42.76 10.87 -14.12
N HIS D 353 41.52 11.36 -14.01
CA HIS D 353 40.39 10.49 -13.69
C HIS D 353 40.12 9.43 -14.74
N TYR D 354 40.26 9.79 -16.01
CA TYR D 354 40.02 8.85 -17.08
C TYR D 354 41.10 7.79 -17.05
N LEU D 355 42.37 8.20 -16.89
CA LEU D 355 43.46 7.23 -16.82
C LEU D 355 43.25 6.21 -15.72
N GLU D 356 42.79 6.65 -14.56
CA GLU D 356 42.54 5.76 -13.43
C GLU D 356 41.44 4.76 -13.77
N HIS D 357 40.40 5.22 -14.46
CA HIS D 357 39.32 4.34 -14.95
C HIS D 357 39.89 3.22 -15.86
N GLN D 358 40.77 3.59 -16.77
CA GLN D 358 41.42 2.62 -17.60
C GLN D 358 42.26 1.63 -16.81
N LYS D 359 43.06 2.13 -15.88
CA LYS D 359 43.91 1.29 -15.02
C LYS D 359 43.03 0.30 -14.30
N THR D 360 41.92 0.77 -13.72
CA THR D 360 41.03 -0.07 -12.95
C THR D 360 40.30 -1.07 -13.82
N VAL D 361 39.84 -0.60 -14.98
CA VAL D 361 39.15 -1.50 -15.92
C VAL D 361 40.10 -2.66 -16.32
N VAL D 362 41.33 -2.33 -16.70
CA VAL D 362 42.28 -3.35 -17.12
C VAL D 362 42.65 -4.31 -15.99
N ARG D 363 42.80 -3.77 -14.80
CA ARG D 363 43.09 -4.62 -13.66
C ARG D 363 41.96 -5.64 -13.39
N ARG D 364 40.74 -5.14 -13.41
CA ARG D 364 39.55 -5.95 -13.18
C ARG D 364 39.34 -7.06 -14.24
N ARG D 365 39.63 -6.70 -15.49
CA ARG D 365 39.52 -7.66 -16.59
C ARG D 365 40.55 -8.77 -16.41
N THR D 366 41.77 -8.38 -16.00
CA THR D 366 42.86 -9.30 -15.79
C THR D 366 42.53 -10.24 -14.64
N GLN D 367 41.95 -9.69 -13.57
CA GLN D 367 41.55 -10.53 -12.44
C GLN D 367 40.46 -11.53 -12.81
N TYR D 368 39.53 -11.09 -13.65
CA TYR D 368 38.47 -11.95 -14.15
C TYR D 368 39.04 -13.11 -14.99
N ASN D 369 39.90 -12.78 -15.93
CA ASN D 369 40.52 -13.79 -16.80
C ASN D 369 41.29 -14.82 -16.00
N LEU D 370 41.99 -14.36 -14.97
CA LEU D 370 42.70 -15.24 -14.11
C LEU D 370 41.78 -16.24 -13.38
N ARG D 371 40.68 -15.77 -12.82
CA ARG D 371 39.73 -16.65 -12.11
C ARG D 371 39.25 -17.72 -13.08
N LYS D 372 38.91 -17.33 -14.32
CA LYS D 372 38.45 -18.27 -15.33
C LYS D 372 39.52 -19.25 -15.69
N ALA D 373 40.73 -18.74 -15.92
CA ALA D 373 41.87 -19.57 -16.35
C ALA D 373 42.17 -20.63 -15.32
N LYS D 374 42.21 -20.22 -14.06
CA LYS D 374 42.49 -21.14 -12.98
C LYS D 374 41.41 -22.17 -12.83
N ASP D 375 40.16 -21.77 -13.01
CA ASP D 375 39.04 -22.70 -12.93
C ASP D 375 39.18 -23.77 -13.99
N ARG D 376 39.47 -23.33 -15.21
CA ARG D 376 39.61 -24.22 -16.33
C ARG D 376 40.81 -25.14 -16.15
N ALA D 377 41.92 -24.60 -15.66
CA ALA D 377 43.14 -25.39 -15.43
C ALA D 377 42.84 -26.51 -14.44
N HIS D 378 42.20 -26.16 -13.33
CA HIS D 378 41.78 -27.12 -12.31
C HIS D 378 40.93 -28.23 -12.95
N ILE D 379 39.98 -27.84 -13.80
CA ILE D 379 39.17 -28.81 -14.52
C ILE D 379 40.02 -29.69 -15.42
N LEU D 380 40.94 -29.06 -16.15
CA LEU D 380 41.79 -29.78 -17.06
C LEU D 380 42.66 -30.81 -16.35
N GLU D 381 43.17 -30.47 -15.16
CA GLU D 381 43.98 -31.40 -14.36
C GLU D 381 43.21 -32.69 -14.07
N GLY D 382 41.93 -32.56 -13.75
CA GLY D 382 41.03 -33.69 -13.57
C GLY D 382 40.83 -34.50 -14.85
N LEU D 383 40.54 -33.81 -15.95
CA LEU D 383 40.35 -34.49 -17.23
C LEU D 383 41.62 -35.24 -17.67
N ARG D 384 42.78 -34.66 -17.35
CA ARG D 384 44.08 -35.28 -17.62
C ARG D 384 44.24 -36.59 -16.85
N ILE D 385 43.80 -36.57 -15.58
CA ILE D 385 43.83 -37.75 -14.75
C ILE D 385 42.93 -38.82 -15.35
N ALA D 386 41.71 -38.44 -15.72
CA ALA D 386 40.75 -39.37 -16.30
C ALA D 386 41.27 -40.02 -17.57
N LEU D 387 41.85 -39.25 -18.48
CA LEU D 387 42.35 -39.83 -19.72
C LEU D 387 43.54 -40.77 -19.54
N ASP D 388 44.30 -40.56 -18.48
CA ASP D 388 45.41 -41.44 -18.17
C ASP D 388 44.97 -42.76 -17.58
N HIS D 389 43.83 -42.76 -16.90
CA HIS D 389 43.31 -43.95 -16.27
C HIS D 389 41.90 -44.25 -16.73
N ILE D 390 41.65 -44.08 -18.02
CA ILE D 390 40.28 -44.16 -18.57
C ILE D 390 39.54 -45.45 -18.24
N ASP D 391 40.26 -46.56 -18.37
CA ASP D 391 39.66 -47.89 -18.15
C ASP D 391 39.07 -48.02 -16.77
N GLU D 392 39.77 -47.49 -15.77
CA GLU D 392 39.29 -47.53 -14.40
C GLU D 392 38.16 -46.56 -14.14
N ILE D 393 38.24 -45.40 -14.77
CA ILE D 393 37.21 -44.37 -14.71
C ILE D 393 35.89 -44.93 -15.20
N ILE D 394 35.93 -45.55 -16.38
CA ILE D 394 34.75 -46.13 -17.00
C ILE D 394 34.13 -47.22 -16.11
N SER D 395 34.94 -48.11 -15.62
CA SER D 395 34.46 -49.16 -14.72
C SER D 395 33.86 -48.57 -13.43
N THR D 396 34.48 -47.52 -12.88
CA THR D 396 33.96 -46.84 -11.68
C THR D 396 32.57 -46.30 -11.89
N ILE D 397 32.34 -45.71 -13.06
CA ILE D 397 31.04 -45.19 -13.40
C ILE D 397 30.03 -46.31 -13.57
N ARG D 398 30.37 -47.30 -14.41
CA ARG D 398 29.47 -48.43 -14.69
C ARG D 398 29.04 -49.19 -13.44
N GLU D 399 29.95 -49.35 -12.48
CA GLU D 399 29.67 -50.03 -11.22
C GLU D 399 28.70 -49.21 -10.34
N SER D 400 28.63 -47.90 -10.57
CA SER D 400 27.80 -47.04 -9.76
C SER D 400 26.34 -47.05 -10.20
N ASP D 401 25.42 -47.06 -9.22
CA ASP D 401 23.99 -47.08 -9.52
C ASP D 401 23.40 -45.74 -9.94
N THR D 402 23.85 -44.66 -9.29
CA THR D 402 23.37 -43.31 -9.64
C THR D 402 24.51 -42.35 -9.93
N ASP D 403 24.19 -41.16 -10.44
CA ASP D 403 25.24 -40.17 -10.71
C ASP D 403 25.88 -39.63 -9.44
N LYS D 404 25.10 -39.56 -8.35
CA LYS D 404 25.60 -39.13 -7.04
C LYS D 404 26.63 -40.13 -6.56
N VAL D 405 26.37 -41.41 -6.79
CA VAL D 405 27.29 -42.49 -6.37
C VAL D 405 28.60 -42.47 -7.12
N ALA D 406 28.51 -42.30 -8.43
CA ALA D 406 29.68 -42.22 -9.30
C ALA D 406 30.56 -41.07 -8.95
N MET D 407 29.93 -39.94 -8.60
CA MET D 407 30.65 -38.71 -8.20
C MET D 407 31.50 -38.99 -6.98
N GLU D 408 30.89 -39.61 -5.96
CA GLU D 408 31.53 -39.90 -4.70
C GLU D 408 32.65 -40.88 -4.94
N SER D 409 32.39 -41.93 -5.71
CA SER D 409 33.38 -42.96 -5.97
C SER D 409 34.55 -42.41 -6.76
N LEU D 410 34.29 -41.56 -7.75
CA LEU D 410 35.37 -40.97 -8.54
C LEU D 410 36.25 -40.08 -7.69
N GLN D 411 35.66 -39.35 -6.74
CA GLN D 411 36.43 -38.45 -5.87
C GLN D 411 37.29 -39.24 -4.92
N GLN D 412 36.70 -40.22 -4.23
CA GLN D 412 37.38 -41.03 -3.23
C GLN D 412 38.51 -41.88 -3.84
N ARG D 413 38.32 -42.36 -5.06
CA ARG D 413 39.30 -43.27 -5.66
C ARG D 413 40.45 -42.56 -6.35
N PHE D 414 40.16 -41.52 -7.14
CA PHE D 414 41.22 -40.88 -7.96
C PHE D 414 41.60 -39.49 -7.44
N LYS D 415 41.32 -39.25 -6.14
CA LYS D 415 41.71 -38.05 -5.41
C LYS D 415 41.30 -36.77 -6.16
N LEU D 416 40.04 -36.76 -6.64
CA LEU D 416 39.48 -35.67 -7.43
C LEU D 416 38.54 -34.80 -6.62
N SER D 417 38.36 -33.56 -7.03
CA SER D 417 37.39 -32.66 -6.40
C SER D 417 36.03 -32.80 -6.98
N GLU D 418 35.04 -32.18 -6.34
CA GLU D 418 33.66 -32.30 -6.82
C GLU D 418 33.53 -31.70 -8.19
N LYS D 419 34.16 -30.57 -8.43
CA LYS D 419 34.10 -29.93 -9.73
C LYS D 419 34.78 -30.81 -10.77
N GLN D 420 35.89 -31.44 -10.40
CA GLN D 420 36.61 -32.31 -11.35
C GLN D 420 35.83 -33.57 -11.68
N ALA D 421 35.18 -34.14 -10.67
CA ALA D 421 34.35 -35.32 -10.87
C ALA D 421 33.14 -35.01 -11.77
N GLN D 422 32.51 -33.86 -11.56
CA GLN D 422 31.40 -33.42 -12.36
C GLN D 422 31.83 -33.34 -13.82
N ALA D 423 32.99 -32.75 -14.06
CA ALA D 423 33.48 -32.54 -15.41
C ALA D 423 33.73 -33.84 -16.11
N ILE D 424 34.28 -34.82 -15.38
CA ILE D 424 34.53 -36.18 -15.90
C ILE D 424 33.22 -36.84 -16.32
N LEU D 425 32.20 -36.74 -15.49
CA LEU D 425 30.89 -37.29 -15.82
C LEU D 425 30.28 -36.64 -17.03
N ASP D 426 30.53 -35.36 -17.20
CA ASP D 426 29.97 -34.62 -18.30
C ASP D 426 30.76 -34.81 -19.57
N MET D 427 31.86 -35.57 -19.52
CA MET D 427 32.72 -35.75 -20.68
C MET D 427 32.02 -36.47 -21.81
N ARG D 428 32.17 -36.01 -23.05
CA ARG D 428 31.52 -36.72 -24.17
C ARG D 428 32.45 -37.79 -24.71
N LEU D 429 31.91 -38.93 -25.16
CA LEU D 429 32.75 -40.05 -25.61
C LEU D 429 33.72 -39.63 -26.71
N ARG D 430 33.38 -38.62 -27.53
CA ARG D 430 34.25 -38.17 -28.61
C ARG D 430 35.60 -37.60 -28.15
N ARG D 431 35.69 -37.22 -26.86
CA ARG D 431 36.93 -36.69 -26.28
C ARG D 431 38.02 -37.77 -26.17
N LEU D 432 37.66 -39.01 -26.41
CA LEU D 432 38.57 -40.12 -26.23
C LEU D 432 39.45 -40.39 -27.45
N THR D 433 39.19 -39.68 -28.55
CA THR D 433 39.98 -39.84 -29.77
C THR D 433 41.36 -39.19 -29.66
N GLY D 434 42.25 -39.61 -30.54
CA GLY D 434 43.63 -39.11 -30.58
C GLY D 434 43.75 -37.61 -30.52
N LEU D 435 43.13 -36.92 -31.48
CA LEU D 435 43.23 -35.45 -31.52
C LEU D 435 42.75 -34.79 -30.27
N GLU D 436 41.64 -35.27 -29.75
CA GLU D 436 41.01 -34.70 -28.57
C GLU D 436 41.87 -34.86 -27.33
N ARG D 437 42.56 -36.01 -27.22
CA ARG D 437 43.46 -36.26 -26.12
C ARG D 437 44.64 -35.30 -26.14
N ASP D 438 45.15 -35.07 -27.34
CA ASP D 438 46.25 -34.15 -27.52
C ASP D 438 45.81 -32.71 -27.32
N LYS D 439 44.56 -32.41 -27.70
CA LYS D 439 43.99 -31.06 -27.56
C LYS D 439 43.94 -30.67 -26.09
N ILE D 440 43.50 -31.58 -25.21
CA ILE D 440 43.38 -31.29 -23.80
C ILE D 440 44.72 -30.91 -23.20
N GLU D 441 45.74 -31.73 -23.51
CA GLU D 441 47.10 -31.48 -23.00
C GLU D 441 47.62 -30.14 -23.52
N ALA D 442 47.43 -29.87 -24.82
CA ALA D 442 47.91 -28.64 -25.41
C ALA D 442 47.18 -27.41 -24.84
N GLU D 443 45.92 -27.54 -24.47
CA GLU D 443 45.20 -26.45 -23.83
C GLU D 443 45.80 -26.19 -22.46
N TYR D 444 46.11 -27.24 -21.71
CA TYR D 444 46.67 -27.11 -20.38
C TYR D 444 48.04 -26.42 -20.36
N ASN D 445 48.93 -26.85 -21.26
CA ASN D 445 50.23 -26.28 -21.35
C ASN D 445 50.16 -24.79 -21.65
N GLU D 446 49.30 -24.41 -22.60
CA GLU D 446 49.11 -23.00 -22.97
C GLU D 446 48.50 -22.20 -21.82
N LEU D 447 47.53 -22.78 -21.15
CA LEU D 447 46.85 -22.15 -20.03
C LEU D 447 47.81 -21.82 -18.89
N LEU D 448 48.77 -22.71 -18.59
CA LEU D 448 49.77 -22.48 -17.56
C LEU D 448 50.63 -21.25 -17.85
N ASN D 449 50.99 -21.10 -19.13
CA ASN D 449 51.76 -19.97 -19.60
C ASN D 449 50.95 -18.67 -19.48
N TYR D 450 49.68 -18.76 -19.78
CA TYR D 450 48.79 -17.61 -19.75
C TYR D 450 48.57 -17.17 -18.32
N ILE D 451 48.43 -18.09 -17.38
CA ILE D 451 48.19 -17.72 -15.99
C ILE D 451 49.37 -16.94 -15.50
N SER D 452 50.57 -17.32 -15.91
CA SER D 452 51.80 -16.60 -15.52
C SER D 452 51.75 -15.18 -16.01
N GLU D 453 51.40 -15.00 -17.28
CA GLU D 453 51.27 -13.63 -17.84
C GLU D 453 50.31 -12.77 -17.06
N LEU D 454 49.16 -13.31 -16.71
CA LEU D 454 48.14 -12.60 -15.91
C LEU D 454 48.65 -12.27 -14.54
N GLU D 455 49.34 -13.23 -13.92
CA GLU D 455 49.93 -13.06 -12.59
C GLU D 455 50.98 -11.93 -12.56
N THR D 456 51.75 -11.78 -13.63
CA THR D 456 52.76 -10.75 -13.76
C THR D 456 52.14 -9.36 -13.75
N ILE D 457 51.10 -9.19 -14.56
CA ILE D 457 50.36 -7.92 -14.68
C ILE D 457 49.83 -7.50 -13.31
N LEU D 458 49.27 -8.45 -12.57
CA LEU D 458 48.74 -8.18 -11.25
C LEU D 458 49.75 -7.91 -10.17
N ALA D 459 50.97 -8.43 -10.32
CA ALA D 459 52.04 -8.24 -9.32
C ALA D 459 52.71 -6.89 -9.50
N ASP D 460 53.19 -6.59 -10.71
CA ASP D 460 53.86 -5.34 -10.99
C ASP D 460 52.92 -4.28 -11.59
N GLU D 461 52.81 -3.13 -10.95
CA GLU D 461 51.92 -2.05 -11.40
C GLU D 461 52.42 -1.38 -12.69
N GLU D 462 53.69 -1.46 -12.99
CA GLU D 462 54.24 -0.85 -14.21
C GLU D 462 53.83 -1.64 -15.44
N VAL D 463 53.77 -2.96 -15.31
CA VAL D 463 53.36 -3.87 -16.39
C VAL D 463 51.89 -3.62 -16.75
N LEU D 464 51.06 -3.44 -15.72
CA LEU D 464 49.67 -3.10 -15.92
C LEU D 464 49.53 -1.73 -16.62
N LEU D 465 50.35 -0.77 -16.24
CA LEU D 465 50.32 0.57 -16.83
C LEU D 465 50.77 0.54 -18.27
N GLN D 466 51.71 -0.33 -18.60
CA GLN D 466 52.21 -0.46 -19.96
C GLN D 466 51.12 -1.04 -20.85
N LEU D 467 50.40 -2.01 -20.30
CA LEU D 467 49.30 -2.63 -21.03
C LEU D 467 48.23 -1.62 -21.43
N VAL D 468 47.90 -0.71 -20.51
CA VAL D 468 46.96 0.39 -20.77
C VAL D 468 47.46 1.28 -21.92
N ARG D 469 48.75 1.62 -21.87
CA ARG D 469 49.41 2.42 -22.90
C ARG D 469 49.30 1.76 -24.27
N ASP D 470 49.61 0.47 -24.27
CA ASP D 470 49.63 -0.32 -25.49
C ASP D 470 48.26 -0.38 -26.13
N GLU D 471 47.23 -0.56 -25.30
CA GLU D 471 45.84 -0.67 -25.80
C GLU D 471 45.31 0.66 -26.30
N LEU D 472 45.71 1.75 -25.63
CA LEU D 472 45.34 3.10 -26.05
C LEU D 472 45.95 3.46 -27.37
N THR D 473 47.20 3.06 -27.56
CA THR D 473 47.89 3.29 -28.82
C THR D 473 47.14 2.65 -29.99
N GLU D 474 46.71 1.40 -29.79
N GLU D 474 46.71 1.40 -29.79
CA GLU D 474 45.94 0.64 -30.81
CA GLU D 474 45.95 0.64 -30.78
C GLU D 474 44.68 1.39 -31.21
C GLU D 474 44.68 1.38 -31.21
N ILE D 475 44.00 1.99 -30.24
CA ILE D 475 42.77 2.76 -30.48
C ILE D 475 43.07 4.03 -31.27
N ARG D 476 44.17 4.68 -30.92
CA ARG D 476 44.61 5.88 -31.59
C ARG D 476 44.88 5.61 -33.05
N ASP D 477 45.56 4.49 -33.32
CA ASP D 477 45.92 4.12 -34.68
C ASP D 477 44.72 3.74 -35.51
N ARG D 478 43.74 3.06 -34.90
CA ARG D 478 42.55 2.64 -35.60
C ARG D 478 41.52 3.76 -35.81
N PHE D 479 41.33 4.63 -34.81
CA PHE D 479 40.25 5.59 -34.85
C PHE D 479 40.67 7.07 -34.96
N GLY D 480 41.92 7.37 -34.63
CA GLY D 480 42.36 8.75 -34.61
C GLY D 480 42.42 9.34 -36.01
N ASP D 481 42.08 10.62 -36.12
CA ASP D 481 42.07 11.33 -37.40
C ASP D 481 42.68 12.73 -37.29
N ASP D 482 42.74 13.46 -38.41
CA ASP D 482 43.32 14.82 -38.47
C ASP D 482 42.54 15.87 -37.69
N ARG D 483 43.24 16.89 -37.22
CA ARG D 483 42.62 18.07 -36.65
C ARG D 483 41.78 18.85 -37.72
N ARG D 484 40.57 19.27 -37.36
CA ARG D 484 39.70 19.99 -38.27
C ARG D 484 39.64 21.51 -38.02
N THR D 485 39.69 21.89 -36.75
CA THR D 485 39.59 23.28 -36.36
C THR D 485 41.01 23.83 -36.36
N GLU D 486 41.22 24.96 -37.04
CA GLU D 486 42.50 25.62 -37.04
C GLU D 486 42.59 26.64 -35.90
N ILE D 487 43.69 26.58 -35.14
CA ILE D 487 43.90 27.55 -34.09
C ILE D 487 44.83 28.62 -34.63
N GLN D 488 44.35 29.86 -34.75
CA GLN D 488 45.08 30.95 -35.37
C GLN D 488 45.93 31.81 -34.42
N LEU D 489 47.10 32.25 -34.91
CA LEU D 489 48.10 32.98 -34.10
C LEU D 489 47.71 34.45 -33.79
N LEU G 9 11.24 -21.37 21.50
CA LEU G 9 12.26 -21.62 20.44
C LEU G 9 11.64 -22.32 19.21
N ALA G 10 11.60 -21.58 18.09
CA ALA G 10 11.02 -22.08 16.85
C ALA G 10 12.08 -22.07 15.76
N ASP G 11 12.63 -23.27 15.53
CA ASP G 11 13.75 -23.47 14.61
C ASP G 11 13.32 -23.28 13.14
N CYS G 12 14.18 -22.61 12.35
CA CYS G 12 13.98 -22.46 10.91
C CYS G 12 14.04 -23.82 10.23
N SER G 13 13.22 -24.01 9.20
CA SER G 13 13.20 -25.30 8.47
C SER G 13 14.56 -25.73 7.88
N SER G 14 15.28 -24.77 7.30
CA SER G 14 16.61 -25.01 6.69
C SER G 14 17.56 -25.66 7.67
N LYS G 15 18.27 -26.70 7.24
CA LYS G 15 19.25 -27.37 8.08
C LYS G 15 20.60 -26.65 8.14
N SER G 16 21.07 -26.14 7.00
CA SER G 16 22.37 -25.48 6.88
C SER G 16 22.51 -24.20 7.72
N PRO G 17 23.63 -24.08 8.45
CA PRO G 17 23.88 -22.97 9.38
C PRO G 17 24.06 -21.64 8.65
N GLU G 18 24.62 -21.65 7.44
CA GLU G 18 24.80 -20.40 6.69
C GLU G 18 23.46 -19.70 6.44
N GLU G 19 22.48 -20.47 5.98
CA GLU G 19 21.10 -20.09 5.78
C GLU G 19 20.39 -19.78 7.11
N CYS G 20 20.76 -20.53 8.14
CA CYS G 20 20.19 -20.33 9.48
C CYS G 20 20.49 -18.97 10.13
N GLU G 21 19.45 -18.35 10.66
CA GLU G 21 19.53 -17.12 11.43
C GLU G 21 18.52 -17.24 12.57
N ILE G 22 18.87 -16.71 13.74
CA ILE G 22 17.97 -16.73 14.92
C ILE G 22 17.72 -15.34 15.46
N PHE G 23 16.46 -15.07 15.82
CA PHE G 23 16.05 -13.78 16.38
C PHE G 23 15.61 -13.95 17.85
N LEU G 24 16.30 -13.22 18.73
CA LEU G 24 15.90 -13.14 20.12
C LEU G 24 15.01 -11.95 20.27
N VAL G 25 13.79 -12.14 20.76
CA VAL G 25 12.83 -11.01 20.84
C VAL G 25 12.21 -10.84 22.20
N GLU G 26 11.91 -9.60 22.54
CA GLU G 26 11.22 -9.33 23.81
C GLU G 26 9.71 -9.51 23.63
N GLY G 27 9.13 -8.57 22.93
CA GLY G 27 7.72 -8.57 22.56
C GLY G 27 7.62 -8.78 21.07
N ASP G 28 6.45 -9.21 20.63
CA ASP G 28 6.15 -9.44 19.19
C ASP G 28 7.13 -10.22 18.32
N ASP G 39 10.56 -15.04 6.75
CA ASP G 39 11.07 -16.23 6.10
C ASP G 39 11.27 -17.35 7.10
N SER G 40 10.23 -18.17 7.27
CA SER G 40 10.26 -19.24 8.27
C SER G 40 11.34 -20.29 7.99
N ARG G 41 11.54 -20.59 6.70
CA ARG G 41 12.55 -21.53 6.28
C ARG G 41 13.98 -21.14 6.67
N THR G 42 14.31 -19.85 6.57
CA THR G 42 15.66 -19.39 6.88
C THR G 42 15.79 -18.68 8.23
N GLN G 43 14.66 -18.45 8.91
CA GLN G 43 14.66 -17.71 10.18
C GLN G 43 14.07 -18.51 11.35
N ALA G 44 14.74 -18.42 12.49
CA ALA G 44 14.29 -18.99 13.77
C ALA G 44 13.94 -17.88 14.79
N ILE G 45 12.97 -18.19 15.65
CA ILE G 45 12.53 -17.24 16.67
C ILE G 45 12.58 -17.82 18.07
N LEU G 46 13.23 -17.10 19.00
CA LEU G 46 13.19 -17.39 20.43
C LEU G 46 12.70 -16.17 21.23
N PRO G 47 11.47 -16.21 21.72
CA PRO G 47 10.93 -15.11 22.51
C PRO G 47 11.40 -15.20 23.99
N LEU G 48 11.76 -14.06 24.54
CA LEU G 48 12.28 -14.02 25.90
C LEU G 48 11.36 -13.64 27.02
N ARG G 49 10.56 -12.62 26.84
CA ARG G 49 9.52 -12.26 27.83
C ARG G 49 9.82 -12.18 29.37
N GLY G 50 10.16 -10.99 29.76
CA GLY G 50 10.68 -10.77 31.10
C GLY G 50 12.13 -10.34 31.07
N LYS G 51 12.64 -9.87 32.20
CA LYS G 51 13.99 -9.36 32.28
C LYS G 51 14.96 -10.53 32.46
N ILE G 52 16.05 -10.51 31.72
CA ILE G 52 17.08 -11.57 31.69
C ILE G 52 17.93 -11.44 32.94
N LEU G 53 18.43 -12.57 33.45
CA LEU G 53 19.26 -12.54 34.65
C LEU G 53 20.62 -11.89 34.36
N ASN G 54 21.11 -11.12 35.32
CA ASN G 54 22.42 -10.49 35.18
C ASN G 54 23.52 -11.46 35.51
N VAL G 55 24.20 -11.99 34.49
CA VAL G 55 25.26 -12.99 34.76
C VAL G 55 26.49 -12.47 35.47
N GLU G 56 26.76 -11.18 35.33
CA GLU G 56 27.89 -10.53 35.99
C GLU G 56 27.69 -10.47 37.50
N LYS G 57 26.44 -10.42 37.95
CA LYS G 57 26.12 -10.40 39.38
C LYS G 57 25.90 -11.81 39.96
N ALA G 58 25.48 -12.76 39.14
CA ALA G 58 25.06 -14.11 39.61
C ALA G 58 26.16 -15.14 39.54
N ARG G 59 26.08 -16.16 40.40
CA ARG G 59 27.02 -17.32 40.42
C ARG G 59 26.54 -18.38 39.43
N LEU G 60 27.42 -19.33 39.10
CA LEU G 60 27.12 -20.35 38.08
C LEU G 60 25.88 -21.24 38.32
N ASP G 61 25.68 -21.71 39.53
CA ASP G 61 24.53 -22.56 39.81
C ASP G 61 23.19 -21.89 39.50
N ARG G 62 23.07 -20.60 39.80
CA ARG G 62 21.87 -19.83 39.53
C ARG G 62 21.68 -19.62 38.05
N ILE G 63 22.78 -19.26 37.38
CA ILE G 63 22.76 -19.06 35.94
C ILE G 63 22.22 -20.29 35.20
N LEU G 64 22.75 -21.46 35.55
CA LEU G 64 22.35 -22.71 34.93
C LEU G 64 20.92 -23.12 35.16
N ASN G 65 20.39 -22.66 36.26
CA ASN G 65 19.01 -22.95 36.58
C ASN G 65 18.01 -22.04 35.88
N ASN G 66 18.45 -20.88 35.41
CA ASN G 66 17.58 -19.92 34.70
C ASN G 66 17.08 -20.51 33.38
N ASN G 67 15.75 -20.57 33.26
CA ASN G 67 15.12 -21.18 32.11
C ASN G 67 15.43 -20.46 30.81
N GLU G 68 15.45 -19.13 30.85
CA GLU G 68 15.73 -18.38 29.65
C GLU G 68 17.18 -18.55 29.23
N ILE G 69 18.11 -18.66 30.19
CA ILE G 69 19.52 -18.91 29.88
C ILE G 69 19.69 -20.28 29.27
N ARG G 70 19.01 -21.28 29.87
CA ARG G 70 19.11 -22.65 29.40
C ARG G 70 18.57 -22.78 27.96
N GLN G 71 17.49 -22.06 27.66
CA GLN G 71 16.88 -22.06 26.34
C GLN G 71 17.83 -21.52 25.30
N MET G 72 18.56 -20.48 25.65
CA MET G 72 19.49 -19.86 24.75
C MET G 72 20.68 -20.75 24.46
N ILE G 73 21.24 -21.38 25.51
CA ILE G 73 22.39 -22.28 25.37
C ILE G 73 22.03 -23.39 24.40
N THR G 74 20.88 -24.01 24.68
CA THR G 74 20.38 -25.12 23.87
C THR G 74 20.15 -24.70 22.43
N ALA G 75 19.62 -23.51 22.22
CA ALA G 75 19.33 -22.99 20.87
C ALA G 75 20.60 -22.91 20.03
N PHE G 76 21.69 -22.42 20.61
CA PHE G 76 22.94 -22.31 19.88
C PHE G 76 23.64 -23.66 19.85
N GLY G 77 23.56 -24.37 20.97
CA GLY G 77 24.15 -25.71 21.13
C GLY G 77 25.65 -25.67 21.03
N THR G 78 26.26 -24.64 21.62
CA THR G 78 27.70 -24.55 21.55
C THR G 78 28.33 -24.95 22.87
N GLY G 79 27.59 -24.77 23.96
CA GLY G 79 28.12 -24.94 25.31
C GLY G 79 28.71 -23.63 25.81
N ILE G 80 29.12 -23.59 27.06
CA ILE G 80 29.61 -22.33 27.64
C ILE G 80 30.93 -22.54 28.34
N GLY G 81 31.67 -21.42 28.54
CA GLY G 81 32.97 -21.48 29.20
C GLY G 81 33.94 -22.39 28.42
N GLY G 82 34.50 -23.36 29.13
CA GLY G 82 35.45 -24.32 28.57
C GLY G 82 34.85 -25.22 27.50
N ASP G 83 33.63 -25.61 27.71
CA ASP G 83 32.88 -26.52 26.86
C ASP G 83 32.49 -25.88 25.51
N PHE G 84 32.49 -24.56 25.47
CA PHE G 84 32.08 -23.83 24.29
C PHE G 84 32.86 -24.20 23.01
N ASP G 85 32.13 -24.44 21.92
CA ASP G 85 32.74 -24.79 20.64
C ASP G 85 32.09 -24.01 19.49
N LEU G 86 32.91 -23.27 18.74
CA LEU G 86 32.40 -22.44 17.66
C LEU G 86 31.78 -23.26 16.54
N ALA G 87 32.38 -24.39 16.23
CA ALA G 87 31.88 -25.31 15.19
C ALA G 87 30.46 -25.81 15.49
N LYS G 88 30.19 -26.09 16.76
CA LYS G 88 28.88 -26.58 17.19
C LYS G 88 27.71 -25.61 16.96
N ALA G 89 27.97 -24.31 16.81
CA ALA G 89 26.94 -23.28 16.74
C ALA G 89 25.94 -23.51 15.60
N ARG G 90 24.67 -23.52 15.97
CA ARG G 90 23.57 -23.78 15.06
C ARG G 90 23.32 -22.65 14.06
N TYR G 91 23.60 -21.39 14.42
CA TYR G 91 23.28 -20.25 13.52
C TYR G 91 24.48 -19.30 13.30
N HIS G 92 24.69 -18.88 12.06
CA HIS G 92 25.77 -17.92 11.76
C HIS G 92 25.34 -16.50 12.08
N LYS G 93 24.02 -16.23 12.16
CA LYS G 93 23.47 -14.93 12.54
C LYS G 93 22.61 -15.01 13.81
N ILE G 94 22.99 -14.26 14.82
CA ILE G 94 22.20 -14.08 16.04
C ILE G 94 21.79 -12.62 16.09
N VAL G 95 20.49 -12.38 16.12
CA VAL G 95 19.99 -10.98 16.13
C VAL G 95 19.24 -10.70 17.42
N ILE G 96 19.68 -9.65 18.13
CA ILE G 96 18.98 -9.17 19.33
C ILE G 96 17.91 -8.17 18.88
N MET G 97 16.65 -8.61 18.88
CA MET G 97 15.57 -7.74 18.52
C MET G 97 14.72 -7.48 19.72
N THR G 98 14.91 -6.34 20.36
CA THR G 98 14.21 -5.98 21.57
C THR G 98 13.41 -4.70 21.30
N ASP G 99 12.50 -4.34 22.20
CA ASP G 99 11.66 -3.15 22.05
C ASP G 99 12.43 -1.89 21.88
N ALA G 100 11.87 -0.94 21.14
CA ALA G 100 12.53 0.37 20.95
C ALA G 100 12.37 1.34 22.15
N ASP G 101 12.20 0.82 23.36
CA ASP G 101 12.06 1.65 24.55
C ASP G 101 13.25 1.46 25.50
N VAL G 102 13.16 2.09 26.68
CA VAL G 102 14.18 2.06 27.69
C VAL G 102 14.43 0.67 28.25
N ASP G 103 13.37 -0.14 28.34
CA ASP G 103 13.49 -1.49 28.88
C ASP G 103 14.11 -2.39 27.86
N GLY G 104 13.79 -2.12 26.59
CA GLY G 104 14.48 -2.79 25.48
C GLY G 104 16.00 -2.64 25.57
N ALA G 105 16.44 -1.42 25.87
CA ALA G 105 17.82 -1.11 26.05
C ALA G 105 18.40 -1.92 27.20
N HIS G 106 17.68 -1.99 28.31
CA HIS G 106 18.16 -2.72 29.47
C HIS G 106 18.32 -4.20 29.19
N ILE G 107 17.33 -4.78 28.51
CA ILE G 107 17.41 -6.17 28.09
C ILE G 107 18.60 -6.36 27.13
N ARG G 108 18.81 -5.38 26.26
CA ARG G 108 19.92 -5.43 25.34
C ARG G 108 21.23 -5.50 26.06
N THR G 109 21.40 -4.69 27.11
CA THR G 109 22.65 -4.69 27.88
C THR G 109 22.84 -6.03 28.58
N LEU G 110 21.76 -6.53 29.16
CA LEU G 110 21.81 -7.81 29.85
C LEU G 110 22.20 -8.95 28.92
N LEU G 111 21.69 -8.97 27.70
CA LEU G 111 21.99 -10.04 26.75
C LEU G 111 23.41 -10.01 26.29
N LEU G 112 23.92 -8.81 26.06
CA LEU G 112 25.30 -8.62 25.70
C LEU G 112 26.25 -9.06 26.80
N THR G 113 25.86 -8.86 28.07
CA THR G 113 26.66 -9.27 29.22
C THR G 113 26.83 -10.78 29.22
N PHE G 114 25.75 -11.49 28.97
CA PHE G 114 25.77 -12.94 28.87
C PHE G 114 26.71 -13.41 27.77
N PHE G 115 26.57 -12.83 26.58
CA PHE G 115 27.46 -13.16 25.46
C PHE G 115 28.93 -12.90 25.79
N TYR G 116 29.24 -11.72 26.30
CA TYR G 116 30.61 -11.37 26.64
C TYR G 116 31.22 -12.28 27.71
N ARG G 117 30.45 -12.62 28.74
CA ARG G 117 30.97 -13.48 29.78
C ARG G 117 31.02 -14.97 29.45
N PHE G 118 30.09 -15.49 28.67
CA PHE G 118 29.97 -16.94 28.47
C PHE G 118 30.19 -17.48 27.08
N MET G 119 29.97 -16.65 26.07
CA MET G 119 30.26 -17.04 24.71
C MET G 119 30.99 -15.95 23.95
N ARG G 120 32.11 -15.48 24.52
CA ARG G 120 32.90 -14.38 23.93
C ARG G 120 33.26 -14.58 22.46
N PRO G 121 33.72 -15.81 22.10
CA PRO G 121 34.07 -16.20 20.72
C PRO G 121 33.06 -15.83 19.64
N LEU G 122 31.77 -15.90 19.95
CA LEU G 122 30.72 -15.55 18.97
C LEU G 122 30.84 -14.10 18.52
N ILE G 123 31.09 -13.20 19.48
CA ILE G 123 31.27 -11.79 19.15
C ILE G 123 32.53 -11.60 18.32
N GLU G 124 33.58 -12.35 18.66
CA GLU G 124 34.81 -12.33 17.89
C GLU G 124 34.58 -12.85 16.47
N ALA G 125 33.73 -13.88 16.36
CA ALA G 125 33.37 -14.50 15.10
C ALA G 125 32.41 -13.63 14.29
N GLY G 126 31.89 -12.56 14.91
CA GLY G 126 30.96 -11.62 14.28
C GLY G 126 29.60 -12.23 13.93
N TYR G 127 29.13 -13.14 14.79
CA TYR G 127 27.87 -13.79 14.57
C TYR G 127 26.69 -13.01 15.19
N VAL G 128 26.95 -12.00 16.01
CA VAL G 128 25.88 -11.28 16.73
C VAL G 128 25.55 -9.93 16.14
N TYR G 129 24.26 -9.66 15.98
CA TYR G 129 23.74 -8.40 15.44
C TYR G 129 22.63 -7.76 16.30
N ILE G 130 22.48 -6.45 16.16
CA ILE G 130 21.44 -5.67 16.83
C ILE G 130 20.57 -4.97 15.78
N ALA G 131 19.28 -5.30 15.80
CA ALA G 131 18.33 -4.66 14.88
C ALA G 131 17.88 -3.29 15.35
N GLN G 132 17.90 -2.27 14.49
CA GLN G 132 17.26 -0.98 14.87
C GLN G 132 15.98 -0.74 14.04
N PRO G 133 14.95 -0.06 14.59
CA PRO G 133 13.60 0.01 13.93
C PRO G 133 13.57 0.57 12.50
N TRP G 149 7.89 -8.21 8.24
CA TRP G 149 8.93 -8.45 7.23
C TRP G 149 9.60 -7.16 6.69
N GLU G 150 8.81 -6.12 6.43
CA GLU G 150 9.16 -5.02 5.52
C GLU G 150 10.00 -3.92 6.15
N THR G 151 10.03 -3.85 7.49
CA THR G 151 10.70 -2.72 8.20
C THR G 151 11.91 -3.12 9.06
N THR G 152 11.80 -4.21 9.81
CA THR G 152 12.86 -4.62 10.77
C THR G 152 13.17 -6.12 10.66
N ASN G 154 12.76 -9.35 6.26
CA ASN G 154 13.21 -9.25 4.89
C ASN G 154 14.52 -8.46 4.80
N PRO G 155 15.61 -9.09 4.26
CA PRO G 155 16.87 -8.35 4.07
C PRO G 155 16.72 -7.22 3.04
N ARG G 158 14.71 -4.00 7.06
CA ARG G 158 15.39 -4.51 8.24
C ARG G 158 16.88 -4.13 8.15
N ALA G 159 17.40 -3.46 9.17
CA ALA G 159 18.82 -3.06 9.22
C ALA G 159 19.46 -3.63 10.47
N LEU G 160 20.61 -4.27 10.33
CA LEU G 160 21.29 -4.91 11.47
C LEU G 160 22.66 -4.31 11.67
N LEU G 161 23.00 -4.01 12.93
CA LEU G 161 24.38 -3.61 13.24
C LEU G 161 25.20 -4.78 13.75
N GLN G 162 26.30 -5.08 13.06
CA GLN G 162 27.22 -6.14 13.47
C GLN G 162 27.99 -5.74 14.72
N VAL G 163 28.02 -6.63 15.72
CA VAL G 163 28.65 -6.29 16.99
C VAL G 163 30.14 -6.57 16.86
N LYS G 164 30.96 -5.54 17.01
CA LYS G 164 32.42 -5.65 16.87
C LYS G 164 33.10 -5.25 18.18
N LEU G 165 34.13 -6.03 18.52
CA LEU G 165 34.86 -5.86 19.75
C LEU G 165 36.27 -5.38 19.41
N GLU G 166 36.61 -4.18 19.86
CA GLU G 166 37.87 -3.56 19.45
C GLU G 166 38.92 -3.67 20.54
N ASP G 167 38.59 -3.27 21.76
CA ASP G 167 39.56 -3.32 22.84
C ASP G 167 39.04 -4.16 23.97
N ALA G 168 39.71 -5.29 24.24
CA ALA G 168 39.22 -6.26 25.26
C ALA G 168 39.29 -5.72 26.66
N ILE G 169 40.35 -4.94 26.93
CA ILE G 169 40.62 -4.38 28.25
C ILE G 169 39.63 -3.28 28.61
N GLU G 170 39.27 -2.43 27.65
CA GLU G 170 38.19 -1.46 27.77
C GLU G 170 36.86 -2.15 28.04
N ALA G 171 36.58 -3.21 27.27
CA ALA G 171 35.32 -3.92 27.40
C ALA G 171 35.21 -4.53 28.78
N ASP G 172 36.28 -5.20 29.22
CA ASP G 172 36.33 -5.82 30.54
C ASP G 172 36.05 -4.81 31.62
N GLN G 173 36.67 -3.63 31.48
CA GLN G 173 36.50 -2.53 32.43
C GLN G 173 35.09 -1.96 32.41
N THR G 174 34.47 -1.89 31.21
CA THR G 174 33.12 -1.36 31.02
C THR G 174 32.05 -2.30 31.58
N PHE G 175 32.16 -3.57 31.25
CA PHE G 175 31.24 -4.54 31.77
C PHE G 175 31.20 -4.62 33.28
N GLU G 176 32.39 -4.67 33.89
CA GLU G 176 32.47 -4.75 35.34
C GLU G 176 31.83 -3.53 36.01
N MET G 177 32.06 -2.36 35.43
CA MET G 177 31.57 -1.07 35.96
C MET G 177 30.09 -0.96 35.82
N LEU G 178 29.53 -1.29 34.66
CA LEU G 178 28.07 -1.22 34.42
C LEU G 178 27.23 -2.31 35.05
N MET G 179 27.65 -3.57 34.91
CA MET G 179 26.85 -4.71 35.38
C MET G 179 27.39 -5.33 36.66
N GLY G 180 28.54 -4.90 37.11
CA GLY G 180 29.11 -5.42 38.37
C GLY G 180 28.29 -5.04 39.59
N ASP G 181 28.48 -5.70 40.69
CA ASP G 181 27.74 -5.42 41.91
C ASP G 181 28.22 -4.20 42.68
N VAL G 182 29.35 -3.56 42.36
CA VAL G 182 29.71 -2.30 43.06
C VAL G 182 28.93 -1.10 42.48
N VAL G 183 28.07 -0.54 43.33
CA VAL G 183 27.11 0.46 42.90
C VAL G 183 27.79 1.77 42.57
N GLU G 184 28.76 2.16 43.40
CA GLU G 184 29.43 3.43 43.27
C GLU G 184 30.01 3.73 41.90
N ASN G 185 30.58 2.72 41.24
CA ASN G 185 31.10 2.94 39.89
C ASN G 185 30.01 3.28 38.91
N ARG G 186 28.88 2.58 39.07
CA ARG G 186 27.73 2.79 38.20
C ARG G 186 27.16 4.18 38.38
N ARG G 187 27.02 4.60 39.64
CA ARG G 187 26.50 5.92 39.97
C ARG G 187 27.32 7.02 39.31
N GLN G 188 28.67 6.92 39.48
CA GLN G 188 29.59 7.90 38.92
C GLN G 188 29.43 8.07 37.41
N PHE G 189 29.26 6.95 36.72
CA PHE G 189 29.05 7.01 35.31
C PHE G 189 27.80 7.75 34.89
N ILE G 190 26.70 7.52 35.62
CA ILE G 190 25.45 8.22 35.34
C ILE G 190 25.64 9.72 35.54
N GLU G 191 26.27 10.09 36.66
CA GLU G 191 26.45 11.49 36.99
C GLU G 191 27.24 12.25 35.95
N ASP G 192 28.34 11.67 35.50
CA ASP G 192 29.20 12.33 34.54
C ASP G 192 28.55 12.49 33.16
N ASN G 193 27.75 11.52 32.74
CA ASN G 193 27.17 11.54 31.41
C ASN G 193 25.71 12.00 31.33
N ALA G 194 25.14 12.34 32.49
CA ALA G 194 23.76 12.80 32.51
C ALA G 194 23.55 14.04 31.60
N VAL G 195 22.60 13.95 30.66
CA VAL G 195 22.20 15.08 29.83
C VAL G 195 20.67 15.14 29.96
N TYR G 196 20.18 16.28 30.38
CA TYR G 196 18.73 16.41 30.57
C TYR G 196 18.07 17.31 29.52
N ASN H 9 27.41 -1.60 7.91
CA ASN H 9 27.57 -0.85 9.17
C ASN H 9 27.71 -1.80 10.38
N GLU H 10 28.50 -1.36 11.36
CA GLU H 10 28.96 -2.24 12.44
C GLU H 10 28.86 -1.48 13.77
N ARG H 11 28.59 -2.17 14.86
CA ARG H 11 28.46 -1.49 16.17
C ARG H 11 29.43 -2.04 17.20
N ASN H 12 30.18 -1.13 17.81
CA ASN H 12 31.15 -1.44 18.88
C ASN H 12 30.39 -1.89 20.12
N ILE H 13 30.87 -2.94 20.76
CA ILE H 13 30.20 -3.49 21.95
C ILE H 13 30.26 -2.52 23.14
N THR H 14 31.41 -1.90 23.36
CA THR H 14 31.59 -0.93 24.45
C THR H 14 30.74 0.32 24.19
N SER H 15 30.63 0.73 22.92
CA SER H 15 29.82 1.88 22.56
C SER H 15 28.32 1.60 22.78
N GLU H 16 27.85 0.40 22.43
CA GLU H 16 26.45 0.03 22.66
C GLU H 16 26.12 -0.07 24.15
N MET H 17 26.99 -0.72 24.90
CA MET H 17 26.81 -0.86 26.34
C MET H 17 26.67 0.47 27.03
N ARG H 18 27.59 1.40 26.74
CA ARG H 18 27.58 2.70 27.39
C ARG H 18 26.30 3.48 27.06
N GLU H 19 25.93 3.49 25.78
CA GLU H 19 24.74 4.22 25.33
C GLU H 19 23.44 3.60 25.87
N SER H 20 23.26 2.28 25.69
CA SER H 20 22.07 1.55 26.12
C SER H 20 21.89 1.63 27.62
N PHE H 21 22.98 1.45 28.37
CA PHE H 21 22.89 1.49 29.80
C PHE H 21 22.39 2.82 30.32
N LEU H 22 23.04 3.90 29.82
CA LEU H 22 22.72 5.25 30.19
C LEU H 22 21.23 5.57 29.92
N ASP H 23 20.72 5.17 28.76
CA ASP H 23 19.33 5.39 28.39
C ASP H 23 18.37 4.85 29.43
N TYR H 24 18.59 3.60 29.82
CA TYR H 24 17.76 2.95 30.83
C TYR H 24 17.95 3.59 32.21
N ALA H 25 19.20 3.77 32.63
CA ALA H 25 19.48 4.30 33.96
C ALA H 25 18.85 5.68 34.19
N MET H 26 18.95 6.56 33.18
CA MET H 26 18.46 7.91 33.29
C MET H 26 16.94 7.89 33.37
N SER H 27 16.32 7.03 32.58
CA SER H 27 14.88 6.85 32.54
C SER H 27 14.28 6.36 33.85
N VAL H 28 14.95 5.39 34.50
CA VAL H 28 14.50 4.82 35.77
C VAL H 28 14.65 5.85 36.89
N ILE H 29 15.68 6.70 36.77
CA ILE H 29 15.94 7.77 37.74
C ILE H 29 14.95 8.95 37.64
N VAL H 30 14.84 9.53 36.45
CA VAL H 30 14.05 10.73 36.29
C VAL H 30 12.58 10.46 35.91
N ALA H 31 12.23 9.21 35.56
CA ALA H 31 10.83 8.87 35.19
C ALA H 31 10.35 7.46 35.51
N ARG H 32 10.58 7.01 36.74
CA ARG H 32 10.04 5.72 37.26
C ARG H 32 10.11 5.58 38.79
N ALA H 33 11.33 5.39 39.29
CA ALA H 33 11.55 5.08 40.69
C ALA H 33 11.67 6.24 41.69
N LEU H 34 12.07 7.44 41.27
CA LEU H 34 12.27 8.53 42.24
C LEU H 34 11.14 9.59 42.24
N PRO H 35 10.67 10.03 43.44
CA PRO H 35 9.58 11.01 43.52
C PRO H 35 10.08 12.44 43.29
N ASP H 36 9.16 13.32 42.89
CA ASP H 36 9.42 14.76 42.71
C ASP H 36 9.36 15.42 44.08
N VAL H 37 10.26 16.36 44.32
CA VAL H 37 10.32 17.06 45.62
C VAL H 37 9.08 17.92 45.93
N ARG H 38 8.43 18.44 44.88
CA ARG H 38 7.31 19.37 44.99
C ARG H 38 6.02 18.68 45.34
N ASP H 39 5.66 17.62 44.60
CA ASP H 39 4.42 16.89 44.87
C ASP H 39 4.56 15.48 45.51
N GLY H 40 5.79 15.01 45.68
CA GLY H 40 6.04 13.73 46.28
C GLY H 40 5.57 12.51 45.52
N LEU H 41 5.47 12.62 44.20
CA LEU H 41 4.89 11.52 43.42
C LEU H 41 5.85 11.02 42.37
N LYS H 42 5.78 9.71 42.16
CA LYS H 42 6.50 9.11 41.04
C LYS H 42 5.58 9.26 39.84
N PRO H 43 6.11 9.19 38.61
CA PRO H 43 5.19 9.31 37.42
C PRO H 43 3.90 8.44 37.41
N VAL H 44 3.99 7.18 37.83
CA VAL H 44 2.82 6.31 37.81
C VAL H 44 1.72 6.81 38.72
N HIS H 45 2.12 7.33 39.87
CA HIS H 45 1.13 7.80 40.83
C HIS H 45 0.43 9.05 40.32
N ARG H 46 1.22 9.98 39.79
CA ARG H 46 0.69 11.25 39.29
C ARG H 46 -0.40 10.96 38.25
N ARG H 47 -0.10 10.03 37.34
CA ARG H 47 -0.99 9.65 36.26
C ARG H 47 -2.27 8.99 36.74
N ILE H 48 -2.18 8.16 37.77
CA ILE H 48 -3.38 7.55 38.34
C ILE H 48 -4.28 8.64 38.94
N LEU H 49 -3.68 9.56 39.71
CA LEU H 49 -4.43 10.65 40.33
C LEU H 49 -5.10 11.60 39.31
N TYR H 50 -4.34 11.98 38.29
CA TYR H 50 -4.83 12.87 37.25
C TYR H 50 -5.91 12.19 36.44
N GLY H 51 -5.72 10.89 36.18
CA GLY H 51 -6.69 10.12 35.42
C GLY H 51 -8.02 10.03 36.15
N LEU H 52 -7.98 9.88 37.47
CA LEU H 52 -9.21 9.88 38.25
C LEU H 52 -9.89 11.23 38.13
N ASN H 53 -9.11 12.30 38.19
CA ASN H 53 -9.61 13.65 38.14
C ASN H 53 -10.26 13.97 36.78
N GLU H 54 -9.58 13.58 35.71
CA GLU H 54 -10.10 13.80 34.35
C GLU H 54 -11.37 13.00 34.05
N GLN H 55 -11.46 11.78 34.59
CA GLN H 55 -12.64 10.99 34.40
C GLN H 55 -13.71 11.38 35.39
N GLY H 56 -13.43 12.30 36.30
CA GLY H 56 -14.42 12.85 37.20
C GLY H 56 -14.77 11.95 38.36
N MET H 57 -13.92 10.99 38.66
CA MET H 57 -14.14 10.03 39.74
C MET H 57 -13.70 10.63 41.11
N THR H 58 -14.53 11.56 41.59
CA THR H 58 -14.31 12.26 42.86
C THR H 58 -15.03 11.56 44.03
N PRO H 59 -14.74 11.95 45.29
CA PRO H 59 -15.36 11.31 46.48
C PRO H 59 -16.87 11.32 46.53
N ASP H 60 -17.50 12.34 45.99
CA ASP H 60 -18.99 12.47 45.99
C ASP H 60 -19.62 11.45 45.05
N LYS H 61 -19.00 11.24 43.89
CA LYS H 61 -19.48 10.30 42.89
C LYS H 61 -19.14 8.84 43.30
N SER H 62 -19.75 7.85 42.64
CA SER H 62 -19.59 6.43 43.03
C SER H 62 -18.25 5.81 42.66
N TYR H 63 -17.98 4.63 43.22
CA TYR H 63 -16.79 3.83 42.92
C TYR H 63 -16.84 3.33 41.47
N LYS H 64 -15.73 3.37 40.77
CA LYS H 64 -15.64 2.94 39.40
C LYS H 64 -14.75 1.68 39.33
N LYS H 65 -15.10 0.76 38.42
CA LYS H 65 -14.37 -0.51 38.23
C LYS H 65 -12.90 -0.29 37.98
N SER H 66 -12.07 -1.11 38.62
CA SER H 66 -10.62 -0.98 38.51
C SER H 66 -10.09 -1.19 37.09
N ALA H 67 -10.71 -2.11 36.34
CA ALA H 67 -10.24 -2.38 35.00
C ALA H 67 -10.42 -1.15 34.08
N ARG H 68 -11.36 -0.28 34.44
CA ARG H 68 -11.66 0.89 33.63
C ARG H 68 -10.71 1.99 33.94
N ILE H 69 -10.40 2.16 35.22
CA ILE H 69 -9.40 3.16 35.64
C ILE H 69 -8.03 2.84 35.02
N VAL H 70 -7.54 1.62 35.26
CA VAL H 70 -6.28 1.13 34.71
C VAL H 70 -6.20 1.29 33.19
N GLY H 71 -7.24 0.90 32.49
CA GLY H 71 -7.29 0.96 31.03
C GLY H 71 -7.24 2.38 30.52
N ASP H 72 -7.86 3.32 31.26
CA ASP H 72 -7.86 4.71 30.90
C ASP H 72 -6.45 5.27 31.06
N VAL H 73 -5.84 5.06 32.23
CA VAL H 73 -4.48 5.50 32.52
C VAL H 73 -3.48 4.93 31.50
N MET H 74 -3.58 3.62 31.21
CA MET H 74 -2.71 2.97 30.24
C MET H 74 -2.80 3.55 28.84
N GLY H 75 -4.02 3.72 28.33
CA GLY H 75 -4.27 4.25 26.98
C GLY H 75 -3.86 5.70 26.88
N LYS H 76 -4.08 6.46 27.95
CA LYS H 76 -3.90 7.90 27.89
C LYS H 76 -2.55 8.42 28.34
N TYR H 77 -1.97 7.84 29.37
CA TYR H 77 -0.76 8.41 29.98
C TYR H 77 0.40 7.49 30.27
N HIS H 78 0.14 6.24 30.68
CA HIS H 78 1.19 5.31 31.16
C HIS H 78 1.38 4.13 30.22
N PRO H 79 2.36 4.20 29.30
CA PRO H 79 2.54 3.14 28.33
C PRO H 79 3.26 1.88 28.88
N HIS H 80 2.71 1.31 29.95
CA HIS H 80 3.34 0.15 30.63
C HIS H 80 2.27 -0.87 31.00
N GLY H 81 2.72 -2.05 31.46
CA GLY H 81 1.83 -3.17 31.83
C GLY H 81 0.76 -2.75 32.84
N ASP H 82 -0.43 -3.33 32.64
CA ASP H 82 -1.59 -3.09 33.48
C ASP H 82 -1.34 -3.41 34.96
N SER H 83 -0.61 -4.49 35.22
CA SER H 83 -0.29 -4.93 36.59
C SER H 83 0.52 -3.91 37.36
N SER H 84 1.44 -3.20 36.70
CA SER H 84 2.22 -2.14 37.34
C SER H 84 1.31 -1.01 37.84
N ILE H 85 0.38 -0.57 36.98
CA ILE H 85 -0.55 0.54 37.27
C ILE H 85 -1.50 0.14 38.41
N TYR H 86 -2.10 -1.04 38.30
CA TYR H 86 -3.02 -1.51 39.30
C TYR H 86 -2.39 -1.61 40.69
N GLU H 87 -1.20 -2.21 40.76
CA GLU H 87 -0.52 -2.44 42.04
C GLU H 87 -0.19 -1.11 42.73
N ALA H 88 0.21 -0.13 41.93
CA ALA H 88 0.51 1.21 42.45
C ALA H 88 -0.75 1.84 43.03
N MET H 89 -1.88 1.69 42.33
CA MET H 89 -3.16 2.24 42.74
C MET H 89 -3.64 1.63 44.04
N VAL H 90 -3.40 0.32 44.19
CA VAL H 90 -3.75 -0.43 45.41
C VAL H 90 -3.03 0.14 46.66
N ARG H 91 -1.73 0.41 46.54
CA ARG H 91 -0.92 0.85 47.65
C ARG H 91 -1.41 2.21 48.16
N MET H 92 -1.81 3.09 47.24
CA MET H 92 -2.36 4.42 47.56
C MET H 92 -3.71 4.34 48.28
N ALA H 93 -4.33 3.17 48.23
CA ALA H 93 -5.59 2.92 48.88
C ALA H 93 -5.43 2.25 50.25
N GLN H 94 -4.23 1.75 50.56
CA GLN H 94 -3.99 1.01 51.81
C GLN H 94 -3.66 1.90 53.02
N ASP H 95 -4.47 1.77 54.05
CA ASP H 95 -4.34 2.58 55.27
C ASP H 95 -3.11 2.26 56.04
N PHE H 96 -2.58 1.05 55.92
CA PHE H 96 -1.33 0.70 56.60
C PHE H 96 -0.11 1.12 55.79
N SER H 97 -0.29 1.41 54.51
CA SER H 97 0.81 1.85 53.68
C SER H 97 0.95 3.38 53.63
N TYR H 98 -0.16 4.07 53.39
CA TYR H 98 -0.15 5.52 53.26
C TYR H 98 -0.73 6.21 54.50
N ARG H 99 0.07 7.10 55.07
CA ARG H 99 -0.28 7.87 56.27
C ARG H 99 -1.49 8.73 56.02
N TYR H 100 -1.59 9.23 54.79
CA TYR H 100 -2.74 10.00 54.32
C TYR H 100 -3.09 9.43 52.95
N PRO H 101 -3.96 8.39 52.91
CA PRO H 101 -4.28 7.68 51.65
C PRO H 101 -4.88 8.55 50.56
N LEU H 102 -4.44 8.33 49.34
CA LEU H 102 -4.86 9.12 48.19
C LEU H 102 -5.93 8.47 47.30
N VAL H 103 -6.27 7.21 47.58
CA VAL H 103 -7.29 6.48 46.83
C VAL H 103 -8.22 5.81 47.82
N ASP H 104 -9.51 5.82 47.51
CA ASP H 104 -10.55 5.17 48.31
C ASP H 104 -11.02 3.92 47.55
N GLY H 105 -10.75 2.75 48.09
CA GLY H 105 -10.98 1.49 47.36
C GLY H 105 -12.11 0.65 47.92
N GLN H 106 -12.78 -0.13 47.06
CA GLN H 106 -13.86 -1.02 47.47
C GLN H 106 -13.55 -2.46 47.08
N GLY H 107 -13.64 -3.34 48.08
CA GLY H 107 -13.32 -4.75 47.93
C GLY H 107 -12.04 -5.07 48.66
N ASN H 108 -11.49 -6.25 48.39
CA ASN H 108 -10.30 -6.68 49.10
C ASN H 108 -9.06 -6.01 48.49
N PHE H 109 -8.48 -5.10 49.27
CA PHE H 109 -7.30 -4.35 48.87
C PHE H 109 -6.06 -4.83 49.62
N GLY H 110 -6.15 -6.06 50.17
CA GLY H 110 -5.08 -6.60 50.98
C GLY H 110 -5.07 -6.18 52.44
N SER H 111 -4.14 -6.75 53.20
CA SER H 111 -3.97 -6.45 54.62
C SER H 111 -2.48 -6.46 55.01
N MET H 112 -2.25 -6.32 56.31
CA MET H 112 -0.94 -6.29 56.93
C MET H 112 -0.26 -7.65 56.88
N ASP H 113 -1.01 -8.72 56.59
CA ASP H 113 -0.46 -10.07 56.54
C ASP H 113 0.27 -10.38 55.23
N GLY H 114 0.44 -9.37 54.40
CA GLY H 114 1.05 -9.56 53.10
C GLY H 114 0.13 -9.98 51.98
N ASP H 115 -1.08 -10.42 52.31
CA ASP H 115 -2.07 -10.94 51.32
C ASP H 115 -2.36 -9.82 50.33
N GLY H 116 -2.17 -10.10 49.05
CA GLY H 116 -2.39 -9.09 48.01
C GLY H 116 -3.88 -8.82 47.76
N ALA H 117 -4.17 -7.71 47.14
CA ALA H 117 -5.52 -7.35 46.73
C ALA H 117 -6.05 -8.28 45.61
N ALA H 118 -7.36 -8.49 45.59
CA ALA H 118 -8.03 -9.28 44.56
C ALA H 118 -7.84 -8.67 43.16
N ALA H 119 -7.90 -9.51 42.14
CA ALA H 119 -7.77 -9.09 40.74
C ALA H 119 -8.60 -7.86 40.38
N MET H 120 -8.13 -7.10 39.38
CA MET H 120 -8.84 -5.91 38.89
C MET H 120 -10.34 -6.02 38.74
N ARG H 121 -10.82 -7.19 38.28
CA ARG H 121 -12.26 -7.30 37.87
C ARG H 121 -13.23 -7.14 39.06
N THR H 123 -12.51 -5.57 41.98
CA THR H 123 -12.29 -4.36 42.77
C THR H 123 -12.78 -3.08 42.10
N GLU H 124 -12.96 -2.04 42.90
CA GLU H 124 -13.46 -0.74 42.40
C GLU H 124 -12.86 0.38 43.23
N ALA H 125 -12.76 1.60 42.69
CA ALA H 125 -12.15 2.73 43.42
C ALA H 125 -12.50 4.13 42.92
N ARG H 126 -12.19 5.14 43.74
CA ARG H 126 -12.33 6.59 43.45
C ARG H 126 -11.32 7.38 44.32
N MET H 127 -11.16 8.68 44.08
CA MET H 127 -10.20 9.46 44.88
C MET H 127 -10.68 9.82 46.30
N THR H 128 -9.75 10.15 47.17
CA THR H 128 -10.08 10.52 48.55
C THR H 128 -10.25 12.04 48.63
N LYS H 129 -10.88 12.51 49.71
CA LYS H 129 -11.07 13.94 49.90
C LYS H 129 -9.73 14.71 49.92
N ILE H 130 -8.69 14.12 50.49
CA ILE H 130 -7.40 14.79 50.51
C ILE H 130 -6.75 14.98 49.12
N THR H 131 -7.00 14.02 48.24
CA THR H 131 -6.42 14.03 46.90
C THR H 131 -6.87 15.25 46.12
N LEU H 132 -8.10 15.71 46.40
CA LEU H 132 -8.61 16.94 45.81
C LEU H 132 -7.68 18.12 46.08
N GLU H 133 -7.05 18.13 47.25
CA GLU H 133 -6.14 19.20 47.61
C GLU H 133 -4.82 19.09 46.87
N LEU H 134 -4.48 17.92 46.34
CA LEU H 134 -3.31 17.81 45.48
C LEU H 134 -3.59 18.38 44.10
N LEU H 135 -4.85 18.26 43.67
CA LEU H 135 -5.28 18.67 42.33
C LEU H 135 -5.88 20.05 42.28
N ARG H 136 -6.04 20.68 43.44
CA ARG H 136 -6.73 21.99 43.56
C ARG H 136 -6.01 23.06 42.76
N ASP H 137 -6.75 23.72 41.87
CA ASP H 137 -6.23 24.83 41.03
C ASP H 137 -5.42 24.39 39.83
N ILE H 138 -5.53 23.13 39.45
CA ILE H 138 -4.79 22.59 38.29
C ILE H 138 -5.16 23.23 36.98
N ASN H 139 -6.40 23.67 36.88
N ASN H 139 -6.42 23.67 36.86
CA ASN H 139 -6.99 24.29 35.72
CA ASN H 139 -6.88 24.29 35.62
C ASN H 139 -6.92 25.81 35.73
C ASN H 139 -6.89 25.81 35.69
N LYS H 140 -5.99 26.37 36.50
CA LYS H 140 -5.82 27.79 36.61
C LYS H 140 -4.42 28.20 36.24
N ASP H 141 -3.86 27.55 35.22
CA ASP H 141 -2.46 27.71 34.84
C ASP H 141 -1.42 27.77 35.99
N THR H 142 -1.60 26.96 37.01
CA THR H 142 -0.68 26.89 38.16
C THR H 142 0.54 26.00 37.86
N ILE H 143 0.37 24.94 37.08
CA ILE H 143 1.45 23.98 36.75
C ILE H 143 1.62 23.80 35.24
N ASP H 144 2.77 23.24 34.83
CA ASP H 144 3.04 23.04 33.40
C ASP H 144 2.53 21.73 32.87
N PHE H 145 1.87 21.77 31.72
CA PHE H 145 1.37 20.58 31.06
C PHE H 145 2.28 20.22 29.90
N ILE H 146 2.60 18.93 29.79
CA ILE H 146 3.40 18.41 28.66
C ILE H 146 2.60 17.42 27.82
N ASP H 147 3.10 17.11 26.62
CA ASP H 147 2.47 16.06 25.83
C ASP H 147 2.70 14.67 26.38
N ASN H 148 1.77 13.76 26.13
CA ASN H 148 1.91 12.40 26.62
C ASN H 148 2.74 11.61 25.58
N TYR H 149 3.00 10.33 25.89
CA TYR H 149 3.84 9.47 25.06
C TYR H 149 3.51 9.44 23.56
N ASP H 150 2.23 9.51 23.20
CA ASP H 150 1.83 9.44 21.80
C ASP H 150 1.54 10.80 21.17
N GLY H 151 1.41 11.84 21.98
CA GLY H 151 1.09 13.17 21.43
C GLY H 151 -0.40 13.55 21.41
N ASN H 152 -1.27 12.55 21.54
CA ASN H 152 -2.73 12.75 21.52
C ASN H 152 -3.30 13.48 22.73
N GLU H 153 -2.62 13.39 23.86
CA GLU H 153 -3.10 13.98 25.11
C GLU H 153 -2.07 14.91 25.72
N ARG H 154 -2.52 15.68 26.71
CA ARG H 154 -1.66 16.51 27.52
C ARG H 154 -1.77 16.01 28.96
N GLU H 155 -0.66 16.10 29.68
CA GLU H 155 -0.63 15.72 31.09
C GLU H 155 0.20 16.66 31.93
N PRO H 156 -0.12 16.76 33.23
CA PRO H 156 0.62 17.61 34.15
C PRO H 156 2.07 17.12 34.39
N SER H 157 3.02 18.04 34.36
CA SER H 157 4.40 17.74 34.66
C SER H 157 4.58 17.55 36.17
N VAL H 158 3.78 18.26 36.96
CA VAL H 158 3.78 18.14 38.40
C VAL H 158 2.39 18.56 38.85
N LEU H 159 1.98 18.23 40.08
CA LEU H 159 0.68 18.62 40.58
C LEU H 159 0.79 19.81 41.50
N PRO H 160 -0.28 20.64 41.62
CA PRO H 160 -0.26 21.79 42.54
C PRO H 160 0.09 21.46 43.98
N ALA H 161 -0.35 20.30 44.47
CA ALA H 161 0.05 19.80 45.78
C ALA H 161 -0.07 20.84 46.91
N ARG H 162 -1.30 21.17 47.28
CA ARG H 162 -1.51 22.16 48.30
C ARG H 162 -1.17 21.70 49.72
N PHE H 163 -0.86 20.42 49.90
CA PHE H 163 -0.24 19.94 51.16
C PHE H 163 1.10 19.23 50.84
N PRO H 164 2.11 19.30 51.77
CA PRO H 164 3.48 18.74 51.53
C PRO H 164 3.58 17.18 51.52
N ASN H 165 3.21 16.60 50.38
CA ASN H 165 2.97 15.15 50.22
C ASN H 165 4.20 14.25 50.34
N LEU H 166 5.35 14.71 49.84
CA LEU H 166 6.60 13.93 49.90
C LEU H 166 6.97 13.49 51.31
N LEU H 167 6.88 14.39 52.28
CA LEU H 167 7.19 14.06 53.66
C LEU H 167 6.01 13.44 54.36
N ALA H 168 4.81 13.86 54.00
CA ALA H 168 3.58 13.41 54.64
C ALA H 168 3.36 11.90 54.45
N ASN H 169 3.46 11.44 53.19
CA ASN H 169 3.23 10.05 52.85
C ASN H 169 4.52 9.25 52.70
N GLY H 170 5.62 9.96 52.50
CA GLY H 170 6.92 9.31 52.35
C GLY H 170 7.13 8.71 50.98
N ALA H 171 8.30 8.09 50.79
CA ALA H 171 8.69 7.52 49.50
C ALA H 171 9.59 6.31 49.69
N SER H 172 9.58 5.42 48.70
CA SER H 172 10.33 4.16 48.77
C SER H 172 10.55 3.61 47.36
N GLY H 173 11.67 3.97 46.72
CA GLY H 173 11.96 3.52 45.36
C GLY H 173 13.39 3.02 45.15
N ILE H 174 13.55 2.01 44.32
CA ILE H 174 14.86 1.46 43.93
C ILE H 174 15.14 1.85 42.49
N ALA H 175 16.13 2.71 42.28
CA ALA H 175 16.48 3.15 40.92
C ALA H 175 17.65 2.41 40.34
N VAL H 176 18.57 3.11 39.69
CA VAL H 176 19.83 2.58 39.22
C VAL H 176 20.88 3.54 39.74
N GLY H 177 21.87 3.02 40.44
CA GLY H 177 22.89 3.90 40.99
C GLY H 177 22.52 4.45 42.34
N MET H 178 21.22 4.44 42.63
CA MET H 178 20.73 4.98 43.90
C MET H 178 19.39 4.38 44.22
N ALA H 179 18.97 4.62 45.45
CA ALA H 179 17.62 4.28 45.87
C ALA H 179 17.12 5.38 46.79
N THR H 180 15.84 5.34 47.14
CA THR H 180 15.27 6.34 48.05
C THR H 180 14.38 5.72 49.13
N ASN H 181 14.43 6.28 50.33
CA ASN H 181 13.60 5.81 51.42
C ASN H 181 13.30 6.97 52.36
N ILE H 182 12.10 7.53 52.25
CA ILE H 182 11.66 8.65 53.08
C ILE H 182 10.50 8.17 53.94
N PRO H 183 10.59 8.39 55.25
CA PRO H 183 9.47 7.94 56.11
C PRO H 183 8.26 8.93 56.07
N PRO H 184 7.05 8.46 56.41
CA PRO H 184 5.89 9.35 56.49
C PRO H 184 5.90 10.24 57.72
N HIS H 185 5.19 11.36 57.64
CA HIS H 185 5.13 12.36 58.72
C HIS H 185 3.73 12.86 59.02
N ASN H 186 3.54 13.45 60.21
CA ASN H 186 2.27 14.05 60.60
C ASN H 186 2.11 15.38 59.89
N LEU H 187 0.93 15.57 59.31
CA LEU H 187 0.62 16.75 58.52
C LEU H 187 0.59 18.05 59.33
N THR H 188 0.01 18.00 60.54
CA THR H 188 -0.05 19.17 61.42
C THR H 188 1.36 19.69 61.69
N GLU H 189 2.23 18.76 62.10
CA GLU H 189 3.59 19.10 62.40
C GLU H 189 4.31 19.71 61.19
N LEU H 190 4.11 19.11 60.02
CA LEU H 190 4.75 19.58 58.81
C LEU H 190 4.38 21.01 58.46
N ILE H 191 3.09 21.26 58.34
CA ILE H 191 2.59 22.59 57.99
C ILE H 191 3.12 23.64 59.00
N ASN H 192 3.09 23.30 60.28
CA ASN H 192 3.64 24.18 61.29
C ASN H 192 5.10 24.51 61.03
N GLY H 193 5.87 23.50 60.67
CA GLY H 193 7.24 23.69 60.29
C GLY H 193 7.37 24.55 59.04
N VAL H 194 6.43 24.39 58.11
CA VAL H 194 6.45 25.16 56.87
C VAL H 194 6.19 26.62 57.16
N LEU H 195 5.19 26.89 58.01
CA LEU H 195 4.88 28.25 58.38
C LEU H 195 6.05 28.88 59.12
N SER H 196 6.71 28.13 59.99
CA SER H 196 7.88 28.60 60.74
C SER H 196 9.01 29.01 59.82
N LEU H 197 9.21 28.23 58.77
CA LEU H 197 10.26 28.48 57.84
C LEU H 197 10.01 29.69 56.96
N SER H 198 8.73 29.92 56.62
CA SER H 198 8.34 31.03 55.78
C SER H 198 8.55 32.34 56.52
N LYS H 199 8.35 32.30 57.83
CA LYS H 199 8.53 33.46 58.71
C LYS H 199 10.00 33.83 58.86
N ASN H 200 10.88 32.84 58.92
CA ASN H 200 12.29 33.05 59.09
C ASN H 200 13.10 32.08 58.24
N PRO H 201 13.68 32.58 57.13
CA PRO H 201 14.41 31.76 56.15
C PRO H 201 15.68 31.11 56.69
N ASP H 202 16.25 31.67 57.75
CA ASP H 202 17.52 31.16 58.31
C ASP H 202 17.28 30.31 59.52
N ILE H 203 16.13 29.66 59.55
CA ILE H 203 15.78 28.76 60.66
C ILE H 203 16.67 27.49 60.63
N SER H 204 17.07 27.02 61.80
CA SER H 204 17.91 25.83 61.93
C SER H 204 17.06 24.56 61.98
N ILE H 205 17.70 23.43 61.68
CA ILE H 205 17.01 22.16 61.71
C ILE H 205 16.60 21.82 63.13
N ALA H 206 17.39 22.28 64.08
CA ALA H 206 17.03 22.15 65.49
C ALA H 206 15.71 22.85 65.75
N GLU H 207 15.57 24.07 65.20
CA GLU H 207 14.36 24.89 65.38
C GLU H 207 13.16 24.28 64.63
N LEU H 208 13.41 23.65 63.48
CA LEU H 208 12.35 23.01 62.72
C LEU H 208 11.84 21.78 63.46
N MET H 209 12.75 21.12 64.18
CA MET H 209 12.41 19.94 64.98
C MET H 209 11.50 20.21 66.15
N GLU H 210 11.44 21.46 66.60
CA GLU H 210 10.46 21.86 67.60
C GLU H 210 9.04 21.65 67.04
N ASP H 211 8.85 21.86 65.74
CA ASP H 211 7.57 21.59 65.10
C ASP H 211 7.45 20.13 64.66
N ILE H 212 8.41 19.69 63.85
CA ILE H 212 8.40 18.31 63.36
C ILE H 212 9.25 17.46 64.29
N GLU H 213 8.58 16.73 65.19
CA GLU H 213 9.23 15.91 66.21
C GLU H 213 9.93 14.70 65.63
N GLY H 214 9.41 14.21 64.50
CA GLY H 214 9.94 13.00 63.87
C GLY H 214 8.94 12.37 62.92
N PRO H 215 9.26 11.20 62.37
CA PRO H 215 8.33 10.48 61.50
C PRO H 215 7.10 9.99 62.24
N ASP H 216 5.98 9.93 61.53
CA ASP H 216 4.75 9.44 62.10
C ASP H 216 4.23 8.42 61.11
N PHE H 217 4.27 7.14 61.52
CA PHE H 217 3.89 6.03 60.65
C PHE H 217 2.42 5.72 60.80
N PRO H 218 1.75 5.31 59.70
CA PRO H 218 0.33 5.01 59.77
C PRO H 218 0.04 3.88 60.70
N THR H 219 1.00 2.96 60.87
CA THR H 219 0.85 1.77 61.69
C THR H 219 1.16 2.02 63.17
N ALA H 220 1.34 3.30 63.50
CA ALA H 220 1.72 3.78 64.84
C ALA H 220 3.07 3.16 65.31
N GLY H 221 3.07 2.67 66.55
CA GLY H 221 4.25 2.07 67.17
C GLY H 221 5.07 3.08 67.91
N LEU H 222 6.37 2.79 68.07
CA LEU H 222 7.25 3.65 68.90
C LEU H 222 8.59 3.82 68.25
N ILE H 223 9.12 5.04 68.32
CA ILE H 223 10.51 5.30 67.91
C ILE H 223 11.42 5.43 69.13
N LEU H 224 12.48 4.66 69.14
CA LEU H 224 13.44 4.68 70.24
C LEU H 224 14.49 5.81 70.12
N GLY H 225 14.29 6.90 70.85
CA GLY H 225 15.24 8.03 70.96
C GLY H 225 15.15 9.04 69.80
N LYS H 226 15.66 10.24 70.03
CA LYS H 226 15.71 11.29 69.02
C LYS H 226 17.03 11.34 68.23
N SER H 227 18.04 10.59 68.67
CA SER H 227 19.38 10.60 68.08
C SER H 227 19.42 10.25 66.59
N GLY H 228 18.68 9.22 66.18
CA GLY H 228 18.62 8.80 64.80
C GLY H 228 17.88 9.80 63.94
N ILE H 229 16.78 10.33 64.46
CA ILE H 229 15.95 11.32 63.76
C ILE H 229 16.76 12.59 63.42
N ARG H 230 17.56 13.07 64.37
CA ARG H 230 18.38 14.28 64.17
C ARG H 230 19.36 14.09 63.02
N ARG H 231 20.07 12.97 63.01
CA ARG H 231 21.06 12.67 61.96
C ARG H 231 20.39 12.66 60.61
N ALA H 232 19.21 12.03 60.54
CA ALA H 232 18.46 11.87 59.30
C ALA H 232 17.99 13.22 58.76
N TYR H 233 17.54 14.11 59.63
CA TYR H 233 17.05 15.39 59.19
C TYR H 233 18.15 16.34 58.80
N GLU H 234 19.28 16.25 59.49
CA GLU H 234 20.39 17.13 59.23
C GLU H 234 21.17 16.70 58.00
N THR H 235 21.35 15.39 57.82
CA THR H 235 22.23 14.90 56.76
C THR H 235 21.51 14.27 55.59
N GLY H 236 20.27 13.85 55.83
CA GLY H 236 19.42 13.24 54.80
C GLY H 236 19.54 11.74 54.80
N ARG H 237 20.36 11.22 55.71
CA ARG H 237 20.61 9.80 55.87
C ARG H 237 20.67 9.48 57.36
N GLY H 238 20.09 8.34 57.76
CA GLY H 238 19.98 7.99 59.17
C GLY H 238 19.25 6.69 59.40
N SER H 239 19.46 6.10 60.57
CA SER H 239 18.76 4.89 60.94
C SER H 239 17.86 5.14 62.15
N ILE H 240 16.58 4.83 62.01
CA ILE H 240 15.59 5.02 63.05
C ILE H 240 15.06 3.70 63.60
N GLN H 241 15.17 3.51 64.91
CA GLN H 241 14.72 2.29 65.58
C GLN H 241 13.21 2.30 65.83
N MET H 242 12.52 1.28 65.32
CA MET H 242 11.05 1.18 65.49
C MET H 242 10.72 -0.06 66.26
N ARG H 243 10.01 0.11 67.37
CA ARG H 243 9.69 -1.01 68.24
C ARG H 243 8.17 -1.11 68.39
N SER H 244 7.69 -2.35 68.44
CA SER H 244 6.26 -2.64 68.60
C SER H 244 5.77 -2.21 69.98
N ARG H 245 4.50 -1.86 70.08
CA ARG H 245 3.88 -1.59 71.37
C ARG H 245 3.43 -2.89 72.04
N ALA H 246 4.16 -3.31 73.07
CA ALA H 246 3.80 -4.51 73.85
C ALA H 246 3.77 -4.20 75.36
N VAL H 247 2.74 -4.68 76.06
CA VAL H 247 2.65 -4.48 77.51
C VAL H 247 2.45 -5.82 78.20
N ILE H 248 2.97 -5.93 79.41
CA ILE H 248 2.91 -7.20 80.17
C ILE H 248 1.68 -7.18 81.11
N GLU H 249 0.69 -8.02 80.79
CA GLU H 249 -0.57 -8.12 81.56
C GLU H 249 -0.51 -9.23 82.62
N GLN H 256 0.94 -14.73 83.72
CA GLN H 256 1.07 -13.48 82.96
C GLN H 256 1.15 -13.68 81.44
N ARG H 257 0.91 -12.61 80.70
CA ARG H 257 0.85 -12.63 79.24
C ARG H 257 1.28 -11.29 78.64
N ILE H 258 1.90 -11.36 77.47
CA ILE H 258 2.39 -10.19 76.74
C ILE H 258 1.47 -9.90 75.55
N VAL H 259 1.01 -8.65 75.44
CA VAL H 259 0.05 -8.27 74.40
C VAL H 259 0.62 -7.18 73.46
N VAL H 260 0.58 -7.42 72.15
CA VAL H 260 1.00 -6.42 71.17
C VAL H 260 -0.17 -5.81 70.43
N THR H 261 -0.27 -4.48 70.51
CA THR H 261 -1.34 -3.76 69.78
C THR H 261 -0.85 -3.07 68.49
N GLU H 262 0.45 -2.76 68.42
CA GLU H 262 0.98 -1.99 67.26
C GLU H 262 2.29 -2.60 66.78
N ILE H 263 2.49 -2.72 65.47
CA ILE H 263 3.76 -3.28 64.96
C ILE H 263 4.48 -2.29 64.06
N PRO H 264 5.76 -2.56 63.72
CA PRO H 264 6.52 -1.55 62.95
C PRO H 264 6.03 -1.38 61.53
N PHE H 265 6.37 -0.25 60.97
CA PHE H 265 5.96 0.12 59.62
C PHE H 265 6.58 -0.81 58.59
N GLN H 266 5.78 -1.20 57.59
CA GLN H 266 6.20 -2.07 56.51
C GLN H 266 6.58 -3.48 56.94
N VAL H 267 6.25 -3.88 58.17
CA VAL H 267 6.58 -5.18 58.67
C VAL H 267 5.40 -6.10 58.45
N ASN H 268 5.64 -7.23 57.79
CA ASN H 268 4.60 -8.21 57.51
C ASN H 268 4.22 -8.96 58.79
N LYS H 269 2.97 -8.82 59.23
CA LYS H 269 2.52 -9.42 60.49
C LYS H 269 2.58 -10.95 60.49
N ALA H 270 2.09 -11.54 59.42
CA ALA H 270 2.10 -12.97 59.25
C ALA H 270 3.53 -13.56 59.30
N ARG H 271 4.45 -12.93 58.55
CA ARG H 271 5.83 -13.38 58.49
C ARG H 271 6.54 -13.29 59.85
N MET H 272 6.21 -12.25 60.62
CA MET H 272 6.77 -12.08 61.96
C MET H 272 6.36 -13.21 62.86
N ILE H 273 5.07 -13.54 62.83
CA ILE H 273 4.52 -14.65 63.60
C ILE H 273 5.20 -15.97 63.24
N GLU H 274 5.32 -16.24 61.94
CA GLU H 274 5.98 -17.45 61.47
C GLU H 274 7.45 -17.51 61.94
N LYS H 275 8.10 -16.34 62.04
CA LYS H 275 9.48 -16.26 62.52
C LYS H 275 9.61 -16.62 64.00
N ILE H 276 8.65 -16.17 64.81
CA ILE H 276 8.63 -16.50 66.23
C ILE H 276 8.36 -17.99 66.38
N ALA H 277 7.33 -18.49 65.70
CA ALA H 277 6.99 -19.92 65.68
C ALA H 277 8.17 -20.83 65.32
N GLU H 278 9.00 -20.40 64.35
CA GLU H 278 10.20 -21.12 63.97
C GLU H 278 11.21 -21.14 65.12
N LEU H 279 11.26 -20.05 65.90
CA LEU H 279 12.17 -19.99 67.04
C LEU H 279 11.76 -20.89 68.19
N VAL H 280 10.46 -21.02 68.45
CA VAL H 280 9.98 -21.92 69.52
C VAL H 280 10.14 -23.38 69.11
N ARG H 281 9.88 -23.70 67.83
CA ARG H 281 10.06 -25.05 67.28
C ARG H 281 11.52 -25.49 67.33
N ASP H 282 12.41 -24.59 66.92
CA ASP H 282 13.87 -24.84 66.83
C ASP H 282 14.57 -24.60 68.20
N LYS H 283 13.76 -24.34 69.24
CA LYS H 283 14.18 -24.15 70.64
C LYS H 283 15.18 -22.99 70.87
N LYS H 284 15.14 -21.98 70.01
CA LYS H 284 15.96 -20.77 70.16
C LYS H 284 15.28 -19.74 71.09
N ILE H 285 14.00 -19.97 71.45
CA ILE H 285 13.21 -19.03 72.23
C ILE H 285 12.57 -19.72 73.45
N ASP H 286 12.64 -19.09 74.62
CA ASP H 286 12.37 -19.77 75.92
C ASP H 286 11.31 -19.06 76.74
N GLY H 287 10.40 -19.81 77.37
CA GLY H 287 9.39 -19.25 78.31
C GLY H 287 8.04 -18.89 77.70
N ILE H 288 7.84 -19.18 76.42
CA ILE H 288 6.50 -19.04 75.83
C ILE H 288 5.75 -20.36 75.90
N THR H 289 4.48 -20.28 76.28
CA THR H 289 3.59 -21.42 76.31
C THR H 289 2.65 -21.48 75.12
N ASP H 290 2.17 -20.30 74.71
CA ASP H 290 1.26 -20.17 73.57
C ASP H 290 1.46 -18.84 72.84
N LEU H 291 1.34 -18.87 71.51
CA LEU H 291 1.54 -17.70 70.65
C LEU H 291 0.28 -17.54 69.79
N ARG H 292 -0.41 -16.43 69.91
CA ARG H 292 -1.77 -16.31 69.34
C ARG H 292 -1.96 -14.99 68.65
N ASP H 293 -2.71 -15.01 67.55
CA ASP H 293 -3.10 -13.78 66.80
C ASP H 293 -4.62 -13.57 66.85
N GLU H 294 -5.07 -12.69 67.75
CA GLU H 294 -6.46 -12.37 67.94
C GLU H 294 -6.83 -11.05 67.24
N THR H 295 -6.24 -10.85 66.07
CA THR H 295 -6.46 -9.62 65.30
C THR H 295 -7.82 -9.73 64.61
N SER H 296 -8.65 -8.71 64.83
CA SER H 296 -9.94 -8.60 64.14
C SER H 296 -10.16 -7.18 63.65
N LEU H 297 -11.20 -6.96 62.85
CA LEU H 297 -11.50 -5.63 62.35
C LEU H 297 -11.95 -4.69 63.47
N ARG H 298 -12.69 -5.24 64.43
CA ARG H 298 -13.14 -4.51 65.62
C ARG H 298 -11.97 -4.09 66.52
N THR H 299 -11.13 -5.05 66.88
CA THR H 299 -10.02 -4.81 67.81
C THR H 299 -8.75 -4.19 67.21
N GLY H 300 -8.58 -4.32 65.90
CA GLY H 300 -7.28 -4.01 65.29
C GLY H 300 -6.30 -5.13 65.56
N VAL H 301 -5.00 -4.79 65.68
CA VAL H 301 -3.95 -5.78 65.91
C VAL H 301 -3.93 -6.25 67.35
N ARG H 302 -3.99 -7.56 67.54
CA ARG H 302 -3.91 -8.15 68.87
C ARG H 302 -3.09 -9.43 68.80
N VAL H 303 -1.85 -9.38 69.30
CA VAL H 303 -0.94 -10.53 69.28
C VAL H 303 -0.58 -10.85 70.71
N VAL H 304 -1.00 -12.05 71.16
CA VAL H 304 -0.80 -12.49 72.53
C VAL H 304 0.28 -13.57 72.63
N ILE H 305 1.23 -13.34 73.54
CA ILE H 305 2.20 -14.39 73.98
C ILE H 305 1.96 -14.72 75.45
N ASP H 306 1.60 -15.98 75.74
CA ASP H 306 1.38 -16.44 77.12
C ASP H 306 2.67 -16.97 77.76
N VAL H 307 3.04 -16.41 78.89
CA VAL H 307 4.31 -16.76 79.55
C VAL H 307 4.13 -17.94 80.51
N ARG H 308 5.17 -18.77 80.64
CA ARG H 308 5.20 -19.90 81.58
C ARG H 308 5.17 -19.41 83.02
N LYS H 309 4.71 -20.24 83.94
CA LYS H 309 4.90 -20.05 85.36
C LYS H 309 6.18 -20.79 85.57
N ALA H 311 8.30 -17.68 85.46
CA ALA H 311 9.22 -17.31 84.39
C ALA H 311 9.06 -15.84 83.95
N ASN H 312 10.17 -15.18 83.70
CA ASN H 312 10.21 -13.72 83.57
C ASN H 312 9.85 -13.22 82.16
N ALA H 313 8.74 -12.53 82.06
CA ALA H 313 8.25 -11.97 80.79
C ALA H 313 9.19 -10.91 80.18
N SER H 314 9.78 -10.10 81.05
CA SER H 314 10.70 -9.03 80.67
C SER H 314 11.85 -9.56 79.85
N VAL H 315 12.39 -10.72 80.23
CA VAL H 315 13.50 -11.33 79.54
C VAL H 315 13.09 -11.74 78.14
N ILE H 316 11.96 -12.43 78.05
CA ILE H 316 11.44 -12.95 76.80
C ILE H 316 11.10 -11.81 75.83
N LEU H 317 10.43 -10.76 76.35
CA LEU H 317 10.07 -9.62 75.52
C LEU H 317 11.31 -8.98 74.89
N ASN H 318 12.36 -8.80 75.71
CA ASN H 318 13.60 -8.22 75.23
C ASN H 318 14.34 -9.09 74.23
N ASN H 319 14.22 -10.41 74.39
CA ASN H 319 14.77 -11.39 73.43
C ASN H 319 14.07 -11.25 72.08
N LEU H 320 12.76 -11.04 72.13
CA LEU H 320 11.97 -10.91 70.91
C LEU H 320 12.35 -9.69 70.03
N TYR H 321 12.69 -8.58 70.69
CA TYR H 321 13.13 -7.38 70.00
C TYR H 321 14.43 -7.62 69.28
N LYS H 322 15.33 -8.35 69.96
CA LYS H 322 16.66 -8.69 69.47
C LYS H 322 16.59 -9.75 68.36
N GLN H 323 15.60 -10.62 68.40
CA GLN H 323 15.57 -11.80 67.51
C GLN H 323 14.57 -11.76 66.35
N THR H 324 13.48 -10.99 66.50
CA THR H 324 12.40 -10.98 65.50
C THR H 324 12.12 -9.56 64.98
N PRO H 325 11.25 -9.40 63.95
CA PRO H 325 10.91 -8.07 63.41
C PRO H 325 9.98 -7.26 64.32
N LEU H 326 9.89 -7.67 65.59
CA LEU H 326 9.13 -6.93 66.59
C LEU H 326 9.81 -5.58 66.84
N GLN H 327 11.12 -5.54 66.59
CA GLN H 327 11.88 -4.31 66.51
C GLN H 327 12.62 -4.33 65.19
N THR H 328 12.50 -3.27 64.43
CA THR H 328 13.06 -3.16 63.07
C THR H 328 13.57 -1.73 62.92
N SER H 329 14.60 -1.55 62.11
CA SER H 329 15.13 -0.21 61.85
C SER H 329 14.65 0.30 60.48
N PHE H 330 14.35 1.58 60.38
CA PHE H 330 14.09 2.23 59.11
C PHE H 330 15.34 2.99 58.67
N GLY H 331 15.86 2.66 57.51
CA GLY H 331 17.00 3.39 57.00
C GLY H 331 16.66 4.52 56.06
N VAL H 332 16.59 5.72 56.61
CA VAL H 332 16.33 6.97 55.88
C VAL H 332 17.40 7.29 54.81
N ASN H 333 16.94 7.57 53.62
CA ASN H 333 17.80 7.81 52.46
C ASN H 333 16.99 8.78 51.60
N MET H 334 17.08 10.06 51.90
CA MET H 334 16.16 11.05 51.29
C MET H 334 16.60 11.62 49.95
N ILE H 335 16.47 10.83 48.91
CA ILE H 335 16.73 11.30 47.55
C ILE H 335 15.39 11.62 46.85
N ALA H 336 15.29 12.86 46.37
CA ALA H 336 14.16 13.30 45.59
C ALA H 336 14.62 13.98 44.31
N LEU H 337 13.73 14.13 43.37
CA LEU H 337 14.05 14.86 42.14
C LEU H 337 13.85 16.36 42.34
N VAL H 338 14.96 17.06 42.28
CA VAL H 338 14.94 18.52 42.45
C VAL H 338 15.48 19.13 41.16
N ASN H 339 14.66 19.97 40.51
CA ASN H 339 14.93 20.49 39.14
C ASN H 339 15.22 19.41 38.12
N GLY H 340 14.50 18.29 38.26
CA GLY H 340 14.63 17.10 37.40
C GLY H 340 15.97 16.36 37.39
N ARG H 341 16.72 16.55 38.47
CA ARG H 341 17.90 15.77 38.73
C ARG H 341 17.74 15.19 40.16
N PRO H 342 18.25 13.94 40.37
CA PRO H 342 18.22 13.35 41.71
C PRO H 342 19.17 14.10 42.66
N LYS H 343 18.79 14.24 43.92
CA LYS H 343 19.56 14.98 44.91
C LYS H 343 19.30 14.43 46.33
N LEU H 344 20.34 14.27 47.14
CA LEU H 344 20.12 13.90 48.54
C LEU H 344 19.81 15.17 49.32
N ILE H 345 18.60 15.20 49.90
CA ILE H 345 18.14 16.39 50.58
C ILE H 345 17.93 16.15 52.06
N ASN H 346 18.17 17.19 52.86
CA ASN H 346 17.85 17.18 54.28
C ASN H 346 16.44 17.68 54.50
N LEU H 347 16.01 17.76 55.75
CA LEU H 347 14.68 18.24 56.07
C LEU H 347 14.41 19.68 55.62
N LYS H 348 15.35 20.59 55.90
CA LYS H 348 15.15 21.98 55.52
C LYS H 348 15.05 22.15 54.01
N GLU H 349 15.88 21.45 53.23
CA GLU H 349 15.86 21.59 51.77
C GLU H 349 14.49 21.16 51.19
N ALA H 350 13.94 20.09 51.75
CA ALA H 350 12.63 19.57 51.39
C ALA H 350 11.56 20.62 51.64
N LEU H 351 11.62 21.24 52.80
CA LEU H 351 10.65 22.28 53.16
C LEU H 351 10.85 23.53 52.32
N VAL H 352 12.09 23.88 52.02
CA VAL H 352 12.36 25.07 51.21
C VAL H 352 11.79 24.89 49.81
N HIS H 353 12.06 23.73 49.21
CA HIS H 353 11.56 23.48 47.85
C HIS H 353 10.04 23.44 47.75
N TYR H 354 9.40 22.84 48.76
CA TYR H 354 7.95 22.78 48.78
C TYR H 354 7.37 24.16 48.93
N LEU H 355 7.92 24.96 49.84
CA LEU H 355 7.47 26.34 50.03
C LEU H 355 7.51 27.13 48.73
N GLU H 356 8.60 27.00 47.98
CA GLU H 356 8.76 27.70 46.72
C GLU H 356 7.71 27.28 45.71
N HIS H 357 7.41 25.98 45.68
CA HIS H 357 6.32 25.45 44.83
C HIS H 357 4.97 26.11 45.14
N GLN H 358 4.67 26.23 46.42
CA GLN H 358 3.48 26.92 46.84
C GLN H 358 3.48 28.38 46.44
N LYS H 359 4.58 29.09 46.67
CA LYS H 359 4.72 30.51 46.29
C LYS H 359 4.44 30.64 44.81
N THR H 360 5.07 29.79 44.00
CA THR H 360 4.95 29.88 42.57
C THR H 360 3.55 29.50 42.09
N VAL H 361 2.99 28.44 42.70
CA VAL H 361 1.63 28.03 42.35
C VAL H 361 0.64 29.19 42.60
N VAL H 362 0.72 29.78 43.78
CA VAL H 362 -0.21 30.85 44.14
C VAL H 362 -0.02 32.09 43.27
N ARG H 363 1.23 32.41 42.95
CA ARG H 363 1.48 33.55 42.10
C ARG H 363 0.84 33.34 40.68
N ARG H 364 1.05 32.15 40.14
CA ARG H 364 0.53 31.81 38.82
C ARG H 364 -1.01 31.79 38.76
N ARG H 365 -1.63 31.30 39.83
CA ARG H 365 -3.08 31.25 39.93
C ARG H 365 -3.62 32.67 39.96
N THR H 366 -2.96 33.54 40.71
CA THR H 366 -3.36 34.92 40.86
C THR H 366 -3.23 35.64 39.54
N GLN H 367 -2.14 35.38 38.80
CA GLN H 367 -1.97 36.00 37.49
C GLN H 367 -3.02 35.56 36.49
N TYR H 368 -3.39 34.28 36.57
CA TYR H 368 -4.44 33.76 35.71
C TYR H 368 -5.77 34.42 36.00
N ASN H 369 -6.15 34.48 37.28
CA ASN H 369 -7.41 35.08 37.68
C ASN H 369 -7.51 36.51 37.28
N LEU H 370 -6.41 37.23 37.39
CA LEU H 370 -6.37 38.61 36.98
C LEU H 370 -6.67 38.78 35.49
N ARG H 371 -6.03 37.97 34.63
CA ARG H 371 -6.23 38.07 33.18
C ARG H 371 -7.72 37.86 32.89
N LYS H 372 -8.33 36.85 33.54
CA LYS H 372 -9.73 36.54 33.34
C LYS H 372 -10.60 37.67 33.82
N ALA H 373 -10.31 38.17 35.02
CA ALA H 373 -11.13 39.23 35.66
C ALA H 373 -11.14 40.48 34.82
N LYS H 374 -9.96 40.88 34.33
CA LYS H 374 -9.85 42.05 33.51
C LYS H 374 -10.58 41.89 32.20
N ASP H 375 -10.50 40.69 31.61
CA ASP H 375 -11.19 40.41 30.35
C ASP H 375 -12.66 40.56 30.53
N ARG H 376 -13.18 39.97 31.61
CA ARG H 376 -14.60 39.98 31.90
C ARG H 376 -15.08 41.40 32.16
N ALA H 377 -14.27 42.14 32.94
CA ALA H 377 -14.63 43.52 33.27
C ALA H 377 -14.77 44.33 31.98
N HIS H 378 -13.76 44.23 31.11
CA HIS H 378 -13.74 44.89 29.82
C HIS H 378 -15.01 44.55 29.02
N ILE H 379 -15.40 43.28 29.00
CA ILE H 379 -16.65 42.87 28.36
C ILE H 379 -17.85 43.54 29.01
N LEU H 380 -17.87 43.53 30.34
CA LEU H 380 -18.99 44.09 31.08
C LEU H 380 -19.14 45.61 30.78
N GLU H 381 -18.02 46.33 30.69
CA GLU H 381 -18.02 47.75 30.36
C GLU H 381 -18.74 48.03 29.06
N GLY H 382 -18.50 47.20 28.06
CA GLY H 382 -19.21 47.24 26.77
C GLY H 382 -20.69 46.98 26.92
N LEU H 383 -21.04 45.91 27.63
CA LEU H 383 -22.45 45.57 27.89
C LEU H 383 -23.19 46.68 28.60
N ARG H 384 -22.49 47.33 29.53
CA ARG H 384 -23.00 48.49 30.28
C ARG H 384 -23.33 49.65 29.36
N ILE H 385 -22.44 49.88 28.38
CA ILE H 385 -22.64 50.91 27.39
C ILE H 385 -23.88 50.58 26.56
N ALA H 386 -23.97 49.34 26.11
CA ALA H 386 -25.10 48.93 25.28
C ALA H 386 -26.42 49.09 25.99
N LEU H 387 -26.51 48.68 27.24
CA LEU H 387 -27.77 48.78 27.97
C LEU H 387 -28.19 50.20 28.24
N ASP H 388 -27.22 51.10 28.35
CA ASP H 388 -27.51 52.52 28.57
C ASP H 388 -27.98 53.20 27.31
N HIS H 389 -27.60 52.70 26.15
CA HIS H 389 -27.99 53.28 24.89
C HIS H 389 -28.61 52.24 23.97
N ILE H 390 -29.47 51.40 24.55
CA ILE H 390 -30.07 50.27 23.83
C ILE H 390 -30.76 50.65 22.51
N ASP H 391 -31.50 51.75 22.54
CA ASP H 391 -32.26 52.21 21.38
C ASP H 391 -31.39 52.41 20.17
N GLU H 392 -30.23 53.03 20.39
CA GLU H 392 -29.28 53.30 19.34
C GLU H 392 -28.56 52.06 18.89
N ILE H 393 -28.24 51.19 19.84
CA ILE H 393 -27.60 49.90 19.58
C ILE H 393 -28.47 49.09 18.62
N ILE H 394 -29.76 48.97 18.96
CA ILE H 394 -30.71 48.23 18.15
C ILE H 394 -30.80 48.78 16.73
N SER H 395 -30.94 50.10 16.61
CA SER H 395 -30.98 50.72 15.30
C SER H 395 -29.70 50.49 14.50
N THR H 396 -28.55 50.56 15.17
CA THR H 396 -27.26 50.32 14.53
C THR H 396 -27.18 48.92 13.92
N ILE H 397 -27.67 47.93 14.64
CA ILE H 397 -27.67 46.56 14.18
C ILE H 397 -28.62 46.41 13.01
N ARG H 398 -29.87 46.83 13.18
CA ARG H 398 -30.90 46.67 12.13
C ARG H 398 -30.51 47.33 10.81
N GLU H 399 -29.86 48.50 10.89
CA GLU H 399 -29.37 49.21 9.71
C GLU H 399 -28.25 48.47 9.00
N SER H 400 -27.55 47.60 9.71
CA SER H 400 -26.41 46.87 9.15
C SER H 400 -26.83 45.68 8.34
N ASP H 401 -26.16 45.47 7.21
CA ASP H 401 -26.49 44.35 6.30
C ASP H 401 -25.98 43.01 6.77
N THR H 402 -24.76 42.97 7.29
CA THR H 402 -24.13 41.73 7.78
C THR H 402 -23.58 41.88 9.18
N ASP H 403 -23.15 40.77 9.80
CA ASP H 403 -22.55 40.86 11.13
C ASP H 403 -21.22 41.60 11.15
N LYS H 404 -20.47 41.50 10.06
CA LYS H 404 -19.20 42.23 9.89
C LYS H 404 -19.47 43.71 9.89
N VAL H 405 -20.57 44.12 9.24
CA VAL H 405 -20.95 45.54 9.18
C VAL H 405 -21.35 46.09 10.54
N ALA H 406 -22.18 45.33 11.23
CA ALA H 406 -22.67 45.72 12.55
C ALA H 406 -21.54 45.89 13.55
N MET H 407 -20.55 44.99 13.45
CA MET H 407 -19.39 45.03 14.32
C MET H 407 -18.63 46.33 14.15
N GLU H 408 -18.37 46.67 12.89
CA GLU H 408 -17.64 47.89 12.51
C GLU H 408 -18.41 49.10 12.98
N SER H 409 -19.71 49.11 12.70
CA SER H 409 -20.55 50.25 13.07
C SER H 409 -20.66 50.42 14.56
N LEU H 410 -20.79 49.32 15.31
CA LEU H 410 -20.87 49.40 16.77
C LEU H 410 -19.58 49.96 17.36
N GLN H 411 -18.44 49.59 16.79
CA GLN H 411 -17.15 50.06 17.28
C GLN H 411 -16.97 51.54 17.03
N GLN H 412 -17.20 51.95 15.78
CA GLN H 412 -16.98 53.32 15.32
C GLN H 412 -17.96 54.30 16.02
N ARG H 413 -19.18 53.87 16.29
CA ARG H 413 -20.19 54.78 16.85
C ARG H 413 -20.11 54.91 18.36
N PHE H 414 -19.97 53.81 19.09
CA PHE H 414 -20.01 53.85 20.55
C PHE H 414 -18.65 53.63 21.21
N LYS H 415 -17.59 53.87 20.44
CA LYS H 415 -16.18 53.85 20.91
C LYS H 415 -15.85 52.54 21.64
N LEU H 416 -16.29 51.42 21.04
CA LEU H 416 -16.15 50.07 21.59
C LEU H 416 -15.04 49.29 20.90
N SER H 417 -14.49 48.30 21.60
CA SER H 417 -13.46 47.42 21.03
C SER H 417 -14.09 46.27 20.30
N GLU H 418 -13.27 45.52 19.55
CA GLU H 418 -13.80 44.40 18.79
C GLU H 418 -14.37 43.35 19.70
N LYS H 419 -13.71 43.07 20.82
CA LYS H 419 -14.22 42.09 21.77
C LYS H 419 -15.53 42.58 22.38
N GLN H 420 -15.63 43.87 22.66
CA GLN H 420 -16.86 44.41 23.22
C GLN H 420 -18.01 44.40 22.24
N ALA H 421 -17.72 44.71 20.98
CA ALA H 421 -18.73 44.67 19.92
C ALA H 421 -19.26 43.23 19.70
N GLN H 422 -18.36 42.25 19.73
CA GLN H 422 -18.72 40.87 19.59
C GLN H 422 -19.69 40.47 20.70
N ALA H 423 -19.37 40.89 21.92
CA ALA H 423 -20.16 40.54 23.08
C ALA H 423 -21.55 41.10 23.00
N ILE H 424 -21.66 42.35 22.50
CA ILE H 424 -22.96 43.02 22.32
C ILE H 424 -23.81 42.25 21.32
N LEU H 425 -23.21 41.84 20.19
CA LEU H 425 -23.94 41.08 19.19
C LEU H 425 -24.43 39.76 19.73
N ASP H 426 -23.63 39.15 20.62
CA ASP H 426 -23.97 37.86 21.15
C ASP H 426 -24.96 37.94 22.28
N MET H 427 -25.34 39.17 22.67
CA MET H 427 -26.24 39.35 23.83
C MET H 427 -27.63 38.80 23.55
N ARG H 428 -28.22 38.13 24.53
CA ARG H 428 -29.58 37.57 24.32
C ARG H 428 -30.62 38.61 24.70
N LEU H 429 -31.77 38.60 24.00
CA LEU H 429 -32.84 39.56 24.29
C LEU H 429 -33.27 39.56 25.76
N ARG H 430 -33.15 38.43 26.46
CA ARG H 430 -33.57 38.37 27.87
C ARG H 430 -32.74 39.26 28.82
N ARG H 431 -31.55 39.66 28.36
CA ARG H 431 -30.65 40.53 29.15
C ARG H 431 -31.19 41.93 29.29
N LEU H 432 -32.26 42.25 28.54
CA LEU H 432 -32.82 43.58 28.54
C LEU H 432 -33.76 43.87 29.71
N THR H 433 -34.09 42.85 30.50
CA THR H 433 -35.01 43.02 31.63
C THR H 433 -34.34 43.70 32.81
N GLY H 434 -35.18 44.23 33.70
CA GLY H 434 -34.75 44.91 34.90
C GLY H 434 -33.75 44.14 35.72
N LEU H 435 -34.09 42.92 36.11
CA LEU H 435 -33.17 42.11 36.92
C LEU H 435 -31.82 41.91 36.27
N GLU H 436 -31.83 41.62 34.99
CA GLU H 436 -30.62 41.37 34.24
C GLU H 436 -29.71 42.58 34.13
N ARG H 437 -30.32 43.76 34.02
CA ARG H 437 -29.56 45.00 34.00
C ARG H 437 -28.87 45.20 35.34
N ASP H 438 -29.58 44.91 36.43
CA ASP H 438 -29.04 45.06 37.75
C ASP H 438 -27.98 44.00 38.05
N LYS H 439 -28.15 42.81 37.49
CA LYS H 439 -27.21 41.70 37.68
C LYS H 439 -25.85 42.06 37.09
N ILE H 440 -25.85 42.64 35.88
CA ILE H 440 -24.63 43.01 35.18
C ILE H 440 -23.86 44.04 35.98
N GLU H 441 -24.55 45.05 36.49
CA GLU H 441 -23.95 46.10 37.28
C GLU H 441 -23.34 45.53 38.57
N ALA H 442 -24.09 44.66 39.24
CA ALA H 442 -23.60 44.04 40.46
C ALA H 442 -22.36 43.14 40.21
N GLU H 443 -22.30 42.49 39.05
CA GLU H 443 -21.14 41.70 38.70
C GLU H 443 -19.93 42.60 38.52
N TYR H 444 -20.14 43.72 37.83
CA TYR H 444 -19.06 44.67 37.56
C TYR H 444 -18.43 45.28 38.82
N ASN H 445 -19.28 45.72 39.73
CA ASN H 445 -18.84 46.31 40.98
C ASN H 445 -18.00 45.31 41.77
N GLU H 446 -18.46 44.06 41.86
CA GLU H 446 -17.73 43.01 42.57
C GLU H 446 -16.37 42.72 41.89
N LEU H 447 -16.41 42.65 40.56
CA LEU H 447 -15.22 42.40 39.79
C LEU H 447 -14.10 43.43 39.98
N LEU H 448 -14.50 44.70 40.09
CA LEU H 448 -13.57 45.80 40.32
C LEU H 448 -12.83 45.65 41.64
N ASN H 449 -13.56 45.23 42.67
CA ASN H 449 -13.00 44.96 43.96
C ASN H 449 -11.99 43.82 43.91
N TYR H 450 -12.35 42.78 43.16
CA TYR H 450 -11.53 41.61 43.07
C TYR H 450 -10.24 41.89 42.30
N ILE H 451 -10.29 42.71 41.26
CA ILE H 451 -9.10 43.00 40.49
C ILE H 451 -8.08 43.69 41.39
N SER H 452 -8.57 44.58 42.25
CA SER H 452 -7.69 45.28 43.20
C SER H 452 -6.98 44.30 44.11
N GLU H 453 -7.75 43.36 44.68
CA GLU H 453 -7.15 42.34 45.55
C GLU H 453 -6.03 41.58 44.86
N LEU H 454 -6.28 41.15 43.62
CA LEU H 454 -5.31 40.38 42.85
C LEU H 454 -4.07 41.22 42.56
N GLU H 455 -4.30 42.49 42.20
CA GLU H 455 -3.19 43.41 41.89
C GLU H 455 -2.26 43.65 43.09
N THR H 456 -2.85 43.70 44.29
CA THR H 456 -2.10 43.89 45.52
C THR H 456 -1.15 42.73 45.79
N ILE H 457 -1.65 41.51 45.66
CA ILE H 457 -0.87 40.29 45.84
C ILE H 457 0.33 40.27 44.92
N LEU H 458 0.11 40.63 43.66
CA LEU H 458 1.17 40.66 42.67
C LEU H 458 2.20 41.78 42.85
N ALA H 459 1.80 42.89 43.48
CA ALA H 459 2.72 44.02 43.70
C ALA H 459 3.64 43.78 44.90
N ASP H 460 3.06 43.48 46.05
CA ASP H 460 3.81 43.25 47.28
C ASP H 460 4.09 41.77 47.54
N GLU H 461 5.37 41.40 47.67
CA GLU H 461 5.76 40.00 47.90
C GLU H 461 5.35 39.44 49.27
N GLU H 462 5.16 40.33 50.25
CA GLU H 462 4.77 39.88 51.58
C GLU H 462 3.32 39.44 51.62
N VAL H 463 2.48 40.14 50.86
CA VAL H 463 1.04 39.83 50.73
C VAL H 463 0.85 38.46 50.09
N LEU H 464 1.65 38.19 49.06
CA LEU H 464 1.65 36.87 48.41
C LEU H 464 2.06 35.77 49.40
N LEU H 465 3.09 36.07 50.20
CA LEU H 465 3.58 35.10 51.19
C LEU H 465 2.55 34.84 52.29
N GLN H 466 1.79 35.87 52.63
CA GLN H 466 0.76 35.74 53.65
C GLN H 466 -0.38 34.87 53.15
N LEU H 467 -0.72 35.06 51.88
CA LEU H 467 -1.77 34.26 51.26
C LEU H 467 -1.43 32.76 51.28
N VAL H 468 -0.17 32.43 51.02
CA VAL H 468 0.33 31.03 51.07
C VAL H 468 0.13 30.46 52.48
N ARG H 469 0.52 31.28 53.48
CA ARG H 469 0.38 30.92 54.89
C ARG H 469 -1.06 30.64 55.24
N ASP H 470 -1.93 31.54 54.80
CA ASP H 470 -3.35 31.48 55.10
C ASP H 470 -3.98 30.23 54.52
N GLU H 471 -3.60 29.88 53.31
CA GLU H 471 -4.15 28.70 52.63
C GLU H 471 -3.67 27.40 53.23
N LEU H 472 -2.39 27.40 53.65
CA LEU H 472 -1.80 26.23 54.32
C LEU H 472 -2.46 25.98 55.65
N THR H 473 -2.74 27.06 56.37
CA THR H 473 -3.43 26.97 57.66
C THR H 473 -4.76 26.30 57.51
N GLU H 474 -5.53 26.69 56.51
CA GLU H 474 -6.87 26.13 56.22
C GLU H 474 -6.79 24.63 56.01
N ILE H 475 -5.75 24.18 55.30
CA ILE H 475 -5.54 22.76 55.03
C ILE H 475 -5.19 21.99 56.33
N ARG H 476 -4.37 22.62 57.16
CA ARG H 476 -3.97 22.05 58.42
C ARG H 476 -5.17 21.85 59.33
N ASP H 477 -6.05 22.84 59.37
CA ASP H 477 -7.24 22.79 60.20
C ASP H 477 -8.24 21.75 59.72
N ARG H 478 -8.37 21.61 58.40
CA ARG H 478 -9.31 20.65 57.83
C ARG H 478 -8.81 19.21 57.85
N PHE H 479 -7.53 19.00 57.55
CA PHE H 479 -7.00 17.65 57.37
C PHE H 479 -6.04 17.15 58.44
N GLY H 480 -5.46 18.06 59.21
CA GLY H 480 -4.43 17.68 60.19
C GLY H 480 -5.02 16.85 61.31
N ASP H 481 -4.29 15.83 61.76
CA ASP H 481 -4.74 14.93 62.82
C ASP H 481 -3.64 14.66 63.86
N ASP H 482 -3.96 13.87 64.88
CA ASP H 482 -3.01 13.54 65.98
C ASP H 482 -1.83 12.69 65.56
N ARG H 483 -0.72 12.87 66.26
CA ARG H 483 0.43 11.98 66.13
C ARG H 483 0.10 10.53 66.57
N ARG H 484 0.51 9.54 65.79
CA ARG H 484 0.25 8.13 66.09
C ARG H 484 1.46 7.40 66.67
N THR H 485 2.65 7.71 66.17
CA THR H 485 3.86 7.06 66.59
C THR H 485 4.41 7.86 67.77
N GLU H 486 4.70 7.18 68.87
CA GLU H 486 5.29 7.83 70.03
C GLU H 486 6.82 7.80 69.96
N ILE H 487 7.46 8.95 70.19
CA ILE H 487 8.90 8.99 70.24
C ILE H 487 9.32 8.92 71.71
N GLN H 488 10.01 7.84 72.08
CA GLN H 488 10.34 7.58 73.49
C GLN H 488 11.80 7.88 73.82
N LEU H 489 12.06 8.39 75.03
CA LEU H 489 13.41 8.52 75.64
C LEU H 489 14.33 9.48 74.94
N ALA I 10 -9.52 -24.50 52.26
CA ALA I 10 -8.96 -24.24 53.61
C ALA I 10 -9.76 -24.96 54.69
N ASP I 11 -9.09 -25.86 55.39
CA ASP I 11 -9.65 -26.71 56.45
C ASP I 11 -10.26 -25.97 57.63
N CYS I 12 -11.10 -26.71 58.37
CA CYS I 12 -11.82 -26.20 59.56
C CYS I 12 -11.16 -26.59 60.88
N SER I 13 -10.08 -27.36 60.77
CA SER I 13 -9.43 -27.96 61.94
C SER I 13 -8.85 -27.00 62.97
N LYS I 15 -10.20 -30.33 65.15
CA LYS I 15 -10.68 -31.40 64.25
C LYS I 15 -11.91 -32.24 64.75
N SER I 16 -13.08 -31.62 64.64
CA SER I 16 -14.35 -32.34 64.88
C SER I 16 -15.33 -32.23 63.73
N PRO I 17 -15.60 -33.37 63.07
CA PRO I 17 -16.45 -33.48 61.90
C PRO I 17 -17.92 -33.23 62.22
N GLU I 18 -18.35 -33.50 63.46
CA GLU I 18 -19.75 -33.22 63.84
C GLU I 18 -20.08 -31.74 63.61
N GLU I 19 -19.22 -30.87 64.13
CA GLU I 19 -19.47 -29.43 64.18
C GLU I 19 -19.12 -28.81 62.82
N CYS I 20 -18.01 -29.25 62.24
CA CYS I 20 -17.41 -28.60 61.08
C CYS I 20 -18.23 -28.57 59.79
N GLU I 21 -18.06 -27.48 59.07
CA GLU I 21 -18.74 -27.22 57.81
C GLU I 21 -17.72 -26.67 56.80
N ILE I 22 -17.94 -27.03 55.53
CA ILE I 22 -17.14 -26.59 54.39
C ILE I 22 -17.97 -25.79 53.37
N PHE I 23 -17.34 -24.76 52.80
CA PHE I 23 -17.92 -23.92 51.76
C PHE I 23 -17.21 -24.11 50.41
N LEU I 24 -18.00 -24.48 49.41
CA LEU I 24 -17.51 -24.61 48.06
C LEU I 24 -17.83 -23.30 47.37
N VAL I 25 -16.82 -22.64 46.83
CA VAL I 25 -16.95 -21.30 46.31
C VAL I 25 -16.49 -21.10 44.88
N GLU I 26 -17.19 -20.27 44.14
CA GLU I 26 -16.84 -19.89 42.80
C GLU I 26 -15.92 -18.72 42.84
N GLY I 27 -14.64 -18.92 42.47
CA GLY I 27 -13.69 -17.81 42.32
C GLY I 27 -13.60 -16.97 43.59
N ASP I 28 -13.67 -15.64 43.46
CA ASP I 28 -13.67 -14.77 44.61
C ASP I 28 -14.78 -13.77 44.44
N SER I 29 -16.01 -14.29 44.57
CA SER I 29 -17.21 -13.49 44.36
C SER I 29 -18.40 -14.14 45.07
N ASP I 39 -11.88 -16.52 61.18
CA ASP I 39 -12.43 -17.62 61.96
C ASP I 39 -12.40 -18.94 61.20
N SER I 40 -11.25 -19.63 61.28
CA SER I 40 -11.12 -20.97 60.73
C SER I 40 -11.55 -22.08 61.66
N ARG I 41 -11.95 -21.76 62.87
CA ARG I 41 -12.36 -22.77 63.85
C ARG I 41 -13.59 -23.57 63.41
N THR I 42 -14.57 -22.88 62.82
CA THR I 42 -15.79 -23.54 62.34
C THR I 42 -15.88 -23.56 60.81
N GLN I 43 -14.89 -23.00 60.12
CA GLN I 43 -15.05 -22.73 58.67
C GLN I 43 -14.09 -23.48 57.75
N ALA I 44 -14.64 -24.15 56.74
CA ALA I 44 -13.79 -24.79 55.70
C ALA I 44 -13.94 -24.19 54.33
N ILE I 45 -12.84 -23.96 53.61
CA ILE I 45 -12.95 -23.23 52.32
C ILE I 45 -12.31 -23.98 51.16
N LEU I 46 -13.09 -24.24 50.12
CA LEU I 46 -12.59 -24.86 48.89
C LEU I 46 -13.02 -24.05 47.69
N PRO I 47 -12.05 -23.40 47.03
CA PRO I 47 -12.41 -22.59 45.84
C PRO I 47 -12.40 -23.44 44.59
N LEU I 48 -13.41 -23.26 43.75
CA LEU I 48 -13.56 -24.01 42.52
C LEU I 48 -13.39 -23.10 41.37
N ARG I 49 -12.26 -23.17 40.69
CA ARG I 49 -11.96 -22.28 39.58
C ARG I 49 -12.54 -22.88 38.33
N GLY I 50 -13.34 -22.11 37.60
CA GLY I 50 -13.86 -22.57 36.30
C GLY I 50 -15.14 -23.42 36.38
N LYS I 51 -15.40 -24.14 35.34
CA LYS I 51 -16.61 -24.94 35.33
C LYS I 51 -16.25 -26.34 35.74
N ILE I 52 -17.12 -26.94 36.56
CA ILE I 52 -16.97 -28.32 37.05
C ILE I 52 -17.34 -29.28 35.93
N LEU I 53 -16.73 -30.45 35.91
CA LEU I 53 -17.02 -31.46 34.88
C LEU I 53 -18.44 -31.98 35.00
N ASN I 54 -19.14 -32.17 33.87
CA ASN I 54 -20.43 -32.82 33.88
C ASN I 54 -20.25 -34.33 33.98
N VAL I 55 -20.50 -34.87 35.16
CA VAL I 55 -20.30 -36.30 35.40
C VAL I 55 -21.27 -37.20 34.67
N GLU I 56 -22.45 -36.68 34.36
CA GLU I 56 -23.49 -37.41 33.62
C GLU I 56 -23.05 -37.66 32.18
N LYS I 57 -22.20 -36.80 31.62
CA LYS I 57 -21.74 -36.91 30.26
C LYS I 57 -20.42 -37.68 30.17
N ALA I 58 -19.62 -37.65 31.24
CA ALA I 58 -18.30 -38.26 31.24
C ALA I 58 -18.28 -39.69 31.77
N ARG I 59 -17.32 -40.49 31.30
CA ARG I 59 -17.08 -41.88 31.81
C ARG I 59 -16.16 -41.81 33.03
N LEU I 60 -16.15 -42.88 33.83
CA LEU I 60 -15.41 -42.88 35.09
C LEU I 60 -13.90 -42.50 35.07
N ASP I 61 -13.17 -42.98 34.08
CA ASP I 61 -11.74 -42.68 34.01
C ASP I 61 -11.45 -41.20 33.90
N ARG I 62 -12.26 -40.48 33.13
CA ARG I 62 -12.11 -39.04 32.96
C ARG I 62 -12.46 -38.31 34.23
N ILE I 63 -13.56 -38.73 34.85
CA ILE I 63 -13.99 -38.15 36.11
C ILE I 63 -12.90 -38.19 37.16
N LEU I 64 -12.27 -39.36 37.30
CA LEU I 64 -11.24 -39.58 38.30
C LEU I 64 -9.99 -38.77 38.07
N ASN I 65 -9.74 -38.46 36.81
CA ASN I 65 -8.58 -37.67 36.47
C ASN I 65 -8.75 -36.19 36.69
N ASN I 66 -10.00 -35.72 36.76
CA ASN I 66 -10.30 -34.28 36.95
C ASN I 66 -9.80 -33.76 38.26
N ASN I 67 -8.93 -32.77 38.21
CA ASN I 67 -8.25 -32.29 39.42
C ASN I 67 -9.23 -31.60 40.35
N GLU I 68 -10.18 -30.86 39.82
CA GLU I 68 -11.21 -30.26 40.62
C GLU I 68 -12.08 -31.30 41.33
N ILE I 69 -12.38 -32.40 40.66
CA ILE I 69 -13.17 -33.50 41.25
C ILE I 69 -12.36 -34.18 42.34
N ARG I 70 -11.08 -34.42 42.06
CA ARG I 70 -10.17 -35.05 43.01
C ARG I 70 -10.02 -34.20 44.28
N GLN I 71 -9.96 -32.87 44.15
CA GLN I 71 -9.84 -31.97 45.28
C GLN I 71 -11.06 -32.10 46.20
N MET I 72 -12.23 -32.20 45.58
CA MET I 72 -13.45 -32.33 46.34
C MET I 72 -13.55 -33.66 47.08
N ILE I 73 -13.19 -34.76 46.40
CA ILE I 73 -13.22 -36.10 46.99
C ILE I 73 -12.33 -36.11 48.22
N THR I 74 -11.10 -35.64 48.06
CA THR I 74 -10.13 -35.59 49.13
C THR I 74 -10.63 -34.77 50.31
N ALA I 75 -11.27 -33.63 50.02
CA ALA I 75 -11.77 -32.74 51.06
C ALA I 75 -12.78 -33.44 51.98
N PHE I 76 -13.68 -34.18 51.38
CA PHE I 76 -14.66 -34.93 52.16
C PHE I 76 -14.05 -36.21 52.71
N GLY I 77 -13.13 -36.77 51.93
CA GLY I 77 -12.34 -37.98 52.29
C GLY I 77 -13.22 -39.19 52.52
N THR I 78 -14.25 -39.32 51.69
CA THR I 78 -15.35 -40.22 52.00
C THR I 78 -15.37 -41.41 51.08
N GLY I 79 -14.77 -41.25 49.90
CA GLY I 79 -14.72 -42.33 48.90
C GLY I 79 -15.93 -42.23 47.99
N ILE I 80 -15.93 -43.01 46.92
CA ILE I 80 -16.98 -42.90 45.91
C ILE I 80 -17.43 -44.28 45.48
N GLY I 81 -18.53 -44.32 44.71
CA GLY I 81 -19.18 -45.54 44.25
C GLY I 81 -19.53 -46.44 45.43
N GLY I 82 -19.01 -47.67 45.39
CA GLY I 82 -19.04 -48.59 46.54
C GLY I 82 -18.32 -48.05 47.78
N ASP I 83 -17.20 -47.39 47.54
CA ASP I 83 -16.30 -47.01 48.64
C ASP I 83 -16.80 -45.85 49.46
N PHE I 84 -17.75 -45.09 48.88
CA PHE I 84 -18.32 -43.97 49.59
C PHE I 84 -18.90 -44.44 50.95
N ASP I 85 -18.27 -43.97 52.01
CA ASP I 85 -18.72 -44.33 53.36
C ASP I 85 -19.11 -43.15 54.22
N LEU I 86 -20.38 -43.13 54.64
CA LEU I 86 -20.95 -42.00 55.36
C LEU I 86 -20.24 -41.70 56.67
N ALA I 87 -19.85 -42.78 57.39
CA ALA I 87 -19.14 -42.62 58.69
C ALA I 87 -17.81 -41.87 58.54
N LYS I 88 -17.09 -42.12 57.45
CA LYS I 88 -15.81 -41.46 57.15
C LYS I 88 -16.07 -40.18 56.37
N ALA I 89 -16.88 -39.28 56.92
CA ALA I 89 -17.12 -37.94 56.32
C ALA I 89 -16.50 -36.83 57.16
N ARG I 90 -15.68 -35.99 56.53
CA ARG I 90 -14.98 -34.91 57.23
C ARG I 90 -15.89 -33.77 57.74
N TYR I 91 -16.98 -33.51 57.02
CA TYR I 91 -17.94 -32.45 57.33
C TYR I 91 -19.39 -32.95 57.39
N HIS I 92 -20.26 -32.35 58.21
CA HIS I 92 -21.69 -32.67 58.19
C HIS I 92 -22.55 -31.58 57.53
N LYS I 93 -21.92 -30.45 57.24
CA LYS I 93 -22.56 -29.28 56.64
C LYS I 93 -21.72 -28.81 55.44
N ILE I 94 -22.29 -28.99 54.24
CA ILE I 94 -21.56 -28.71 53.00
C ILE I 94 -22.37 -27.66 52.27
N VAL I 95 -21.80 -26.47 52.07
CA VAL I 95 -22.53 -25.38 51.45
C VAL I 95 -22.00 -25.03 50.06
N ILE I 96 -22.90 -25.02 49.08
CA ILE I 96 -22.60 -24.55 47.73
C ILE I 96 -22.80 -23.04 47.68
N MET I 97 -21.69 -22.31 47.66
CA MET I 97 -21.74 -20.86 47.52
C MET I 97 -21.26 -20.52 46.11
N THR I 98 -22.22 -20.13 45.27
CA THR I 98 -21.88 -19.72 43.92
C THR I 98 -22.30 -18.26 43.72
N ASP I 99 -21.89 -17.64 42.64
CA ASP I 99 -22.29 -16.26 42.30
C ASP I 99 -23.79 -16.22 42.04
N ALA I 100 -24.41 -15.07 42.32
CA ALA I 100 -25.85 -14.93 42.10
C ALA I 100 -26.21 -14.59 40.64
N ASP I 101 -25.48 -15.12 39.69
CA ASP I 101 -25.81 -14.91 38.26
C ASP I 101 -26.24 -16.25 37.60
N VAL I 102 -26.40 -16.21 36.28
CA VAL I 102 -26.81 -17.35 35.49
C VAL I 102 -25.76 -18.44 35.46
N ASP I 103 -24.48 -18.05 35.49
CA ASP I 103 -23.40 -19.00 35.54
C ASP I 103 -23.29 -19.69 36.86
N GLY I 104 -23.60 -18.95 37.90
CA GLY I 104 -23.75 -19.51 39.24
C GLY I 104 -24.73 -20.64 39.29
N ALA I 105 -25.87 -20.44 38.64
CA ALA I 105 -26.90 -21.48 38.54
C ALA I 105 -26.35 -22.69 37.82
N HIS I 106 -25.61 -22.47 36.73
CA HIS I 106 -25.07 -23.56 35.96
C HIS I 106 -24.07 -24.37 36.75
N ILE I 107 -23.19 -23.70 37.49
CA ILE I 107 -22.24 -24.34 38.39
C ILE I 107 -23.00 -25.10 39.47
N ARG I 108 -24.08 -24.51 39.97
CA ARG I 108 -24.92 -25.16 40.95
C ARG I 108 -25.47 -26.47 40.44
N THR I 109 -25.95 -26.49 39.20
CA THR I 109 -26.51 -27.72 38.61
C THR I 109 -25.40 -28.76 38.45
N LEU I 110 -24.25 -28.33 37.96
CA LEU I 110 -23.12 -29.22 37.76
C LEU I 110 -22.65 -29.87 39.08
N LEU I 111 -22.69 -29.13 40.18
CA LEU I 111 -22.32 -29.67 41.49
C LEU I 111 -23.33 -30.68 41.97
N LEU I 112 -24.60 -30.37 41.76
CA LEU I 112 -25.66 -31.24 42.19
C LEU I 112 -25.67 -32.58 41.47
N THR I 113 -25.33 -32.55 40.19
CA THR I 113 -25.24 -33.75 39.36
C THR I 113 -24.17 -34.66 39.91
N PHE I 114 -23.02 -34.08 40.26
CA PHE I 114 -21.90 -34.82 40.84
C PHE I 114 -22.32 -35.48 42.16
N PHE I 115 -22.97 -34.73 43.03
CA PHE I 115 -23.45 -35.28 44.30
C PHE I 115 -24.46 -36.39 44.11
N TYR I 116 -25.44 -36.19 43.26
CA TYR I 116 -26.46 -37.21 42.99
C TYR I 116 -25.85 -38.51 42.43
N ARG I 117 -24.89 -38.39 41.50
CA ARG I 117 -24.29 -39.56 40.93
C ARG I 117 -23.26 -40.28 41.83
N PHE I 118 -22.48 -39.54 42.63
CA PHE I 118 -21.38 -40.13 43.37
C PHE I 118 -21.47 -40.17 44.89
N MET I 119 -22.23 -39.27 45.45
CA MET I 119 -22.38 -39.21 46.91
C MET I 119 -23.84 -39.06 47.30
N ARG I 120 -24.74 -39.87 46.72
CA ARG I 120 -26.19 -39.75 46.95
C ARG I 120 -26.59 -39.71 48.46
N PRO I 121 -26.00 -40.62 49.28
CA PRO I 121 -26.24 -40.70 50.72
C PRO I 121 -26.16 -39.37 51.49
N LEU I 122 -25.23 -38.49 51.10
CA LEU I 122 -25.07 -37.21 51.76
C LEU I 122 -26.29 -36.34 51.63
N ILE I 123 -26.93 -36.34 50.46
CA ILE I 123 -28.16 -35.60 50.25
C ILE I 123 -29.27 -36.20 51.12
N GLU I 124 -29.29 -37.50 51.23
CA GLU I 124 -30.25 -38.19 52.09
C GLU I 124 -29.99 -37.85 53.56
N ALA I 125 -28.70 -37.75 53.91
CA ALA I 125 -28.25 -37.42 55.26
C ALA I 125 -28.50 -35.95 55.59
N GLY I 126 -28.81 -35.13 54.58
CA GLY I 126 -29.06 -33.71 54.78
C GLY I 126 -27.82 -32.90 55.09
N TYR I 127 -26.69 -33.29 54.52
CA TYR I 127 -25.44 -32.58 54.76
C TYR I 127 -25.27 -31.36 53.82
N VAL I 128 -26.01 -31.35 52.71
CA VAL I 128 -25.78 -30.35 51.64
C VAL I 128 -26.72 -29.15 51.67
N TYR I 129 -26.14 -27.95 51.58
CA TYR I 129 -26.86 -26.68 51.63
C TYR I 129 -26.53 -25.72 50.47
N ILE I 130 -27.47 -24.81 50.18
CA ILE I 130 -27.32 -23.78 49.17
C ILE I 130 -27.50 -22.39 49.82
N ALA I 131 -26.50 -21.52 49.69
CA ALA I 131 -26.70 -20.10 49.89
C ALA I 131 -28.17 -19.68 49.55
N GLN I 132 -28.33 -18.40 49.58
CA GLN I 132 -29.63 -17.76 49.26
C GLN I 132 -29.47 -16.51 48.41
N LEU I 160 -29.14 -20.26 54.45
CA LEU I 160 -28.80 -21.52 53.79
C LEU I 160 -30.03 -22.43 53.69
N LEU I 161 -30.26 -22.97 52.51
CA LEU I 161 -31.37 -23.87 52.25
C LEU I 161 -30.90 -25.32 52.21
N GLN I 162 -31.64 -26.20 52.89
CA GLN I 162 -31.28 -27.62 52.93
C GLN I 162 -31.71 -28.30 51.64
N VAL I 163 -30.81 -29.08 51.05
CA VAL I 163 -31.16 -29.88 49.88
C VAL I 163 -31.82 -31.18 50.38
N LYS I 164 -33.06 -31.41 49.98
CA LYS I 164 -33.70 -32.74 50.20
C LYS I 164 -34.05 -33.46 48.89
N LEU I 165 -33.96 -34.79 48.90
CA LEU I 165 -34.36 -35.62 47.78
C LEU I 165 -35.63 -36.38 48.12
N GLU I 166 -36.71 -36.13 47.37
CA GLU I 166 -38.00 -36.75 47.69
C GLU I 166 -38.27 -37.99 46.84
N ASP I 167 -38.20 -37.87 45.52
CA ASP I 167 -38.49 -39.01 44.67
C ASP I 167 -37.32 -39.48 43.83
N ALA I 168 -36.77 -40.64 44.18
CA ALA I 168 -35.60 -41.25 43.54
C ALA I 168 -35.77 -41.54 42.06
N ILE I 169 -36.97 -41.90 41.66
CA ILE I 169 -37.32 -42.15 40.28
C ILE I 169 -37.40 -40.84 39.48
N GLU I 170 -38.03 -39.82 40.06
CA GLU I 170 -38.20 -38.51 39.39
C GLU I 170 -36.85 -37.85 39.14
N ALA I 171 -36.00 -37.89 40.17
CA ALA I 171 -34.66 -37.31 40.12
C ALA I 171 -33.85 -37.96 39.03
N ASP I 172 -33.86 -39.30 39.00
CA ASP I 172 -33.12 -40.06 37.99
C ASP I 172 -33.55 -39.66 36.60
N GLN I 173 -34.88 -39.52 36.42
CA GLN I 173 -35.47 -39.13 35.16
C GLN I 173 -35.12 -37.68 34.76
N THR I 174 -35.05 -36.79 35.76
CA THR I 174 -34.73 -35.37 35.57
C THR I 174 -33.26 -35.17 35.19
N PHE I 175 -32.38 -35.78 35.97
CA PHE I 175 -30.96 -35.53 35.78
C PHE I 175 -30.47 -35.99 34.42
N GLU I 176 -30.84 -37.22 34.06
CA GLU I 176 -30.55 -37.75 32.75
C GLU I 176 -31.14 -36.89 31.62
N MET I 177 -32.29 -36.23 31.90
CA MET I 177 -32.86 -35.28 30.97
C MET I 177 -32.02 -34.03 30.73
N LEU I 178 -31.61 -33.42 31.86
CA LEU I 178 -30.99 -32.07 31.78
C LEU I 178 -29.47 -32.15 31.45
N MET I 179 -28.77 -33.09 32.12
CA MET I 179 -27.38 -33.27 32.00
C MET I 179 -26.96 -34.44 31.12
N GLY I 180 -27.90 -35.27 30.68
CA GLY I 180 -27.55 -36.43 29.85
C GLY I 180 -27.00 -36.11 28.48
N ASP I 181 -26.59 -37.17 27.78
CA ASP I 181 -26.05 -37.01 26.43
C ASP I 181 -27.05 -36.68 25.34
N VAL I 182 -28.33 -36.95 25.53
CA VAL I 182 -29.31 -36.69 24.46
C VAL I 182 -29.70 -35.21 24.43
N VAL I 183 -29.34 -34.55 23.33
CA VAL I 183 -29.59 -33.10 23.19
C VAL I 183 -31.06 -32.81 23.04
N GLU I 184 -31.68 -33.62 22.20
CA GLU I 184 -33.09 -33.53 21.82
C GLU I 184 -34.05 -33.35 22.98
N ASN I 185 -33.86 -34.15 24.02
CA ASN I 185 -34.77 -34.04 25.18
C ASN I 185 -34.60 -32.76 25.89
N ARG I 186 -33.35 -32.32 25.99
CA ARG I 186 -33.03 -31.07 26.68
C ARG I 186 -33.66 -29.89 25.92
N ARG I 187 -33.55 -29.89 24.59
CA ARG I 187 -34.16 -28.84 23.82
C ARG I 187 -35.66 -28.81 23.97
N GLN I 188 -36.27 -29.97 23.90
CA GLN I 188 -37.74 -30.16 24.08
C GLN I 188 -38.20 -29.61 25.42
N PHE I 189 -37.45 -29.88 26.48
CA PHE I 189 -37.83 -29.35 27.77
C PHE I 189 -37.82 -27.84 27.81
N ILE I 190 -36.78 -27.25 27.23
CA ILE I 190 -36.62 -25.82 27.13
C ILE I 190 -37.81 -25.22 26.34
N GLU I 191 -38.11 -25.85 25.20
CA GLU I 191 -39.17 -25.45 24.32
C GLU I 191 -40.52 -25.40 25.00
N ASP I 192 -40.87 -26.46 25.70
CA ASP I 192 -42.17 -26.53 26.34
C ASP I 192 -42.32 -25.53 27.49
N ASN I 193 -41.24 -25.28 28.23
CA ASN I 193 -41.33 -24.45 29.42
C ASN I 193 -40.82 -23.00 29.22
N ALA I 194 -40.41 -22.68 27.98
CA ALA I 194 -39.85 -21.35 27.73
C ALA I 194 -40.04 -20.79 26.33
N VAL I 195 -39.60 -21.52 25.31
CA VAL I 195 -39.61 -21.07 23.88
C VAL I 195 -41.03 -20.88 23.31
N TYR I 196 -41.99 -21.62 23.83
CA TYR I 196 -43.41 -21.40 23.56
C TYR I 196 -44.22 -21.15 24.84
N ASN J 9 -37.84 -23.03 54.88
CA ASN J 9 -38.24 -24.47 54.83
C ASN J 9 -37.14 -25.32 54.19
N GLU J 10 -37.53 -26.25 53.31
CA GLU J 10 -36.60 -27.14 52.64
C GLU J 10 -36.89 -27.16 51.13
N ARG J 11 -35.84 -27.29 50.31
CA ARG J 11 -35.99 -27.20 48.87
C ARG J 11 -35.58 -28.48 48.14
N ASN J 12 -36.48 -28.94 47.27
CA ASN J 12 -36.35 -30.18 46.54
C ASN J 12 -35.18 -30.10 45.55
N ILE J 13 -34.40 -31.17 45.48
CA ILE J 13 -33.33 -31.28 44.49
C ILE J 13 -33.84 -31.25 43.03
N THR J 14 -34.95 -31.93 42.75
CA THR J 14 -35.54 -31.91 41.42
C THR J 14 -36.03 -30.51 41.02
N SER J 15 -36.59 -29.81 41.99
CA SER J 15 -37.11 -28.47 41.78
C SER J 15 -35.96 -27.47 41.55
N GLU J 16 -34.86 -27.61 42.28
CA GLU J 16 -33.68 -26.77 42.08
C GLU J 16 -33.03 -26.97 40.72
N MET J 17 -32.87 -28.26 40.35
CA MET J 17 -32.32 -28.61 39.06
C MET J 17 -33.09 -28.00 37.91
N ARG J 18 -34.39 -28.16 37.92
CA ARG J 18 -35.23 -27.67 36.82
C ARG J 18 -35.14 -26.14 36.73
N GLU J 19 -35.25 -25.46 37.87
CA GLU J 19 -35.21 -24.00 37.90
C GLU J 19 -33.84 -23.43 37.51
N SER J 20 -32.77 -23.94 38.14
CA SER J 20 -31.41 -23.48 37.88
C SER J 20 -31.00 -23.73 36.45
N PHE J 21 -31.30 -24.93 35.97
CA PHE J 21 -30.96 -25.27 34.59
C PHE J 21 -31.61 -24.34 33.60
N LEU J 22 -32.91 -24.16 33.77
CA LEU J 22 -33.70 -23.29 32.87
C LEU J 22 -33.18 -21.86 32.85
N ASP J 23 -32.81 -21.33 34.01
CA ASP J 23 -32.26 -19.97 34.13
C ASP J 23 -31.06 -19.81 33.25
N TYR J 24 -30.12 -20.75 33.34
CA TYR J 24 -28.93 -20.72 32.55
C TYR J 24 -29.21 -20.95 31.07
N ALA J 25 -29.96 -21.98 30.76
CA ALA J 25 -30.24 -22.31 29.37
C ALA J 25 -30.87 -21.16 28.60
N MET J 26 -31.86 -20.50 29.22
CA MET J 26 -32.60 -19.45 28.56
C MET J 26 -31.69 -18.24 28.32
N SER J 27 -30.87 -17.95 29.31
CA SER J 27 -29.92 -16.82 29.24
C SER J 27 -28.86 -16.99 28.13
N VAL J 28 -28.33 -18.20 28.00
CA VAL J 28 -27.33 -18.53 26.98
C VAL J 28 -27.94 -18.47 25.58
N ILE J 29 -29.23 -18.83 25.49
CA ILE J 29 -29.99 -18.78 24.23
C ILE J 29 -30.34 -17.35 23.79
N VAL J 30 -31.02 -16.61 24.66
CA VAL J 30 -31.53 -15.31 24.28
C VAL J 30 -30.58 -14.14 24.56
N ALA J 31 -29.49 -14.37 25.30
CA ALA J 31 -28.49 -13.30 25.60
C ALA J 31 -27.03 -13.77 25.77
N ARG J 32 -26.53 -14.58 24.83
CA ARG J 32 -25.10 -14.96 24.76
C ARG J 32 -24.66 -15.58 23.42
N ALA J 33 -25.09 -16.80 23.17
CA ALA J 33 -24.65 -17.57 22.01
C ALA J 33 -25.38 -17.36 20.65
N LEU J 34 -26.64 -16.93 20.64
CA LEU J 34 -27.37 -16.79 19.38
C LEU J 34 -27.50 -15.35 18.87
N PRO J 35 -27.30 -15.12 17.55
CA PRO J 35 -27.44 -13.76 16.96
C PRO J 35 -28.89 -13.36 16.74
N ASP J 36 -29.13 -12.05 16.68
CA ASP J 36 -30.45 -11.48 16.34
C ASP J 36 -30.62 -11.53 14.85
N VAL J 37 -31.83 -11.83 14.40
CA VAL J 37 -32.11 -11.91 12.96
C VAL J 37 -31.99 -10.56 12.20
N ARG J 38 -32.26 -9.46 12.91
CA ARG J 38 -32.27 -8.10 12.35
C ARG J 38 -30.89 -7.52 12.13
N ASP J 39 -30.03 -7.57 13.14
CA ASP J 39 -28.67 -7.03 13.02
C ASP J 39 -27.51 -8.04 12.96
N GLY J 40 -27.83 -9.33 13.12
CA GLY J 40 -26.84 -10.39 13.05
C GLY J 40 -25.80 -10.39 14.14
N LEU J 41 -26.11 -9.84 15.31
CA LEU J 41 -25.10 -9.71 16.36
C LEU J 41 -25.53 -10.43 17.63
N LYS J 42 -24.54 -11.00 18.31
CA LYS J 42 -24.74 -11.57 19.63
C LYS J 42 -24.59 -10.38 20.58
N PRO J 43 -25.13 -10.44 21.81
CA PRO J 43 -24.97 -9.29 22.73
C PRO J 43 -23.55 -8.70 22.91
N VAL J 44 -22.53 -9.55 23.03
CA VAL J 44 -21.17 -9.03 23.25
C VAL J 44 -20.70 -8.18 22.06
N HIS J 45 -21.06 -8.59 20.85
CA HIS J 45 -20.62 -7.86 19.69
C HIS J 45 -21.29 -6.49 19.60
N ARG J 46 -22.61 -6.46 19.83
CA ARG J 46 -23.38 -5.24 19.77
C ARG J 46 -22.77 -4.21 20.71
N ARG J 47 -22.46 -4.62 21.93
CA ARG J 47 -21.89 -3.78 22.95
C ARG J 47 -20.49 -3.25 22.60
N ILE J 48 -19.67 -4.07 21.97
CA ILE J 48 -18.36 -3.62 21.54
C ILE J 48 -18.52 -2.55 20.45
N LEU J 49 -19.40 -2.78 19.49
CA LEU J 49 -19.64 -1.81 18.44
C LEU J 49 -20.23 -0.48 18.94
N TYR J 50 -21.21 -0.56 19.82
CA TYR J 50 -21.83 0.62 20.41
C TYR J 50 -20.82 1.36 21.28
N GLY J 51 -19.99 0.63 22.01
CA GLY J 51 -18.98 1.23 22.85
C GLY J 51 -17.96 1.99 22.02
N LEU J 52 -17.59 1.49 20.84
CA LEU J 52 -16.71 2.21 19.96
C LEU J 52 -17.38 3.50 19.49
N ASN J 53 -18.67 3.41 19.19
CA ASN J 53 -19.45 4.54 18.71
C ASN J 53 -19.59 5.62 19.77
N GLU J 54 -19.90 5.21 21.00
CA GLU J 54 -20.02 6.15 22.13
C GLU J 54 -18.68 6.83 22.49
N GLN J 55 -17.59 6.11 22.39
CA GLN J 55 -16.29 6.68 22.59
C GLN J 55 -15.83 7.53 21.43
N GLY J 56 -16.52 7.43 20.31
CA GLY J 56 -16.20 8.23 19.14
C GLY J 56 -15.04 7.69 18.35
N MET J 57 -14.73 6.40 18.50
CA MET J 57 -13.56 5.79 17.88
C MET J 57 -13.84 5.39 16.43
N THR J 58 -14.01 6.40 15.57
CA THR J 58 -14.38 6.21 14.16
C THR J 58 -13.14 6.06 13.26
N PRO J 59 -13.32 5.64 11.99
CA PRO J 59 -12.20 5.42 11.06
C PRO J 59 -11.30 6.64 10.83
N ASP J 60 -11.85 7.84 10.89
CA ASP J 60 -11.06 9.08 10.69
C ASP J 60 -10.08 9.35 11.82
N LYS J 61 -10.52 9.10 13.05
CA LYS J 61 -9.67 9.30 14.24
C LYS J 61 -8.70 8.12 14.41
N SER J 62 -7.69 8.28 15.26
CA SER J 62 -6.65 7.27 15.48
C SER J 62 -7.09 6.02 16.24
N TYR J 63 -6.23 5.00 16.21
CA TYR J 63 -6.44 3.75 16.93
C TYR J 63 -6.36 3.99 18.44
N LYS J 64 -7.25 3.34 19.20
CA LYS J 64 -7.24 3.42 20.64
C LYS J 64 -6.78 2.07 21.24
N LYS J 65 -6.00 2.12 22.31
CA LYS J 65 -5.47 0.95 23.03
C LYS J 65 -6.59 -0.01 23.39
N SER J 66 -6.34 -1.30 23.19
CA SER J 66 -7.34 -2.33 23.42
C SER J 66 -7.81 -2.40 24.88
N ALA J 67 -6.89 -2.17 25.82
CA ALA J 67 -7.28 -2.24 27.22
C ALA J 67 -8.31 -1.19 27.61
N ARG J 68 -8.32 -0.08 26.86
CA ARG J 68 -9.24 1.02 27.16
C ARG J 68 -10.60 0.73 26.59
N ILE J 69 -10.63 0.15 25.39
CA ILE J 69 -11.90 -0.30 24.81
C ILE J 69 -12.56 -1.37 25.69
N VAL J 70 -11.82 -2.44 25.99
CA VAL J 70 -12.29 -3.53 26.83
C VAL J 70 -12.83 -3.05 28.19
N GLY J 71 -12.07 -2.16 28.83
CA GLY J 71 -12.45 -1.65 30.14
C GLY J 71 -13.70 -0.84 30.10
N ASP J 72 -13.89 -0.10 29.00
CA ASP J 72 -15.07 0.72 28.82
C ASP J 72 -16.29 -0.17 28.64
N VAL J 73 -16.19 -1.13 27.71
CA VAL J 73 -17.28 -2.07 27.45
C VAL J 73 -17.66 -2.84 28.73
N MET J 74 -16.65 -3.35 29.46
CA MET J 74 -16.90 -4.08 30.71
C MET J 74 -17.65 -3.27 31.75
N GLY J 75 -17.14 -2.05 32.02
CA GLY J 75 -17.71 -1.18 33.06
C GLY J 75 -19.08 -0.66 32.69
N LYS J 76 -19.28 -0.41 31.40
CA LYS J 76 -20.52 0.18 30.95
C LYS J 76 -21.63 -0.78 30.56
N TYR J 77 -21.27 -1.89 29.91
CA TYR J 77 -22.31 -2.75 29.31
C TYR J 77 -22.18 -4.27 29.53
N HIS J 78 -20.95 -4.78 29.65
CA HIS J 78 -20.72 -6.24 29.64
C HIS J 78 -20.16 -6.77 30.93
N PRO J 79 -21.02 -7.26 31.84
CA PRO J 79 -20.54 -7.66 33.17
C PRO J 79 -19.87 -9.05 33.19
N HIS J 80 -18.86 -9.26 32.34
CA HIS J 80 -18.19 -10.56 32.18
C HIS J 80 -16.68 -10.41 32.08
N GLY J 81 -15.93 -11.52 32.04
CA GLY J 81 -14.47 -11.52 31.95
C GLY J 81 -13.93 -10.67 30.83
N ASP J 82 -12.84 -9.94 31.10
CA ASP J 82 -12.16 -9.09 30.12
C ASP J 82 -11.67 -9.90 28.90
N SER J 83 -11.18 -11.13 29.13
CA SER J 83 -10.72 -11.99 28.04
C SER J 83 -11.82 -12.40 27.06
N SER J 84 -13.03 -12.60 27.55
CA SER J 84 -14.20 -12.84 26.67
C SER J 84 -14.47 -11.69 25.70
N ILE J 85 -14.46 -10.46 26.22
CA ILE J 85 -14.71 -9.23 25.44
C ILE J 85 -13.61 -9.01 24.41
N TYR J 86 -12.36 -9.10 24.87
CA TYR J 86 -11.23 -8.90 23.98
C TYR J 86 -11.24 -9.89 22.80
N GLU J 87 -11.45 -11.17 23.09
CA GLU J 87 -11.38 -12.23 22.07
C GLU J 87 -12.49 -12.03 21.01
N ALA J 88 -13.66 -11.59 21.46
CA ALA J 88 -14.77 -11.30 20.55
C ALA J 88 -14.40 -10.16 19.61
N MET J 89 -13.77 -9.10 20.19
CA MET J 89 -13.36 -7.92 19.43
C MET J 89 -12.30 -8.27 18.38
N VAL J 90 -11.39 -9.17 18.76
CA VAL J 90 -10.35 -9.69 17.87
C VAL J 90 -10.91 -10.36 16.60
N ARG J 91 -11.91 -11.22 16.77
N ARG J 91 -11.92 -11.20 16.76
CA ARG J 91 -12.50 -11.97 15.69
CA ARG J 91 -12.45 -11.94 15.61
C ARG J 91 -13.13 -11.02 14.66
C ARG J 91 -13.14 -11.01 14.61
N MET J 92 -13.78 -9.97 15.13
CA MET J 92 -14.40 -8.93 14.29
C MET J 92 -13.38 -8.12 13.48
N ALA J 93 -12.11 -8.23 13.89
CA ALA J 93 -11.01 -7.57 13.24
C ALA J 93 -10.28 -8.47 12.25
N GLN J 94 -10.55 -9.78 12.29
CA GLN J 94 -9.85 -10.76 11.44
C GLN J 94 -10.42 -10.91 10.05
N ASP J 95 -9.60 -10.65 9.04
CA ASP J 95 -10.05 -10.69 7.63
C ASP J 95 -10.38 -12.07 7.17
N PHE J 96 -9.76 -13.08 7.77
CA PHE J 96 -10.07 -14.47 7.45
C PHE J 96 -11.28 -14.99 8.24
N SER J 97 -11.70 -14.27 9.25
CA SER J 97 -12.89 -14.67 10.03
C SER J 97 -14.14 -13.98 9.53
N TYR J 98 -14.08 -12.66 9.36
CA TYR J 98 -15.24 -11.87 8.94
C TYR J 98 -15.15 -11.45 7.48
N ARG J 99 -16.18 -11.79 6.73
CA ARG J 99 -16.28 -11.51 5.30
C ARG J 99 -16.30 -10.01 5.07
N TYR J 100 -16.90 -9.28 5.99
CA TYR J 100 -16.93 -7.83 5.99
C TYR J 100 -16.60 -7.39 7.41
N PRO J 101 -15.29 -7.22 7.71
CA PRO J 101 -14.85 -6.98 9.10
C PRO J 101 -15.42 -5.70 9.71
N LEU J 102 -15.80 -5.79 10.99
CA LEU J 102 -16.44 -4.70 11.69
C LEU J 102 -15.48 -3.89 12.62
N VAL J 103 -14.23 -4.37 12.77
CA VAL J 103 -13.23 -3.72 13.59
C VAL J 103 -11.93 -3.67 12.78
N ASP J 104 -11.22 -2.54 12.90
CA ASP J 104 -9.93 -2.33 12.27
C ASP J 104 -8.85 -2.36 13.36
N GLY J 105 -7.96 -3.35 13.32
CA GLY J 105 -6.93 -3.43 14.35
C GLY J 105 -5.51 -3.10 13.98
N GLN J 106 -4.71 -2.74 14.98
CA GLN J 106 -3.28 -2.43 14.82
C GLN J 106 -2.46 -3.34 15.74
N GLY J 107 -1.52 -4.06 15.13
CA GLY J 107 -0.69 -5.04 15.81
C GLY J 107 -1.07 -6.45 15.48
N ASN J 108 -0.61 -7.39 16.27
CA ASN J 108 -0.83 -8.80 15.94
C ASN J 108 -2.21 -9.21 16.38
N PHE J 109 -3.08 -9.47 15.39
CA PHE J 109 -4.45 -9.91 15.65
C PHE J 109 -4.61 -11.36 15.24
N GLY J 110 -3.51 -12.09 15.21
CA GLY J 110 -3.50 -13.49 14.78
C GLY J 110 -3.37 -13.67 13.28
N SER J 111 -3.38 -14.94 12.87
CA SER J 111 -3.39 -15.33 11.46
C SER J 111 -4.17 -16.62 11.27
N MET J 112 -4.16 -17.13 10.03
CA MET J 112 -4.74 -18.42 9.69
C MET J 112 -4.03 -19.62 10.36
N ASP J 113 -2.85 -19.34 10.93
CA ASP J 113 -2.05 -20.33 11.61
C ASP J 113 -2.50 -20.61 13.02
N GLY J 114 -3.69 -20.19 13.36
CA GLY J 114 -4.29 -20.39 14.69
C GLY J 114 -3.56 -19.74 15.83
N ASP J 115 -2.35 -19.19 15.56
CA ASP J 115 -1.62 -18.29 16.47
C ASP J 115 -2.57 -17.14 16.86
N GLY J 116 -2.78 -16.97 18.16
CA GLY J 116 -3.75 -15.99 18.62
C GLY J 116 -3.19 -14.57 18.55
N ALA J 117 -4.05 -13.60 18.84
CA ALA J 117 -3.64 -12.20 18.92
C ALA J 117 -2.77 -11.98 20.15
N ALA J 118 -1.84 -11.02 20.10
CA ALA J 118 -1.06 -10.61 21.26
C ALA J 118 -1.99 -10.01 22.33
N ALA J 119 -1.59 -10.13 23.61
CA ALA J 119 -2.43 -9.66 24.72
C ALA J 119 -2.88 -8.18 24.52
N MET J 120 -3.97 -7.81 25.17
CA MET J 120 -4.57 -6.50 24.97
C MET J 120 -3.62 -5.29 25.09
N ARG J 121 -2.58 -5.44 25.94
CA ARG J 121 -1.51 -4.48 26.14
C ARG J 121 -0.75 -4.14 24.84
N THR J 123 -1.91 -4.40 21.67
CA THR J 123 -2.79 -4.17 20.50
C THR J 123 -3.61 -2.88 20.63
N GLU J 124 -4.14 -2.39 19.52
CA GLU J 124 -4.96 -1.17 19.46
C GLU J 124 -5.98 -1.29 18.33
N ALA J 125 -7.09 -0.55 18.39
CA ALA J 125 -8.14 -0.69 17.38
C ALA J 125 -9.15 0.47 17.28
N ARG J 126 -9.92 0.47 16.20
CA ARG J 126 -11.02 1.42 15.92
C ARG J 126 -12.06 0.74 14.99
N MET J 127 -13.22 1.37 14.79
CA MET J 127 -14.23 0.77 13.92
C MET J 127 -13.91 0.92 12.42
N THR J 128 -14.54 0.05 11.62
CA THR J 128 -14.33 0.08 10.17
C THR J 128 -15.38 0.98 9.53
N LYS J 129 -15.11 1.42 8.29
CA LYS J 129 -16.06 2.29 7.61
C LYS J 129 -17.46 1.64 7.45
N ILE J 130 -17.49 0.34 7.22
CA ILE J 130 -18.76 -0.36 7.10
C ILE J 130 -19.60 -0.37 8.40
N THR J 131 -18.94 -0.43 9.53
CA THR J 131 -19.58 -0.52 10.83
C THR J 131 -20.44 0.72 11.07
N LEU J 132 -19.99 1.85 10.53
CA LEU J 132 -20.78 3.08 10.59
C LEU J 132 -22.18 2.89 10.00
N GLU J 133 -22.30 2.05 8.99
CA GLU J 133 -23.58 1.77 8.36
C GLU J 133 -24.45 0.87 9.25
N LEU J 134 -23.87 0.15 10.19
CA LEU J 134 -24.68 -0.56 11.16
C LEU J 134 -25.28 0.38 12.21
N LEU J 135 -24.51 1.44 12.51
CA LEU J 135 -24.86 2.42 13.54
C LEU J 135 -25.58 3.64 13.03
N ARG J 136 -25.72 3.74 11.70
CA ARG J 136 -26.30 4.93 11.05
C ARG J 136 -27.77 5.12 11.49
N ASP J 137 -28.05 6.32 11.98
CA ASP J 137 -29.39 6.74 12.42
C ASP J 137 -29.80 6.24 13.80
N ILE J 138 -28.85 5.78 14.60
CA ILE J 138 -29.12 5.23 15.93
C ILE J 138 -29.71 6.27 16.89
N ASN J 139 -29.31 7.52 16.68
CA ASN J 139 -29.76 8.63 17.50
C ASN J 139 -30.95 9.39 16.93
N LYS J 140 -31.74 8.71 16.11
CA LYS J 140 -32.92 9.31 15.50
C LYS J 140 -34.16 8.48 15.85
N ASP J 141 -34.25 8.07 17.10
CA ASP J 141 -35.29 7.15 17.54
C ASP J 141 -35.68 5.97 16.59
N THR J 142 -34.70 5.38 15.94
CA THR J 142 -34.92 4.25 15.03
C THR J 142 -35.01 2.92 15.77
N ILE J 143 -34.26 2.75 16.86
CA ILE J 143 -34.24 1.48 17.64
C ILE J 143 -34.52 1.73 19.13
N ASP J 144 -34.87 0.68 19.86
CA ASP J 144 -35.18 0.79 21.28
C ASP J 144 -33.99 0.69 22.18
N PHE J 145 -33.89 1.60 23.15
CA PHE J 145 -32.82 1.55 24.15
C PHE J 145 -33.32 0.98 25.47
N ILE J 146 -32.52 0.10 26.06
CA ILE J 146 -32.83 -0.48 27.39
C ILE J 146 -31.76 -0.09 28.40
N ASP J 147 -32.05 -0.31 29.69
CA ASP J 147 -31.05 -0.05 30.72
C ASP J 147 -30.02 -1.15 30.76
N ASN J 148 -28.82 -0.81 31.22
CA ASN J 148 -27.75 -1.79 31.33
C ASN J 148 -27.87 -2.54 32.65
N TYR J 149 -26.97 -3.49 32.88
CA TYR J 149 -26.99 -4.34 34.08
C TYR J 149 -27.10 -3.61 35.41
N ASP J 150 -26.45 -2.45 35.56
CA ASP J 150 -26.51 -1.73 36.83
C ASP J 150 -27.55 -0.60 36.89
N GLY J 151 -28.11 -0.24 35.75
CA GLY J 151 -29.08 0.88 35.70
C GLY J 151 -28.51 2.25 35.39
N ASN J 152 -27.19 2.41 35.55
CA ASN J 152 -26.49 3.68 35.32
C ASN J 152 -26.40 4.12 33.87
N GLU J 153 -26.43 3.17 32.94
CA GLU J 153 -26.30 3.47 31.52
C GLU J 153 -27.45 2.93 30.70
N ARG J 154 -27.53 3.36 29.45
N ARG J 154 -27.59 3.43 29.47
CA ARG J 154 -28.56 2.89 28.52
CA ARG J 154 -28.59 2.95 28.52
C ARG J 154 -27.84 2.31 27.33
C ARG J 154 -27.87 2.33 27.31
N GLU J 155 -28.42 1.26 26.76
CA GLU J 155 -27.84 0.61 25.59
C GLU J 155 -28.88 0.16 24.58
N PRO J 156 -28.48 0.05 23.31
CA PRO J 156 -29.37 -0.37 22.24
C PRO J 156 -29.81 -1.82 22.37
N SER J 157 -31.10 -2.07 22.16
CA SER J 157 -31.63 -3.42 22.12
C SER J 157 -31.24 -4.11 20.85
N VAL J 158 -31.14 -3.34 19.77
CA VAL J 158 -30.72 -3.85 18.45
C VAL J 158 -30.13 -2.65 17.72
N LEU J 159 -29.37 -2.89 16.66
CA LEU J 159 -28.78 -1.78 15.91
C LEU J 159 -29.54 -1.57 14.63
N PRO J 160 -29.54 -0.33 14.08
CA PRO J 160 -30.24 -0.05 12.82
C PRO J 160 -29.85 -0.96 11.65
N ALA J 161 -28.58 -1.35 11.56
CA ALA J 161 -28.13 -2.33 10.59
C ALA J 161 -28.60 -2.05 9.14
N ARG J 162 -28.06 -1.01 8.54
CA ARG J 162 -28.45 -0.65 7.22
C ARG J 162 -27.98 -1.56 6.11
N PHE J 163 -27.12 -2.53 6.43
CA PHE J 163 -26.82 -3.65 5.52
C PHE J 163 -27.13 -4.99 6.21
N PRO J 164 -27.55 -6.04 5.43
CA PRO J 164 -28.00 -7.37 6.02
C PRO J 164 -26.87 -8.24 6.61
N ASN J 165 -26.47 -7.90 7.85
CA ASN J 165 -25.25 -8.39 8.51
C ASN J 165 -25.27 -9.87 8.88
N LEU J 166 -26.42 -10.40 9.30
CA LEU J 166 -26.57 -11.82 9.67
C LEU J 166 -26.12 -12.77 8.58
N LEU J 167 -26.53 -12.54 7.34
CA LEU J 167 -26.10 -13.38 6.23
C LEU J 167 -24.76 -12.99 5.68
N ALA J 168 -24.45 -11.69 5.72
CA ALA J 168 -23.22 -11.15 5.18
C ALA J 168 -21.98 -11.71 5.89
N ASN J 169 -22.00 -11.64 7.21
CA ASN J 169 -20.86 -12.06 8.05
C ASN J 169 -21.07 -13.45 8.64
N GLY J 170 -22.31 -13.91 8.66
CA GLY J 170 -22.63 -15.22 9.20
C GLY J 170 -22.63 -15.27 10.71
N ALA J 171 -22.87 -16.46 11.26
CA ALA J 171 -22.89 -16.68 12.70
C ALA J 171 -22.44 -18.09 13.04
N SER J 172 -21.91 -18.28 14.25
CA SER J 172 -21.38 -19.52 14.72
C SER J 172 -21.42 -19.53 16.26
N GLY J 173 -22.47 -20.07 16.84
CA GLY J 173 -22.61 -20.09 18.31
C GLY J 173 -23.09 -21.44 18.85
N ILE J 174 -22.56 -21.85 20.01
CA ILE J 174 -22.97 -23.08 20.69
C ILE J 174 -23.76 -22.70 21.94
N ALA J 175 -25.05 -23.04 21.94
CA ALA J 175 -25.93 -22.64 23.06
C ALA J 175 -26.16 -23.78 24.01
N VAL J 176 -27.41 -23.96 24.46
CA VAL J 176 -27.84 -25.10 25.24
C VAL J 176 -29.11 -25.55 24.55
N GLY J 177 -29.22 -26.83 24.24
CA GLY J 177 -30.41 -27.31 23.55
C GLY J 177 -30.25 -27.19 22.05
N MET J 178 -29.38 -26.29 21.61
CA MET J 178 -29.23 -26.00 20.18
C MET J 178 -27.90 -25.33 19.95
N ALA J 179 -27.57 -25.18 18.67
CA ALA J 179 -26.45 -24.40 18.24
C ALA J 179 -26.79 -23.70 16.97
N THR J 180 -25.92 -22.82 16.48
CA THR J 180 -26.18 -22.12 15.21
C THR J 180 -24.95 -22.06 14.32
N ASN J 181 -25.14 -22.20 13.01
CA ASN J 181 -24.02 -22.09 12.10
C ASN J 181 -24.55 -21.53 10.80
N ILE J 182 -24.29 -20.25 10.55
CA ILE J 182 -24.74 -19.57 9.33
C ILE J 182 -23.50 -19.16 8.57
N PRO J 183 -23.41 -19.51 7.28
CA PRO J 183 -22.22 -19.11 6.51
C PRO J 183 -22.25 -17.64 6.07
N PRO J 184 -21.07 -17.04 5.81
CA PRO J 184 -21.04 -15.67 5.27
C PRO J 184 -21.43 -15.61 3.81
N HIS J 185 -21.88 -14.43 3.37
CA HIS J 185 -22.34 -14.21 2.00
C HIS J 185 -21.81 -12.93 1.38
N ASN J 186 -21.85 -12.87 0.05
CA ASN J 186 -21.49 -11.68 -0.69
C ASN J 186 -22.60 -10.64 -0.55
N LEU J 187 -22.17 -9.41 -0.24
CA LEU J 187 -23.08 -8.34 0.03
C LEU J 187 -23.87 -7.86 -1.18
N THR J 188 -23.21 -7.78 -2.32
CA THR J 188 -23.86 -7.36 -3.59
C THR J 188 -25.01 -8.30 -3.89
N GLU J 189 -24.76 -9.60 -3.82
CA GLU J 189 -25.78 -10.59 -4.09
C GLU J 189 -26.93 -10.48 -3.10
N LEU J 190 -26.64 -10.29 -1.83
CA LEU J 190 -27.68 -10.18 -0.82
C LEU J 190 -28.61 -9.03 -1.06
N ILE J 191 -28.05 -7.82 -1.17
CA ILE J 191 -28.85 -6.63 -1.39
C ILE J 191 -29.73 -6.79 -2.65
N ASN J 192 -29.16 -7.35 -3.72
CA ASN J 192 -29.92 -7.61 -4.91
C ASN J 192 -31.11 -8.50 -4.64
N GLY J 193 -30.89 -9.53 -3.85
CA GLY J 193 -31.95 -10.42 -3.42
C GLY J 193 -32.98 -9.67 -2.59
N VAL J 194 -32.52 -8.74 -1.76
CA VAL J 194 -33.39 -7.98 -0.88
C VAL J 194 -34.28 -7.07 -1.70
N LEU J 195 -33.69 -6.40 -2.69
CA LEU J 195 -34.46 -5.54 -3.56
C LEU J 195 -35.51 -6.34 -4.34
N SER J 196 -35.10 -7.51 -4.83
CA SER J 196 -35.99 -8.40 -5.59
C SER J 196 -37.18 -8.85 -4.77
N LEU J 197 -36.97 -9.09 -3.49
CA LEU J 197 -38.01 -9.48 -2.60
C LEU J 197 -39.01 -8.38 -2.32
N SER J 198 -38.56 -7.16 -2.25
CA SER J 198 -39.46 -6.00 -1.99
C SER J 198 -40.40 -5.79 -3.13
N LYS J 199 -39.90 -6.07 -4.35
CA LYS J 199 -40.67 -5.92 -5.58
C LYS J 199 -41.75 -6.98 -5.70
N ASN J 200 -41.46 -8.21 -5.25
CA ASN J 200 -42.41 -9.27 -5.28
C ASN J 200 -42.30 -10.13 -4.02
N PRO J 201 -43.30 -9.99 -3.11
CA PRO J 201 -43.35 -10.75 -1.86
C PRO J 201 -43.54 -12.24 -2.03
N ASP J 202 -44.01 -12.68 -3.18
CA ASP J 202 -44.33 -14.11 -3.42
C ASP J 202 -43.17 -14.84 -4.11
N ILE J 203 -41.97 -14.25 -4.03
CA ILE J 203 -40.80 -14.80 -4.70
C ILE J 203 -40.39 -16.17 -4.09
N SER J 204 -39.98 -17.12 -4.94
CA SER J 204 -39.52 -18.43 -4.49
C SER J 204 -38.04 -18.43 -4.15
N ILE J 205 -37.62 -19.44 -3.38
CA ILE J 205 -36.22 -19.54 -2.99
C ILE J 205 -35.36 -19.80 -4.22
N ALA J 206 -35.94 -20.52 -5.17
CA ALA J 206 -35.29 -20.76 -6.44
C ALA J 206 -35.00 -19.43 -7.14
N GLU J 207 -36.01 -18.53 -7.12
CA GLU J 207 -35.90 -17.22 -7.74
C GLU J 207 -34.90 -16.31 -6.99
N LEU J 208 -34.83 -16.47 -5.66
CA LEU J 208 -33.88 -15.71 -4.85
C LEU J 208 -32.47 -16.14 -5.15
N MET J 209 -32.29 -17.43 -5.46
CA MET J 209 -31.00 -18.00 -5.80
C MET J 209 -30.39 -17.47 -7.08
N GLU J 210 -31.23 -16.93 -7.98
CA GLU J 210 -30.74 -16.23 -9.15
C GLU J 210 -29.91 -14.99 -8.73
N ASP J 211 -30.26 -14.36 -7.61
CA ASP J 211 -29.42 -13.33 -7.03
C ASP J 211 -28.33 -13.89 -6.13
N ILE J 212 -28.74 -14.59 -5.09
CA ILE J 212 -27.81 -15.16 -4.11
C ILE J 212 -27.43 -16.57 -4.51
N GLU J 213 -26.26 -16.69 -5.15
CA GLU J 213 -25.79 -17.96 -5.71
C GLU J 213 -25.38 -18.94 -4.65
N GLY J 214 -24.97 -18.44 -3.50
CA GLY J 214 -24.52 -19.29 -2.40
C GLY J 214 -23.64 -18.51 -1.41
N PRO J 215 -23.07 -19.20 -0.43
CA PRO J 215 -22.18 -18.62 0.54
C PRO J 215 -20.91 -18.12 -0.13
N ASP J 216 -20.35 -17.04 0.43
CA ASP J 216 -19.10 -16.51 -0.04
C ASP J 216 -18.25 -16.32 1.18
N PHE J 217 -17.19 -17.14 1.29
CA PHE J 217 -16.30 -17.15 2.44
C PHE J 217 -15.16 -16.20 2.26
N PRO J 218 -14.71 -15.56 3.35
CA PRO J 218 -13.62 -14.61 3.24
C PRO J 218 -12.35 -15.24 2.76
N THR J 219 -12.18 -16.53 3.06
CA THR J 219 -10.98 -17.29 2.73
C THR J 219 -10.99 -17.85 1.29
N ALA J 220 -12.01 -17.42 0.53
CA ALA J 220 -12.27 -17.90 -0.83
C ALA J 220 -12.47 -19.42 -0.89
N GLY J 221 -11.81 -20.08 -1.85
CA GLY J 221 -11.93 -21.52 -2.00
C GLY J 221 -13.04 -21.87 -2.97
N LEU J 222 -13.54 -23.10 -2.85
CA LEU J 222 -14.51 -23.63 -3.82
C LEU J 222 -15.59 -24.39 -3.12
N ILE J 223 -16.82 -24.23 -3.59
CA ILE J 223 -17.94 -25.09 -3.19
C ILE J 223 -18.21 -26.15 -4.27
N LEU J 224 -18.22 -27.42 -3.87
CA LEU J 224 -18.59 -28.51 -4.74
C LEU J 224 -20.12 -28.70 -4.88
N GLY J 225 -20.69 -28.20 -5.99
CA GLY J 225 -22.12 -28.46 -6.34
C GLY J 225 -23.13 -27.57 -5.66
N LYS J 226 -24.31 -27.44 -6.24
CA LYS J 226 -25.37 -26.58 -5.67
C LYS J 226 -26.38 -27.35 -4.78
N SER J 227 -26.33 -28.69 -4.84
CA SER J 227 -27.31 -29.54 -4.17
C SER J 227 -27.45 -29.32 -2.66
N GLY J 228 -26.31 -29.21 -1.98
CA GLY J 228 -26.29 -29.00 -0.54
C GLY J 228 -26.78 -27.62 -0.17
N ILE J 229 -26.37 -26.62 -0.94
CA ILE J 229 -26.78 -25.23 -0.73
C ILE J 229 -28.30 -25.06 -0.82
N ARG J 230 -28.93 -25.67 -1.81
CA ARG J 230 -30.37 -25.56 -2.04
C ARG J 230 -31.15 -26.11 -0.84
N ARG J 231 -30.77 -27.27 -0.34
CA ARG J 231 -31.42 -27.86 0.84
C ARG J 231 -31.30 -26.90 2.02
N ALA J 232 -30.12 -26.30 2.19
CA ALA J 232 -29.86 -25.35 3.26
C ALA J 232 -30.70 -24.10 3.20
N TYR J 233 -30.88 -23.56 2.02
CA TYR J 233 -31.68 -22.33 1.85
C TYR J 233 -33.16 -22.59 2.00
N GLU J 234 -33.60 -23.75 1.56
CA GLU J 234 -34.99 -24.10 1.60
C GLU J 234 -35.43 -24.55 2.96
N THR J 235 -34.59 -25.29 3.67
CA THR J 235 -35.00 -25.87 4.95
C THR J 235 -34.35 -25.21 6.15
N GLY J 236 -33.22 -24.54 5.94
CA GLY J 236 -32.48 -23.90 7.02
C GLY J 236 -31.40 -24.77 7.55
N ARG J 237 -31.22 -25.94 6.94
CA ARG J 237 -30.26 -26.96 7.41
C ARG J 237 -29.69 -27.67 6.20
N GLY J 238 -28.39 -27.92 6.19
CA GLY J 238 -27.75 -28.59 5.04
C GLY J 238 -26.24 -28.62 5.18
N SER J 239 -25.62 -29.49 4.38
CA SER J 239 -24.17 -29.69 4.45
C SER J 239 -23.53 -29.30 3.13
N ILE J 240 -22.57 -28.37 3.21
CA ILE J 240 -21.96 -27.79 2.01
C ILE J 240 -20.48 -28.17 1.91
N GLN J 241 -20.09 -28.77 0.78
CA GLN J 241 -18.73 -29.25 0.58
C GLN J 241 -17.77 -28.13 0.17
N MET J 242 -16.70 -27.94 0.94
CA MET J 242 -15.74 -26.87 0.68
C MET J 242 -14.38 -27.46 0.41
N ARG J 243 -13.81 -27.14 -0.74
CA ARG J 243 -12.55 -27.72 -1.14
C ARG J 243 -11.53 -26.62 -1.43
N SER J 244 -10.28 -26.90 -1.06
CA SER J 244 -9.16 -26.00 -1.28
C SER J 244 -8.86 -25.84 -2.75
N ARG J 245 -8.34 -24.67 -3.13
CA ARG J 245 -7.88 -24.46 -4.49
C ARG J 245 -6.43 -24.98 -4.65
N ALA J 246 -6.28 -26.12 -5.31
CA ALA J 246 -4.98 -26.72 -5.54
C ALA J 246 -4.79 -27.15 -6.99
N VAL J 247 -3.61 -26.84 -7.58
CA VAL J 247 -3.34 -27.30 -8.94
C VAL J 247 -2.04 -28.07 -9.02
N ILE J 248 -1.95 -28.87 -10.06
CA ILE J 248 -0.75 -29.68 -10.32
C ILE J 248 0.16 -28.97 -11.33
N GLU J 249 1.42 -28.77 -10.90
CA GLU J 249 2.47 -28.22 -11.72
C GLU J 249 3.59 -29.21 -11.99
N GLU J 250 4.44 -28.88 -12.95
CA GLU J 250 5.67 -29.65 -13.24
C GLU J 250 6.92 -28.94 -12.69
N ARG J 251 7.75 -29.71 -12.02
CA ARG J 251 8.99 -29.19 -11.42
C ARG J 251 10.30 -29.62 -12.11
N GLY J 252 11.07 -30.56 -11.54
CA GLY J 252 12.34 -30.99 -12.10
C GLY J 252 12.33 -31.67 -13.45
N GLY J 253 11.42 -32.63 -13.62
CA GLY J 253 11.38 -33.48 -14.80
C GLY J 253 10.27 -34.51 -14.76
N GLY J 254 9.73 -34.77 -13.57
CA GLY J 254 8.73 -35.83 -13.39
C GLY J 254 7.30 -35.38 -13.64
N GLN J 256 6.89 -33.43 -10.73
CA GLN J 256 5.63 -32.72 -10.55
C GLN J 256 5.39 -32.29 -9.10
N ARG J 257 4.47 -31.35 -8.91
CA ARG J 257 4.19 -30.75 -7.60
C ARG J 257 2.74 -30.30 -7.48
N ILE J 258 2.21 -30.38 -6.27
CA ILE J 258 0.90 -29.85 -5.94
C ILE J 258 1.04 -28.50 -5.18
N VAL J 259 0.34 -27.47 -5.64
CA VAL J 259 0.37 -26.15 -4.99
C VAL J 259 -1.03 -25.72 -4.49
N VAL J 260 -1.13 -25.30 -3.24
CA VAL J 260 -2.40 -24.88 -2.65
C VAL J 260 -2.42 -23.37 -2.38
N THR J 261 -3.35 -22.68 -3.01
CA THR J 261 -3.46 -21.24 -2.94
C THR J 261 -4.58 -20.73 -2.05
N GLU J 262 -5.61 -21.52 -1.81
CA GLU J 262 -6.76 -21.14 -0.95
C GLU J 262 -7.15 -22.33 -0.09
N ILE J 263 -7.54 -22.12 1.16
CA ILE J 263 -7.99 -23.25 2.01
C ILE J 263 -9.42 -23.02 2.50
N PRO J 264 -10.05 -24.07 3.10
CA PRO J 264 -11.45 -23.91 3.52
C PRO J 264 -11.62 -22.93 4.67
N PHE J 265 -12.85 -22.47 4.81
CA PHE J 265 -13.21 -21.58 5.88
C PHE J 265 -13.09 -22.29 7.24
N GLN J 266 -12.60 -21.57 8.25
CA GLN J 266 -12.48 -22.09 9.63
C GLN J 266 -11.54 -23.30 9.80
N VAL J 267 -10.59 -23.37 8.91
CA VAL J 267 -9.62 -24.52 8.96
C VAL J 267 -8.26 -23.96 9.27
N ASN J 268 -7.66 -24.42 10.35
CA ASN J 268 -6.30 -23.99 10.75
C ASN J 268 -5.24 -24.50 9.77
N LYS J 269 -4.52 -23.57 9.15
CA LYS J 269 -3.44 -23.93 8.19
C LYS J 269 -2.36 -24.85 8.75
N ALA J 270 -1.82 -24.44 9.89
CA ALA J 270 -0.75 -25.18 10.53
C ALA J 270 -1.20 -26.62 10.91
N ARG J 271 -2.39 -26.75 11.48
CA ARG J 271 -2.93 -28.04 11.90
C ARG J 271 -3.15 -28.97 10.72
N MET J 272 -3.57 -28.42 9.58
CA MET J 272 -3.78 -29.20 8.37
C MET J 272 -2.46 -29.80 7.90
N ILE J 273 -1.44 -28.95 7.86
CA ILE J 273 -0.09 -29.37 7.48
C ILE J 273 0.44 -30.49 8.38
N GLU J 274 0.30 -30.30 9.69
CA GLU J 274 0.72 -31.30 10.66
C GLU J 274 -0.04 -32.61 10.48
N LYS J 275 -1.29 -32.54 10.04
CA LYS J 275 -2.08 -33.74 9.73
C LYS J 275 -1.55 -34.49 8.50
N ILE J 276 -1.10 -33.75 7.49
CA ILE J 276 -0.50 -34.36 6.31
C ILE J 276 0.82 -35.04 6.70
N ALA J 277 1.66 -34.28 7.39
CA ALA J 277 2.94 -34.74 7.93
C ALA J 277 2.83 -36.03 8.75
N GLU J 278 1.77 -36.12 9.57
CA GLU J 278 1.48 -37.32 10.35
C GLU J 278 1.14 -38.50 9.43
N LEU J 279 0.49 -38.22 8.30
CA LEU J 279 0.18 -39.27 7.34
C LEU J 279 1.38 -39.80 6.58
N VAL J 280 2.31 -38.94 6.24
CA VAL J 280 3.56 -39.39 5.57
C VAL J 280 4.42 -40.21 6.53
N ARG J 281 4.55 -39.73 7.78
CA ARG J 281 5.32 -40.41 8.82
C ARG J 281 4.77 -41.79 9.18
N ASP J 282 3.44 -41.87 9.28
CA ASP J 282 2.71 -43.09 9.64
C ASP J 282 2.45 -43.97 8.41
N LYS J 283 2.97 -43.57 7.25
CA LYS J 283 2.84 -44.27 5.95
C LYS J 283 1.38 -44.51 5.47
N LYS J 284 0.47 -43.62 5.89
CA LYS J 284 -0.96 -43.78 5.61
C LYS J 284 -1.37 -43.22 4.23
N ILE J 285 -0.48 -42.47 3.61
CA ILE J 285 -0.67 -41.88 2.28
C ILE J 285 0.63 -42.07 1.49
N ASP J 286 0.56 -42.35 0.18
CA ASP J 286 1.79 -42.55 -0.62
C ASP J 286 1.98 -41.58 -1.79
N GLY J 287 3.16 -40.97 -1.88
CA GLY J 287 3.56 -40.20 -3.07
C GLY J 287 4.29 -38.88 -2.83
N ILE J 288 4.06 -38.28 -1.67
CA ILE J 288 4.71 -37.02 -1.30
C ILE J 288 6.17 -37.18 -0.93
N THR J 289 7.02 -36.28 -1.37
CA THR J 289 8.46 -36.32 -1.14
C THR J 289 8.85 -35.26 -0.13
N ASP J 290 8.23 -34.09 -0.22
CA ASP J 290 8.53 -32.91 0.56
C ASP J 290 7.26 -32.04 0.70
N LEU J 291 7.14 -31.42 1.88
CA LEU J 291 6.08 -30.51 2.23
C LEU J 291 6.64 -29.14 2.59
N ARG J 292 6.22 -28.09 1.89
CA ARG J 292 6.79 -26.76 2.17
C ARG J 292 5.70 -25.70 2.25
N ASP J 293 5.86 -24.73 3.16
CA ASP J 293 4.92 -23.62 3.32
C ASP J 293 5.62 -22.30 2.98
N GLU J 294 5.19 -21.71 1.91
CA GLU J 294 5.76 -20.48 1.39
C GLU J 294 4.72 -19.38 1.45
N THR J 295 3.95 -19.31 2.51
CA THR J 295 2.97 -18.23 2.65
C THR J 295 3.66 -16.91 3.02
N SER J 296 3.41 -15.87 2.22
CA SER J 296 4.02 -14.55 2.42
C SER J 296 2.97 -13.51 2.05
N LEU J 297 3.25 -12.23 2.35
CA LEU J 297 2.22 -11.19 2.19
C LEU J 297 1.93 -10.92 0.72
N ARG J 298 2.97 -10.96 -0.11
CA ARG J 298 2.85 -10.80 -1.56
C ARG J 298 2.09 -11.96 -2.21
N THR J 299 2.47 -13.19 -1.90
CA THR J 299 1.91 -14.39 -2.51
C THR J 299 0.60 -14.90 -1.90
N GLY J 300 0.24 -14.37 -0.72
CA GLY J 300 -0.89 -14.91 0.05
C GLY J 300 -0.57 -16.33 0.50
N VAL J 301 -1.50 -17.26 0.31
CA VAL J 301 -1.31 -18.63 0.83
C VAL J 301 -0.56 -19.44 -0.23
N ARG J 302 0.57 -20.07 0.17
CA ARG J 302 1.26 -20.95 -0.73
C ARG J 302 1.75 -22.20 0.02
N VAL J 303 1.10 -23.33 -0.23
CA VAL J 303 1.49 -24.61 0.39
C VAL J 303 1.86 -25.57 -0.72
N VAL J 304 3.12 -25.96 -0.78
CA VAL J 304 3.63 -26.76 -1.92
C VAL J 304 4.06 -28.16 -1.50
N ILE J 305 3.58 -29.17 -2.20
CA ILE J 305 3.91 -30.57 -1.96
C ILE J 305 4.54 -31.16 -3.21
N ASP J 306 5.78 -31.66 -3.07
CA ASP J 306 6.52 -32.29 -4.14
C ASP J 306 6.32 -33.79 -4.23
N VAL J 307 6.12 -34.29 -5.46
CA VAL J 307 5.76 -35.70 -5.74
C VAL J 307 6.87 -36.48 -6.45
N ARG J 308 6.99 -37.77 -6.14
CA ARG J 308 8.02 -38.68 -6.72
C ARG J 308 7.80 -38.85 -8.22
N LYS J 309 8.89 -39.04 -8.97
CA LYS J 309 8.80 -39.00 -10.43
C LYS J 309 8.02 -40.22 -10.93
N ASP J 310 7.16 -39.99 -11.91
CA ASP J 310 6.23 -41.01 -12.47
C ASP J 310 5.24 -41.69 -11.46
N ALA J 311 4.88 -40.97 -10.43
CA ALA J 311 3.86 -41.36 -9.45
C ALA J 311 2.67 -40.42 -9.64
N ASN J 312 1.43 -40.90 -9.48
CA ASN J 312 0.31 -40.08 -9.95
C ASN J 312 -0.19 -39.04 -8.96
N ALA J 313 0.06 -37.75 -9.27
CA ALA J 313 -0.35 -36.66 -8.40
C ALA J 313 -1.87 -36.55 -8.26
N SER J 314 -2.61 -36.79 -9.35
CA SER J 314 -4.07 -36.72 -9.33
C SER J 314 -4.67 -37.67 -8.31
N VAL J 315 -4.10 -38.85 -8.19
CA VAL J 315 -4.44 -39.83 -7.17
C VAL J 315 -4.16 -39.27 -5.79
N ILE J 316 -2.96 -38.70 -5.60
CA ILE J 316 -2.57 -38.15 -4.31
C ILE J 316 -3.46 -36.98 -3.89
N LEU J 317 -3.76 -36.08 -4.81
CA LEU J 317 -4.61 -34.93 -4.56
C LEU J 317 -5.98 -35.40 -4.08
N ASN J 318 -6.56 -36.38 -4.77
CA ASN J 318 -7.86 -36.90 -4.41
C ASN J 318 -7.86 -37.63 -3.08
N ASN J 319 -6.73 -38.30 -2.78
CA ASN J 319 -6.51 -38.95 -1.49
C ASN J 319 -6.50 -37.93 -0.36
N LEU J 320 -5.88 -36.79 -0.63
CA LEU J 320 -5.75 -35.73 0.38
C LEU J 320 -7.10 -35.15 0.81
N TYR J 321 -8.02 -34.98 -0.15
CA TYR J 321 -9.36 -34.46 0.14
C TYR J 321 -10.13 -35.42 1.01
N LYS J 322 -9.96 -36.73 0.69
CA LYS J 322 -10.61 -37.81 1.41
C LYS J 322 -10.01 -37.96 2.82
N GLN J 323 -8.72 -37.69 2.98
CA GLN J 323 -8.02 -37.94 4.23
C GLN J 323 -7.78 -36.76 5.17
N THR J 324 -7.88 -35.56 4.64
CA THR J 324 -7.60 -34.34 5.42
C THR J 324 -8.65 -33.29 5.24
N PRO J 325 -8.41 -32.19 6.01
CA PRO J 325 -9.11 -30.94 6.02
C PRO J 325 -8.91 -30.09 4.77
N LEU J 326 -8.25 -30.60 3.73
CA LEU J 326 -8.16 -29.95 2.45
C LEU J 326 -9.53 -29.80 1.82
N GLN J 327 -10.42 -30.72 2.16
CA GLN J 327 -11.82 -30.67 1.85
C GLN J 327 -12.52 -30.91 3.17
N THR J 328 -13.47 -30.04 3.48
CA THR J 328 -14.20 -30.05 4.73
C THR J 328 -15.62 -29.64 4.40
N SER J 329 -16.60 -30.13 5.16
CA SER J 329 -17.96 -29.70 4.99
C SER J 329 -18.35 -28.63 6.01
N PHE J 330 -19.18 -27.68 5.59
CA PHE J 330 -19.78 -26.72 6.50
C PHE J 330 -21.22 -27.17 6.77
N GLY J 331 -21.53 -27.38 8.05
CA GLY J 331 -22.89 -27.82 8.35
C GLY J 331 -23.77 -26.66 8.77
N VAL J 332 -24.55 -26.14 7.81
CA VAL J 332 -25.50 -25.06 8.03
C VAL J 332 -26.62 -25.46 9.04
N ASN J 333 -26.85 -24.55 9.99
CA ASN J 333 -27.87 -24.77 11.01
C ASN J 333 -28.35 -23.36 11.34
N MET J 334 -29.29 -22.86 10.55
CA MET J 334 -29.67 -21.41 10.62
C MET J 334 -30.68 -21.05 11.70
N ILE J 335 -30.19 -21.03 12.93
CA ILE J 335 -31.00 -20.57 14.05
C ILE J 335 -30.61 -19.15 14.42
N ALA J 336 -31.61 -18.26 14.40
CA ALA J 336 -31.43 -16.87 14.79
C ALA J 336 -32.54 -16.47 15.76
N LEU J 337 -32.33 -15.37 16.46
CA LEU J 337 -33.35 -14.91 17.40
C LEU J 337 -34.39 -14.06 16.65
N VAL J 338 -35.59 -14.58 16.60
CA VAL J 338 -36.68 -13.91 15.92
C VAL J 338 -37.77 -13.66 16.96
N ASN J 339 -38.15 -12.39 17.13
CA ASN J 339 -39.07 -11.94 18.20
C ASN J 339 -38.63 -12.36 19.59
N GLY J 340 -37.29 -12.34 19.79
CA GLY J 340 -36.64 -12.72 21.04
C GLY J 340 -36.77 -14.17 21.51
N ARG J 341 -37.03 -15.04 20.55
CA ARG J 341 -37.02 -16.47 20.76
C ARG J 341 -36.15 -17.09 19.64
N PRO J 342 -35.50 -18.22 19.91
CA PRO J 342 -34.78 -18.97 18.87
C PRO J 342 -35.75 -19.55 17.84
N LYS J 343 -35.33 -19.57 16.58
CA LYS J 343 -36.14 -20.12 15.48
C LYS J 343 -35.23 -20.63 14.37
N LEU J 344 -35.54 -21.82 13.82
CA LEU J 344 -34.82 -22.28 12.63
C LEU J 344 -35.45 -21.64 11.41
N ILE J 345 -34.66 -20.84 10.71
CA ILE J 345 -35.16 -20.09 9.59
C ILE J 345 -34.49 -20.49 8.28
N ASN J 346 -35.22 -20.39 7.17
CA ASN J 346 -34.68 -20.57 5.85
C ASN J 346 -34.14 -19.22 5.32
N LEU J 347 -33.58 -19.23 4.11
CA LEU J 347 -33.17 -18.02 3.47
C LEU J 347 -34.26 -16.96 3.30
N LYS J 348 -35.41 -17.32 2.81
CA LYS J 348 -36.46 -16.30 2.62
C LYS J 348 -36.91 -15.64 3.94
N GLU J 349 -37.05 -16.43 5.00
CA GLU J 349 -37.48 -15.86 6.30
C GLU J 349 -36.49 -14.83 6.84
N ALA J 350 -35.20 -15.13 6.67
CA ALA J 350 -34.09 -14.26 7.06
C ALA J 350 -34.18 -12.95 6.32
N LEU J 351 -34.41 -13.03 5.01
CA LEU J 351 -34.54 -11.85 4.19
C LEU J 351 -35.81 -11.07 4.51
N VAL J 352 -36.92 -11.77 4.77
CA VAL J 352 -38.15 -11.09 5.10
C VAL J 352 -38.01 -10.31 6.42
N HIS J 353 -37.43 -10.93 7.44
CA HIS J 353 -37.26 -10.27 8.73
C HIS J 353 -36.35 -9.06 8.67
N TYR J 354 -35.26 -9.16 7.90
CA TYR J 354 -34.35 -8.04 7.76
C TYR J 354 -35.04 -6.89 7.04
N LEU J 355 -35.75 -7.20 5.96
CA LEU J 355 -36.49 -6.17 5.22
C LEU J 355 -37.45 -5.40 6.10
N GLU J 356 -38.18 -6.10 6.96
CA GLU J 356 -39.14 -5.49 7.87
C GLU J 356 -38.44 -4.56 8.83
N HIS J 357 -37.28 -4.97 9.34
CA HIS J 357 -36.43 -4.12 10.21
C HIS J 357 -36.07 -2.81 9.51
N GLN J 358 -35.66 -2.88 8.26
CA GLN J 358 -35.38 -1.71 7.50
C GLN J 358 -36.59 -0.81 7.31
N LYS J 359 -37.73 -1.40 6.95
CA LYS J 359 -38.98 -0.66 6.76
C LYS J 359 -39.30 0.09 8.05
N THR J 360 -39.23 -0.62 9.18
CA THR J 360 -39.57 -0.03 10.46
C THR J 360 -38.56 1.01 10.91
N VAL J 361 -37.28 0.74 10.69
CA VAL J 361 -36.24 1.72 11.02
C VAL J 361 -36.46 3.01 10.23
N VAL J 362 -36.70 2.91 8.93
CA VAL J 362 -36.91 4.09 8.11
C VAL J 362 -38.18 4.85 8.50
N ARG J 363 -39.23 4.12 8.83
CA ARG J 363 -40.45 4.77 9.26
C ARG J 363 -40.21 5.59 10.55
N ARG J 364 -39.55 4.96 11.51
CA ARG J 364 -39.28 5.59 12.78
C ARG J 364 -38.37 6.83 12.67
N ARG J 365 -37.37 6.74 11.78
CA ARG J 365 -36.47 7.86 11.53
C ARG J 365 -37.25 9.03 10.94
N THR J 366 -38.14 8.73 10.00
CA THR J 366 -38.94 9.72 9.32
C THR J 366 -39.89 10.36 10.31
N GLN J 367 -40.49 9.58 11.19
CA GLN J 367 -41.38 10.13 12.21
C GLN J 367 -40.64 11.05 13.18
N TYR J 368 -39.41 10.68 13.52
CA TYR J 368 -38.57 11.51 14.36
C TYR J 368 -38.24 12.85 13.68
N ASN J 369 -37.80 12.80 12.44
CA ASN J 369 -37.49 14.02 11.68
C ASN J 369 -38.67 14.95 11.58
N LEU J 370 -39.85 14.38 11.39
CA LEU J 370 -41.05 15.14 11.32
C LEU J 370 -41.33 15.91 12.62
N ARG J 371 -41.22 15.22 13.77
CA ARG J 371 -41.44 15.86 15.07
C ARG J 371 -40.49 17.05 15.20
N LYS J 372 -39.23 16.86 14.84
CA LYS J 372 -38.23 17.92 14.93
C LYS J 372 -38.57 19.06 14.00
N ALA J 373 -38.92 18.73 12.75
CA ALA J 373 -39.21 19.72 11.72
C ALA J 373 -40.37 20.60 12.14
N LYS J 374 -41.43 19.97 12.64
CA LYS J 374 -42.61 20.69 13.07
C LYS J 374 -42.30 21.57 14.26
N ASP J 375 -41.48 21.10 15.18
CA ASP J 375 -41.09 21.90 16.34
C ASP J 375 -40.37 23.13 15.91
N ARG J 376 -39.42 22.97 15.00
CA ARG J 376 -38.60 24.04 14.52
C ARG J 376 -39.44 25.05 13.74
N ALA J 377 -40.37 24.54 12.92
CA ALA J 377 -41.25 25.42 12.15
C ALA J 377 -42.04 26.30 13.10
N HIS J 378 -42.66 25.68 14.12
CA HIS J 378 -43.40 26.34 15.15
C HIS J 378 -42.56 27.46 15.79
N ILE J 379 -41.32 27.16 16.11
CA ILE J 379 -40.40 28.14 16.68
C ILE J 379 -40.16 29.28 15.68
N LEU J 380 -39.94 28.91 14.42
CA LEU J 380 -39.67 29.90 13.41
C LEU J 380 -40.84 30.85 13.20
N GLU J 381 -42.07 30.32 13.27
CA GLU J 381 -43.30 31.14 13.15
C GLU J 381 -43.31 32.26 14.19
N GLY J 382 -42.92 31.92 15.41
CA GLY J 382 -42.76 32.89 16.48
C GLY J 382 -41.67 33.92 16.20
N LEU J 383 -40.49 33.46 15.78
CA LEU J 383 -39.39 34.36 15.43
C LEU J 383 -39.75 35.31 14.32
N ARG J 384 -40.55 34.81 13.36
CA ARG J 384 -41.07 35.61 12.24
C ARG J 384 -41.98 36.72 12.74
N ILE J 385 -42.81 36.40 13.74
CA ILE J 385 -43.69 37.35 14.38
C ILE J 385 -42.85 38.43 15.06
N ALA J 386 -41.85 38.00 15.82
CA ALA J 386 -41.00 38.94 16.54
C ALA J 386 -40.30 39.91 15.61
N LEU J 387 -39.73 39.42 14.51
CA LEU J 387 -39.03 40.29 13.58
C LEU J 387 -39.94 41.29 12.88
N ASP J 388 -41.21 40.95 12.72
CA ASP J 388 -42.16 41.88 12.13
C ASP J 388 -42.59 42.97 13.06
N HIS J 389 -42.60 42.67 14.36
CA HIS J 389 -42.99 43.68 15.32
C HIS J 389 -41.94 43.91 16.39
N ILE J 390 -40.69 43.96 15.94
CA ILE J 390 -39.52 44.05 16.82
C ILE J 390 -39.59 45.18 17.84
N ASP J 391 -40.01 46.36 17.39
CA ASP J 391 -40.06 47.53 18.26
C ASP J 391 -40.91 47.31 19.50
N GLU J 392 -42.04 46.67 19.30
CA GLU J 392 -42.95 46.37 20.39
C GLU J 392 -42.44 45.27 21.28
N ILE J 393 -41.81 44.26 20.65
CA ILE J 393 -41.23 43.12 21.34
C ILE J 393 -40.18 43.62 22.33
N ILE J 394 -39.27 44.46 21.82
CA ILE J 394 -38.18 45.00 22.62
C ILE J 394 -38.72 45.80 23.81
N SER J 395 -39.66 46.68 23.55
CA SER J 395 -40.26 47.46 24.62
C SER J 395 -40.97 46.57 25.67
N THR J 396 -41.65 45.53 25.22
CA THR J 396 -42.33 44.58 26.13
C THR J 396 -41.34 43.94 27.09
N ILE J 397 -40.18 43.54 26.56
CA ILE J 397 -39.14 42.94 27.36
C ILE J 397 -38.57 43.95 28.34
N ARG J 398 -38.16 45.11 27.85
CA ARG J 398 -37.58 46.17 28.69
C ARG J 398 -38.48 46.60 29.84
N GLU J 399 -39.79 46.66 29.59
CA GLU J 399 -40.79 47.01 30.58
C GLU J 399 -40.92 45.93 31.67
N SER J 400 -40.52 44.69 31.35
CA SER J 400 -40.64 43.59 32.28
C SER J 400 -39.45 43.55 33.24
N ASP J 401 -39.72 43.28 34.48
CA ASP J 401 -38.76 43.20 35.58
C ASP J 401 -38.00 41.89 35.59
N THR J 402 -38.67 40.79 35.31
CA THR J 402 -38.02 39.46 35.31
C THR J 402 -38.18 38.71 34.00
N ASP J 403 -37.39 37.65 33.78
CA ASP J 403 -37.56 36.87 32.54
C ASP J 403 -38.87 36.10 32.51
N LYS J 404 -39.33 35.65 33.69
CA LYS J 404 -40.62 34.97 33.83
C LYS J 404 -41.73 35.92 33.43
N VAL J 405 -41.59 37.17 33.83
CA VAL J 405 -42.55 38.24 33.61
C VAL J 405 -42.67 38.56 32.11
N ALA J 406 -41.52 38.71 31.44
CA ALA J 406 -41.48 38.98 30.02
C ALA J 406 -42.14 37.88 29.22
N MET J 407 -41.94 36.64 29.64
CA MET J 407 -42.52 35.48 28.98
C MET J 407 -44.02 35.56 28.97
N GLU J 408 -44.61 35.85 30.16
CA GLU J 408 -46.08 35.88 30.27
C GLU J 408 -46.61 37.02 29.41
N SER J 409 -45.96 38.18 29.50
CA SER J 409 -46.39 39.35 28.78
C SER J 409 -46.27 39.18 27.28
N LEU J 410 -45.19 38.56 26.81
CA LEU J 410 -45.02 38.31 25.38
C LEU J 410 -46.06 37.38 24.84
N GLN J 411 -46.47 36.38 25.63
CA GLN J 411 -47.50 35.41 25.19
C GLN J 411 -48.84 36.07 25.08
N GLN J 412 -49.23 36.76 26.17
CA GLN J 412 -50.55 37.41 26.29
C GLN J 412 -50.74 38.52 25.28
N ARG J 413 -49.68 39.27 24.94
CA ARG J 413 -49.76 40.34 23.96
C ARG J 413 -49.78 39.86 22.50
N PHE J 414 -48.92 38.90 22.16
CA PHE J 414 -48.77 38.51 20.76
C PHE J 414 -49.36 37.17 20.38
N LYS J 415 -50.17 36.59 21.26
CA LYS J 415 -50.82 35.26 21.03
C LYS J 415 -49.74 34.23 20.67
N LEU J 416 -48.62 34.23 21.43
CA LEU J 416 -47.54 33.28 21.24
C LEU J 416 -47.55 32.19 22.29
N SER J 417 -47.01 31.02 21.94
CA SER J 417 -46.89 29.93 22.88
C SER J 417 -45.69 30.10 23.78
N GLU J 418 -45.65 29.32 24.82
CA GLU J 418 -44.56 29.37 25.77
C GLU J 418 -43.25 29.01 25.11
N LYS J 419 -43.25 28.01 24.26
CA LYS J 419 -42.07 27.69 23.50
C LYS J 419 -41.65 28.82 22.61
N GLN J 420 -42.59 29.49 21.98
CA GLN J 420 -42.29 30.61 21.11
C GLN J 420 -41.70 31.81 21.85
N ALA J 421 -42.28 32.09 23.00
CA ALA J 421 -41.81 33.18 23.85
C ALA J 421 -40.39 32.92 24.37
N GLN J 422 -40.11 31.68 24.77
CA GLN J 422 -38.80 31.28 25.25
C GLN J 422 -37.78 31.54 24.14
N ALA J 423 -38.11 31.14 22.92
CA ALA J 423 -37.19 31.26 21.81
C ALA J 423 -36.86 32.69 21.50
N ILE J 424 -37.88 33.57 21.60
CA ILE J 424 -37.71 35.01 21.37
C ILE J 424 -36.74 35.59 22.39
N LEU J 425 -36.92 35.23 23.67
CA LEU J 425 -36.02 35.69 24.71
C LEU J 425 -34.60 35.21 24.53
N ASP J 426 -34.45 34.01 23.99
CA ASP J 426 -33.15 33.44 23.77
C ASP J 426 -32.48 33.94 22.52
N MET J 427 -33.17 34.79 21.76
CA MET J 427 -32.63 35.29 20.49
C MET J 427 -31.42 36.18 20.72
N ARG J 428 -30.40 36.06 19.90
CA ARG J 428 -29.23 36.95 20.02
C ARG J 428 -29.43 38.22 19.22
N LEU J 429 -28.91 39.35 19.70
CA LEU J 429 -29.01 40.62 18.99
C LEU J 429 -28.55 40.54 17.54
N ARG J 430 -27.58 39.68 17.23
CA ARG J 430 -27.02 39.61 15.88
C ARG J 430 -28.02 39.13 14.81
N ARG J 431 -29.09 38.46 15.24
CA ARG J 431 -30.15 37.99 14.34
C ARG J 431 -30.94 39.13 13.68
N LEU J 432 -30.73 40.35 14.17
CA LEU J 432 -31.50 41.48 13.72
C LEU J 432 -30.95 42.13 12.47
N THR J 433 -29.77 41.69 12.01
CA THR J 433 -29.21 42.21 10.76
C THR J 433 -29.91 41.65 9.53
N GLY J 434 -29.72 42.34 8.41
CA GLY J 434 -30.36 42.02 7.14
C GLY J 434 -30.22 40.56 6.75
N LEU J 435 -28.99 40.06 6.64
CA LEU J 435 -28.79 38.67 6.27
C LEU J 435 -29.47 37.67 7.16
N GLU J 436 -29.37 37.92 8.46
CA GLU J 436 -29.93 37.03 9.47
C GLU J 436 -31.47 36.98 9.40
N ARG J 437 -32.09 38.13 9.11
CA ARG J 437 -33.53 38.20 8.94
C ARG J 437 -33.99 37.36 7.76
N ASP J 438 -33.23 37.45 6.68
CA ASP J 438 -33.53 36.72 5.47
C ASP J 438 -33.23 35.26 5.64
N LYS J 439 -32.21 34.90 6.46
CA LYS J 439 -31.89 33.51 6.74
C LYS J 439 -33.09 32.78 7.39
N ILE J 440 -33.73 33.41 8.37
CA ILE J 440 -34.86 32.80 9.07
C ILE J 440 -35.99 32.52 8.14
N GLU J 441 -36.33 33.49 7.28
CA GLU J 441 -37.37 33.29 6.28
C GLU J 441 -37.03 32.13 5.32
N ALA J 442 -35.77 32.10 4.87
CA ALA J 442 -35.30 31.05 3.99
C ALA J 442 -35.38 29.66 4.62
N GLU J 443 -35.11 29.58 5.92
CA GLU J 443 -35.18 28.32 6.63
C GLU J 443 -36.62 27.88 6.69
N TYR J 444 -37.53 28.80 6.97
CA TYR J 444 -38.95 28.47 7.09
C TYR J 444 -39.57 27.92 5.80
N ASN J 445 -39.28 28.60 4.69
CA ASN J 445 -39.79 28.20 3.40
C ASN J 445 -39.31 26.78 3.05
N GLU J 446 -38.02 26.52 3.26
CA GLU J 446 -37.43 25.20 2.99
C GLU J 446 -38.04 24.13 3.91
N LEU J 447 -38.20 24.47 5.18
CA LEU J 447 -38.75 23.57 6.15
C LEU J 447 -40.16 23.11 5.83
N LEU J 448 -40.99 24.02 5.30
CA LEU J 448 -42.35 23.69 4.88
C LEU J 448 -42.38 22.64 3.79
N ASN J 449 -41.46 22.78 2.84
CA ASN J 449 -41.28 21.80 1.77
C ASN J 449 -40.87 20.45 2.28
N TYR J 450 -39.97 20.46 3.25
CA TYR J 450 -39.43 19.24 3.81
C TYR J 450 -40.51 18.50 4.59
N ILE J 451 -41.35 19.22 5.33
CA ILE J 451 -42.36 18.59 6.15
C ILE J 451 -43.32 17.84 5.21
N SER J 452 -43.63 18.44 4.07
CA SER J 452 -44.51 17.83 3.09
C SER J 452 -43.93 16.51 2.57
N GLU J 453 -42.64 16.51 2.23
CA GLU J 453 -41.99 15.28 1.77
C GLU J 453 -42.09 14.17 2.80
N LEU J 454 -41.85 14.48 4.07
CA LEU J 454 -41.93 13.53 5.15
C LEU J 454 -43.32 13.02 5.36
N GLU J 455 -44.29 13.93 5.28
CA GLU J 455 -45.71 13.57 5.42
C GLU J 455 -46.19 12.60 4.34
N THR J 456 -45.67 12.77 3.12
CA THR J 456 -46.01 11.89 1.99
C THR J 456 -45.56 10.46 2.25
N ILE J 457 -44.31 10.30 2.70
CA ILE J 457 -43.74 9.00 3.03
C ILE J 457 -44.61 8.29 4.08
N LEU J 458 -45.00 9.02 5.11
CA LEU J 458 -45.77 8.42 6.21
C LEU J 458 -47.22 8.10 5.83
N ALA J 459 -47.71 8.73 4.75
CA ALA J 459 -49.00 8.42 4.18
C ALA J 459 -48.95 7.13 3.33
N ASP J 460 -48.09 7.11 2.33
CA ASP J 460 -48.07 6.07 1.31
C ASP J 460 -46.97 5.04 1.63
N GLU J 461 -47.37 3.78 1.75
CA GLU J 461 -46.42 2.72 2.10
C GLU J 461 -45.40 2.40 1.00
N GLU J 462 -45.79 2.65 -0.26
CA GLU J 462 -44.90 2.36 -1.37
C GLU J 462 -43.78 3.34 -1.48
N VAL J 463 -44.06 4.61 -1.15
CA VAL J 463 -43.02 5.66 -1.11
C VAL J 463 -41.95 5.36 -0.06
N LEU J 464 -42.40 4.89 1.08
CA LEU J 464 -41.53 4.40 2.13
C LEU J 464 -40.65 3.22 1.67
N LEU J 465 -41.25 2.29 0.94
CA LEU J 465 -40.55 1.13 0.44
C LEU J 465 -39.54 1.50 -0.61
N GLN J 466 -39.85 2.54 -1.40
CA GLN J 466 -38.95 3.01 -2.43
C GLN J 466 -37.72 3.64 -1.79
N LEU J 467 -37.96 4.39 -0.73
CA LEU J 467 -36.88 5.01 0.00
C LEU J 467 -35.86 3.98 0.53
N VAL J 468 -36.38 2.86 1.08
CA VAL J 468 -35.55 1.77 1.53
C VAL J 468 -34.69 1.18 0.40
N ARG J 469 -35.33 1.00 -0.77
CA ARG J 469 -34.65 0.52 -1.96
C ARG J 469 -33.52 1.42 -2.37
N ASP J 470 -33.82 2.73 -2.37
CA ASP J 470 -32.87 3.73 -2.78
C ASP J 470 -31.62 3.72 -1.91
N GLU J 471 -31.86 3.61 -0.59
CA GLU J 471 -30.77 3.63 0.37
C GLU J 471 -29.93 2.36 0.34
N LEU J 472 -30.59 1.23 0.10
CA LEU J 472 -29.90 -0.06 -0.03
C LEU J 472 -29.02 -0.09 -1.24
N THR J 473 -29.50 0.49 -2.35
CA THR J 473 -28.73 0.58 -3.57
C THR J 473 -27.41 1.31 -3.32
N GLU J 474 -27.48 2.45 -2.59
CA GLU J 474 -26.33 3.27 -2.32
C GLU J 474 -25.26 2.48 -1.53
N ILE J 475 -25.73 1.65 -0.59
CA ILE J 475 -24.85 0.83 0.23
C ILE J 475 -24.16 -0.26 -0.62
N ARG J 476 -24.93 -0.83 -1.54
CA ARG J 476 -24.43 -1.85 -2.43
C ARG J 476 -23.31 -1.31 -3.29
N ASP J 477 -23.49 -0.11 -3.81
CA ASP J 477 -22.49 0.52 -4.68
C ASP J 477 -21.23 0.90 -3.91
N ARG J 478 -21.40 1.36 -2.68
CA ARG J 478 -20.26 1.77 -1.87
C ARG J 478 -19.47 0.62 -1.25
N PHE J 479 -20.18 -0.40 -0.77
CA PHE J 479 -19.53 -1.48 -0.01
C PHE J 479 -19.48 -2.84 -0.69
N GLY J 480 -20.30 -3.05 -1.70
CA GLY J 480 -20.34 -4.35 -2.39
C GLY J 480 -19.06 -4.64 -3.15
N ASP J 481 -18.62 -5.89 -3.14
CA ASP J 481 -17.43 -6.34 -3.86
C ASP J 481 -17.69 -7.68 -4.58
N ASP J 482 -16.66 -8.19 -5.27
CA ASP J 482 -16.71 -9.43 -6.04
C ASP J 482 -16.88 -10.69 -5.24
N ARG J 483 -17.50 -11.71 -5.83
CA ARG J 483 -17.51 -13.06 -5.25
C ARG J 483 -16.10 -13.69 -5.14
N ARG J 484 -15.78 -14.28 -3.99
CA ARG J 484 -14.48 -14.89 -3.76
C ARG J 484 -14.48 -16.42 -3.89
N THR J 485 -15.54 -17.04 -3.35
CA THR J 485 -15.70 -18.47 -3.39
C THR J 485 -16.35 -18.88 -4.71
N GLU J 486 -15.75 -19.80 -5.44
CA GLU J 486 -16.37 -20.31 -6.67
C GLU J 486 -17.26 -21.53 -6.38
N ILE J 487 -18.46 -21.54 -6.90
CA ILE J 487 -19.31 -22.71 -6.80
C ILE J 487 -19.18 -23.50 -8.10
N GLN J 488 -18.66 -24.73 -8.02
CA GLN J 488 -18.47 -25.58 -9.18
C GLN J 488 -19.68 -26.48 -9.57
N LEU J 489 -19.86 -26.66 -10.88
CA LEU J 489 -21.02 -27.38 -11.45
C LEU J 489 -20.74 -28.85 -11.65
#